data_5HK8
#
_entry.id   5HK8
#
_cell.length_a   149.642
_cell.length_b   176.362
_cell.length_c   168.445
_cell.angle_alpha   90.00
_cell.angle_beta   90.00
_cell.angle_gamma   90.00
#
_symmetry.space_group_name_H-M   'C 2 2 21'
#
loop_
_entity.id
_entity.type
_entity.pdbx_description
1 polymer 'Probable pheophorbidase'
2 water water
#
_entity_poly.entity_id   1
_entity_poly.type   'polypeptide(L)'
_entity_poly.pdbx_seq_one_letter_code
;MGSSHHHHHHSSGLVPRGSHMASMTGGQQMGRGSEFMGGEGGAEPVIHFVFVHGASHGAWCWYKLTTLLDAAGFKSTSVD
LTGAGISLIDSNIVFDSDQYNRPLFSLLSDLPPHHKVILVGHSIGGGSVTEALCKFTDKISMAIYLAASMVQPGSIPSPH
LSNIHVGEEDIWEYTYGEGTDKPPTGVLMKPEFIRHYYYSQSPLEDVTLSSKLLRPAPMRAFQDLDKLPPNPEAEKVPRV
YIKTAKDNLFDSVRQDLLVENWPPSQLYVLEDSDHSAFFSVPTTLFAYLLRAVSFLQR
;
_entity_poly.pdbx_strand_id   A,B,C,D,E,F
#
# COMPACT_ATOMS: atom_id res chain seq x y z
N VAL A 46 -26.61 22.66 2.61
CA VAL A 46 -25.25 22.45 2.10
C VAL A 46 -24.89 23.49 1.06
N ILE A 47 -23.72 24.10 1.22
CA ILE A 47 -23.27 25.16 0.33
C ILE A 47 -22.55 24.61 -0.90
N HIS A 48 -22.96 25.09 -2.09
CA HIS A 48 -22.51 24.52 -3.36
C HIS A 48 -21.65 25.50 -4.15
N PHE A 49 -20.38 25.12 -4.36
CA PHE A 49 -19.43 25.90 -5.15
C PHE A 49 -19.39 25.42 -6.60
N VAL A 50 -19.26 26.35 -7.53
CA VAL A 50 -19.07 26.01 -8.94
C VAL A 50 -17.80 26.66 -9.46
N PHE A 51 -16.85 25.84 -9.90
CA PHE A 51 -15.53 26.34 -10.31
C PHE A 51 -15.36 26.45 -11.81
N VAL A 52 -14.95 27.62 -12.27
CA VAL A 52 -14.77 27.89 -13.69
C VAL A 52 -13.31 28.16 -14.00
N HIS A 53 -12.65 27.22 -14.67
CA HIS A 53 -11.24 27.33 -15.01
C HIS A 53 -10.97 28.46 -15.99
N GLY A 54 -9.70 28.74 -16.23
CA GLY A 54 -9.30 29.76 -17.18
C GLY A 54 -8.84 29.18 -18.50
N ALA A 55 -8.20 30.01 -19.32
CA ALA A 55 -7.78 29.60 -20.65
C ALA A 55 -6.86 28.39 -20.63
N SER A 56 -7.13 27.45 -21.53
CA SER A 56 -6.30 26.26 -21.71
C SER A 56 -6.44 25.22 -20.61
N HIS A 57 -7.07 25.60 -19.51
CA HIS A 57 -7.22 24.70 -18.37
C HIS A 57 -8.55 23.96 -18.44
N GLY A 58 -8.84 23.18 -17.41
CA GLY A 58 -10.08 22.44 -17.36
C GLY A 58 -10.50 22.24 -15.92
N ALA A 59 -11.51 21.43 -15.70
CA ALA A 59 -11.99 21.13 -14.37
C ALA A 59 -10.89 20.52 -13.52
N TRP A 60 -9.96 19.83 -14.19
CA TRP A 60 -8.90 19.10 -13.51
C TRP A 60 -8.02 19.94 -12.62
N CYS A 61 -7.96 21.24 -12.88
CA CYS A 61 -7.04 22.10 -12.15
C CYS A 61 -7.47 22.38 -10.72
N TRP A 62 -8.73 22.12 -10.39
CA TRP A 62 -9.22 22.41 -9.05
C TRP A 62 -9.10 21.20 -8.12
N TYR A 63 -8.36 20.19 -8.54
CA TYR A 63 -8.40 18.89 -7.86
C TYR A 63 -7.94 18.94 -6.39
N LYS A 64 -6.97 19.79 -6.09
CA LYS A 64 -6.54 19.95 -4.70
C LYS A 64 -7.56 20.71 -3.86
N LEU A 65 -8.10 21.78 -4.44
CA LEU A 65 -9.01 22.65 -3.71
C LEU A 65 -10.35 22.03 -3.34
N THR A 66 -10.99 21.35 -4.27
CA THR A 66 -12.31 20.79 -4.01
C THR A 66 -12.24 19.64 -3.02
N THR A 67 -11.11 18.95 -3.00
CA THR A 67 -10.91 17.89 -2.02
C THR A 67 -10.93 18.41 -0.58
N LEU A 68 -10.29 19.55 -0.36
CA LEU A 68 -10.32 20.18 0.95
C LEU A 68 -11.75 20.57 1.30
N LEU A 69 -12.42 21.21 0.36
CA LEU A 69 -13.79 21.65 0.56
C LEU A 69 -14.74 20.48 0.85
N ASP A 70 -14.46 19.32 0.29
CA ASP A 70 -15.26 18.14 0.60
C ASP A 70 -15.15 17.80 2.08
N ALA A 71 -13.92 17.79 2.57
CA ALA A 71 -13.66 17.51 3.98
C ALA A 71 -14.30 18.56 4.89
N ALA A 72 -14.55 19.75 4.33
CA ALA A 72 -15.17 20.84 5.06
C ALA A 72 -16.70 20.84 4.99
N GLY A 73 -17.27 19.82 4.37
CA GLY A 73 -18.71 19.66 4.26
C GLY A 73 -19.35 20.49 3.18
N PHE A 74 -18.59 20.86 2.16
CA PHE A 74 -19.13 21.58 1.02
C PHE A 74 -19.23 20.68 -0.19
N LYS A 75 -20.16 20.99 -1.09
CA LYS A 75 -20.22 20.34 -2.38
C LYS A 75 -19.56 21.22 -3.43
N SER A 76 -18.73 20.64 -4.28
CA SER A 76 -18.15 21.40 -5.39
C SER A 76 -18.39 20.72 -6.71
N THR A 77 -18.61 21.55 -7.72
CA THR A 77 -18.71 21.10 -9.09
C THR A 77 -17.71 21.89 -9.92
N SER A 78 -16.84 21.17 -10.62
CA SER A 78 -15.87 21.79 -11.51
C SER A 78 -16.27 21.50 -12.95
N VAL A 79 -16.45 22.53 -13.76
CA VAL A 79 -16.87 22.31 -15.13
C VAL A 79 -15.71 22.30 -16.11
N ASP A 80 -15.91 21.57 -17.21
CA ASP A 80 -15.05 21.71 -18.38
C ASP A 80 -15.82 22.57 -19.38
N LEU A 81 -15.34 23.80 -19.58
CA LEU A 81 -15.90 24.64 -20.63
C LEU A 81 -15.56 24.03 -21.99
N THR A 82 -16.34 24.38 -23.01
CA THR A 82 -16.24 23.73 -24.32
C THR A 82 -14.85 23.82 -24.94
N GLY A 83 -14.27 22.66 -25.25
CA GLY A 83 -12.95 22.62 -25.85
C GLY A 83 -11.86 22.52 -24.80
N ALA A 84 -12.27 22.45 -23.55
CA ALA A 84 -11.34 22.39 -22.43
C ALA A 84 -11.51 21.11 -21.64
N GLY A 85 -10.48 20.75 -20.87
CA GLY A 85 -10.52 19.55 -20.05
C GLY A 85 -10.63 18.32 -20.92
N ILE A 86 -11.68 17.52 -20.69
CA ILE A 86 -11.90 16.36 -21.54
C ILE A 86 -13.12 16.54 -22.44
N SER A 87 -13.38 17.78 -22.83
CA SER A 87 -14.41 18.08 -23.80
C SER A 87 -14.06 17.44 -25.14
N LEU A 88 -15.04 16.79 -25.75
CA LEU A 88 -14.84 16.12 -27.03
C LEU A 88 -14.81 17.10 -28.19
N ILE A 89 -15.21 18.34 -27.93
CA ILE A 89 -15.25 19.38 -28.94
C ILE A 89 -13.92 20.11 -29.08
N ASP A 90 -13.45 20.27 -30.30
CA ASP A 90 -12.21 20.98 -30.58
C ASP A 90 -12.39 22.48 -30.33
N SER A 91 -11.50 23.07 -29.53
CA SER A 91 -11.65 24.49 -29.19
C SER A 91 -11.49 25.38 -30.42
N ASN A 92 -10.86 24.86 -31.46
CA ASN A 92 -10.66 25.63 -32.69
C ASN A 92 -11.94 25.91 -33.48
N ILE A 93 -13.04 25.25 -33.12
CA ILE A 93 -14.31 25.51 -33.76
C ILE A 93 -15.27 26.22 -32.80
N VAL A 94 -14.73 26.66 -31.68
CA VAL A 94 -15.50 27.43 -30.72
C VAL A 94 -15.22 28.90 -30.96
N PHE A 95 -16.09 29.57 -31.72
CA PHE A 95 -15.85 30.94 -32.11
C PHE A 95 -16.73 31.88 -31.30
N ASP A 96 -17.52 31.30 -30.43
CA ASP A 96 -18.61 32.01 -29.78
C ASP A 96 -18.52 31.93 -28.26
N SER A 97 -18.84 33.02 -27.59
CA SER A 97 -18.88 33.06 -26.13
C SER A 97 -19.92 32.10 -25.57
N ASP A 98 -21.11 32.10 -26.17
CA ASP A 98 -22.20 31.26 -25.69
C ASP A 98 -21.93 29.80 -25.90
N GLN A 99 -21.09 29.51 -26.90
CA GLN A 99 -20.73 28.14 -27.22
C GLN A 99 -19.71 27.64 -26.20
N TYR A 100 -18.76 28.51 -25.83
CA TYR A 100 -17.76 28.20 -24.82
C TYR A 100 -18.38 27.96 -23.44
N ASN A 101 -19.39 28.74 -23.11
CA ASN A 101 -19.99 28.71 -21.77
C ASN A 101 -21.10 27.69 -21.58
N ARG A 102 -21.49 26.99 -22.64
CA ARG A 102 -22.61 26.03 -22.56
C ARG A 102 -22.59 25.08 -21.37
N PRO A 103 -21.45 24.40 -21.12
CA PRO A 103 -21.44 23.53 -19.94
C PRO A 103 -21.76 24.27 -18.65
N LEU A 104 -21.31 25.51 -18.52
CA LEU A 104 -21.59 26.28 -17.32
C LEU A 104 -23.06 26.74 -17.29
N PHE A 105 -23.56 27.28 -18.40
CA PHE A 105 -24.93 27.77 -18.47
C PHE A 105 -25.92 26.65 -18.30
N SER A 106 -25.60 25.50 -18.90
CA SER A 106 -26.46 24.33 -18.74
C SER A 106 -26.58 23.92 -17.27
N LEU A 107 -25.46 23.90 -16.57
CA LEU A 107 -25.46 23.48 -15.17
C LEU A 107 -26.33 24.38 -14.30
N LEU A 108 -26.25 25.69 -14.53
CA LEU A 108 -27.06 26.62 -13.76
C LEU A 108 -28.55 26.51 -14.07
N SER A 109 -28.89 26.15 -15.30
CA SER A 109 -30.30 25.98 -15.68
C SER A 109 -30.98 24.85 -14.91
N ASP A 110 -30.29 23.72 -14.82
CA ASP A 110 -30.84 22.51 -14.19
C ASP A 110 -30.86 22.54 -12.66
N LEU A 111 -30.49 23.68 -12.09
CA LEU A 111 -30.51 23.82 -10.65
C LEU A 111 -31.97 23.86 -10.17
N PRO A 112 -32.29 23.09 -9.12
CA PRO A 112 -33.59 23.09 -8.45
C PRO A 112 -34.08 24.50 -8.14
N PRO A 113 -35.42 24.69 -8.08
CA PRO A 113 -36.08 25.99 -7.97
C PRO A 113 -35.59 26.89 -6.83
N HIS A 114 -35.08 26.31 -5.75
CA HIS A 114 -34.65 27.11 -4.61
C HIS A 114 -33.13 27.16 -4.42
N HIS A 115 -32.42 26.24 -5.06
CA HIS A 115 -30.96 26.12 -4.90
C HIS A 115 -30.15 27.26 -5.51
N LYS A 116 -29.18 27.76 -4.74
CA LYS A 116 -28.22 28.75 -5.20
C LYS A 116 -26.80 28.19 -5.11
N VAL A 117 -25.87 28.80 -5.84
CA VAL A 117 -24.47 28.38 -5.80
C VAL A 117 -23.53 29.56 -5.62
N ILE A 118 -22.28 29.26 -5.24
CA ILE A 118 -21.24 30.26 -5.21
C ILE A 118 -20.30 30.04 -6.40
N LEU A 119 -20.23 31.01 -7.30
CA LEU A 119 -19.39 30.92 -8.48
C LEU A 119 -17.96 31.32 -8.17
N VAL A 120 -17.01 30.51 -8.60
CA VAL A 120 -15.60 30.84 -8.44
C VAL A 120 -14.93 30.74 -9.80
N GLY A 121 -14.42 31.87 -10.28
CA GLY A 121 -13.75 31.89 -11.57
C GLY A 121 -12.29 32.26 -11.45
N HIS A 122 -11.46 31.64 -12.30
CA HIS A 122 -10.04 31.93 -12.36
C HIS A 122 -9.67 32.54 -13.70
N SER A 123 -8.85 33.60 -13.67
CA SER A 123 -8.30 34.18 -14.88
C SER A 123 -9.40 34.65 -15.85
N ILE A 124 -9.28 34.26 -17.12
CA ILE A 124 -10.31 34.61 -18.10
C ILE A 124 -11.68 34.02 -17.72
N GLY A 125 -11.67 33.03 -16.84
CA GLY A 125 -12.90 32.42 -16.37
C GLY A 125 -13.82 33.41 -15.68
N GLY A 126 -13.23 34.48 -15.14
CA GLY A 126 -14.00 35.56 -14.55
C GLY A 126 -15.02 36.13 -15.53
N GLY A 127 -14.66 36.13 -16.81
CA GLY A 127 -15.55 36.59 -17.86
C GLY A 127 -16.79 35.73 -17.97
N SER A 128 -16.61 34.41 -17.89
CA SER A 128 -17.72 33.48 -17.91
C SER A 128 -18.58 33.63 -16.65
N VAL A 129 -17.93 33.88 -15.52
CA VAL A 129 -18.61 34.07 -14.25
C VAL A 129 -19.53 35.29 -14.30
N THR A 130 -19.01 36.40 -14.79
CA THR A 130 -19.76 37.64 -14.86
C THR A 130 -20.97 37.49 -15.79
N GLU A 131 -20.77 36.81 -16.89
CA GLU A 131 -21.85 36.56 -17.84
C GLU A 131 -22.93 35.66 -17.24
N ALA A 132 -22.50 34.59 -16.58
CA ALA A 132 -23.42 33.68 -15.89
C ALA A 132 -24.10 34.39 -14.73
N LEU A 133 -23.42 35.38 -14.17
CA LEU A 133 -23.98 36.17 -13.08
C LEU A 133 -25.15 37.01 -13.62
N CYS A 134 -25.10 37.33 -14.90
CA CYS A 134 -26.12 38.17 -15.51
C CYS A 134 -27.31 37.38 -16.06
N LYS A 135 -27.07 36.13 -16.45
CA LYS A 135 -28.12 35.31 -17.06
C LYS A 135 -28.84 34.42 -16.05
N PHE A 136 -28.23 34.26 -14.88
CA PHE A 136 -28.80 33.39 -13.85
C PHE A 136 -28.67 34.03 -12.48
N THR A 137 -28.88 35.35 -12.42
CA THR A 137 -28.70 36.13 -11.19
C THR A 137 -29.36 35.53 -9.95
N ASP A 138 -30.59 35.05 -10.10
CA ASP A 138 -31.33 34.48 -8.98
C ASP A 138 -30.73 33.18 -8.46
N LYS A 139 -29.85 32.58 -9.25
CA LYS A 139 -29.28 31.29 -8.88
C LYS A 139 -27.86 31.40 -8.33
N ILE A 140 -27.37 32.63 -8.20
CA ILE A 140 -26.01 32.85 -7.70
C ILE A 140 -26.04 33.57 -6.36
N SER A 141 -25.51 32.94 -5.33
CA SER A 141 -25.47 33.57 -4.01
C SER A 141 -24.22 34.43 -3.85
N MET A 142 -23.16 34.09 -4.57
CA MET A 142 -21.91 34.83 -4.48
C MET A 142 -21.00 34.51 -5.67
N ALA A 143 -20.30 35.52 -6.17
CA ALA A 143 -19.35 35.31 -7.26
C ALA A 143 -17.95 35.65 -6.78
N ILE A 144 -17.04 34.68 -6.91
CA ILE A 144 -15.68 34.88 -6.44
C ILE A 144 -14.72 34.93 -7.62
N TYR A 145 -13.86 35.94 -7.63
CA TYR A 145 -12.90 36.13 -8.71
C TYR A 145 -11.47 35.87 -8.24
N LEU A 146 -10.92 34.74 -8.66
CA LEU A 146 -9.56 34.36 -8.30
C LEU A 146 -8.59 34.79 -9.38
N ALA A 147 -7.86 35.86 -9.12
CA ALA A 147 -6.94 36.45 -10.09
C ALA A 147 -7.62 36.54 -11.44
N ALA A 148 -8.89 36.92 -11.42
CA ALA A 148 -9.76 36.79 -12.57
C ALA A 148 -10.21 38.13 -13.11
N SER A 149 -10.65 38.12 -14.36
CA SER A 149 -11.23 39.29 -14.99
C SER A 149 -12.61 39.59 -14.42
N MET A 150 -12.72 40.62 -13.57
CA MET A 150 -14.04 41.05 -13.14
C MET A 150 -14.36 42.45 -13.62
N VAL A 151 -15.20 42.51 -14.65
CA VAL A 151 -15.56 43.76 -15.28
C VAL A 151 -17.05 43.99 -15.13
N GLN A 152 -17.39 45.15 -14.60
CA GLN A 152 -18.79 45.53 -14.36
C GLN A 152 -19.58 45.55 -15.64
N PRO A 153 -20.74 44.88 -15.64
CA PRO A 153 -21.65 44.91 -16.79
C PRO A 153 -21.97 46.36 -17.18
N GLY A 154 -21.65 46.72 -18.42
CA GLY A 154 -21.81 48.07 -18.90
C GLY A 154 -20.49 48.71 -19.29
N SER A 155 -19.39 48.00 -19.07
CA SER A 155 -18.07 48.51 -19.40
C SER A 155 -17.55 47.85 -20.68
N ILE A 171 6.43 33.02 -27.44
CA ILE A 171 5.66 32.96 -26.19
C ILE A 171 4.29 32.23 -26.32
N TRP A 172 3.50 32.59 -27.32
CA TRP A 172 2.25 31.88 -27.59
C TRP A 172 2.34 31.13 -28.92
N GLU A 173 1.75 29.94 -28.99
CA GLU A 173 1.58 29.22 -30.24
C GLU A 173 0.17 29.45 -30.73
N TYR A 174 0.02 29.66 -32.03
CA TYR A 174 -1.31 29.88 -32.58
C TYR A 174 -1.75 28.79 -33.54
N THR A 175 -3.04 28.49 -33.54
CA THR A 175 -3.61 27.51 -34.45
C THR A 175 -4.53 28.22 -35.45
N TYR A 176 -4.37 27.89 -36.73
CA TYR A 176 -5.16 28.53 -37.78
C TYR A 176 -6.13 27.54 -38.45
N GLY A 177 -7.21 27.23 -37.75
CA GLY A 177 -8.21 26.26 -38.20
C GLY A 177 -9.00 26.68 -39.41
N GLU A 178 -8.86 27.92 -39.82
CA GLU A 178 -9.52 28.39 -41.03
C GLU A 178 -8.50 28.88 -42.05
N GLY A 179 -7.35 28.22 -42.06
CA GLY A 179 -6.25 28.59 -42.93
C GLY A 179 -5.46 29.77 -42.38
N THR A 180 -4.26 29.96 -42.92
CA THR A 180 -3.31 30.91 -42.35
C THR A 180 -3.61 32.39 -42.66
N ASP A 181 -4.42 32.62 -43.69
CA ASP A 181 -4.81 33.98 -44.07
C ASP A 181 -5.97 34.55 -43.23
N LYS A 182 -6.68 33.69 -42.52
CA LYS A 182 -7.69 34.12 -41.56
C LYS A 182 -7.05 34.23 -40.17
N PRO A 183 -7.65 35.03 -39.27
CA PRO A 183 -7.13 35.14 -37.89
C PRO A 183 -7.17 33.79 -37.16
N PRO A 184 -6.28 33.59 -36.18
CA PRO A 184 -6.13 32.31 -35.48
C PRO A 184 -7.39 31.88 -34.74
N THR A 185 -7.54 30.57 -34.60
CA THR A 185 -8.70 29.99 -33.96
C THR A 185 -8.38 29.47 -32.57
N GLY A 186 -7.10 29.22 -32.32
CA GLY A 186 -6.65 28.70 -31.03
C GLY A 186 -5.32 29.28 -30.58
N VAL A 187 -5.18 29.45 -29.27
CA VAL A 187 -3.93 29.94 -28.70
C VAL A 187 -3.49 29.06 -27.53
N LEU A 188 -2.19 28.81 -27.46
CA LEU A 188 -1.63 27.98 -26.41
C LEU A 188 -0.23 28.47 -26.06
N MET A 189 0.05 28.58 -24.77
CA MET A 189 1.39 28.96 -24.34
C MET A 189 2.39 27.86 -24.66
N LYS A 190 3.56 28.27 -25.14
CA LYS A 190 4.63 27.35 -25.46
C LYS A 190 5.11 26.64 -24.20
N PRO A 191 5.43 25.34 -24.33
CA PRO A 191 5.86 24.50 -23.20
C PRO A 191 7.01 25.07 -22.36
N GLU A 192 7.99 25.71 -22.99
CA GLU A 192 9.15 26.22 -22.26
C GLU A 192 8.83 27.45 -21.41
N PHE A 193 7.62 27.98 -21.53
CA PHE A 193 7.25 29.18 -20.77
C PHE A 193 6.18 28.97 -19.69
N ILE A 194 5.51 27.81 -19.67
CA ILE A 194 4.41 27.61 -18.72
C ILE A 194 4.85 27.63 -17.26
N ARG A 195 6.03 27.10 -16.97
CA ARG A 195 6.50 27.07 -15.59
C ARG A 195 6.62 28.48 -15.03
N HIS A 196 7.28 29.35 -15.77
CA HIS A 196 7.47 30.72 -15.32
C HIS A 196 6.16 31.52 -15.20
N TYR A 197 5.29 31.38 -16.19
CA TYR A 197 4.10 32.22 -16.25
C TYR A 197 2.90 31.72 -15.47
N TYR A 198 2.62 30.41 -15.56
CA TYR A 198 1.45 29.82 -14.91
C TYR A 198 1.79 29.31 -13.50
N TYR A 199 2.93 28.66 -13.37
CA TYR A 199 3.21 27.83 -12.20
C TYR A 199 4.51 28.14 -11.47
N SER A 200 4.91 29.41 -11.46
CA SER A 200 6.21 29.80 -10.91
C SER A 200 6.39 29.49 -9.43
N GLN A 201 5.27 29.30 -8.72
CA GLN A 201 5.32 29.01 -7.31
C GLN A 201 4.67 27.65 -7.02
N SER A 202 4.47 26.85 -8.06
CA SER A 202 3.73 25.59 -7.96
C SER A 202 4.66 24.40 -7.91
N PRO A 203 4.19 23.31 -7.32
CA PRO A 203 4.98 22.07 -7.29
C PRO A 203 5.29 21.63 -8.71
N LEU A 204 6.49 21.08 -8.95
CA LEU A 204 6.87 20.68 -10.29
C LEU A 204 5.93 19.64 -10.91
N GLU A 205 5.41 18.74 -10.09
CA GLU A 205 4.53 17.68 -10.59
C GLU A 205 3.23 18.25 -11.17
N ASP A 206 2.79 19.38 -10.64
CA ASP A 206 1.62 20.08 -11.17
C ASP A 206 1.90 20.72 -12.53
N VAL A 207 3.17 21.06 -12.77
CA VAL A 207 3.59 21.56 -14.08
C VAL A 207 3.51 20.40 -15.09
N THR A 208 4.06 19.26 -14.67
CA THR A 208 4.04 18.06 -15.48
C THR A 208 2.61 17.69 -15.80
N LEU A 209 1.78 17.69 -14.77
CA LEU A 209 0.36 17.39 -14.91
C LEU A 209 -0.28 18.30 -15.96
N SER A 210 -0.07 19.60 -15.81
CA SER A 210 -0.64 20.59 -16.73
C SER A 210 -0.17 20.42 -18.18
N SER A 211 1.11 20.10 -18.35
CA SER A 211 1.68 19.96 -19.69
C SER A 211 1.04 18.84 -20.50
N LYS A 212 0.39 17.89 -19.83
CA LYS A 212 -0.28 16.78 -20.51
C LYS A 212 -1.78 17.04 -20.58
N LEU A 213 -2.20 18.20 -20.12
CA LEU A 213 -3.64 18.52 -20.08
C LEU A 213 -4.02 19.86 -20.72
N LEU A 214 -3.07 20.78 -20.84
CA LEU A 214 -3.37 22.08 -21.43
C LEU A 214 -3.78 21.91 -22.89
N ARG A 215 -4.88 22.55 -23.26
CA ARG A 215 -5.39 22.50 -24.63
C ARG A 215 -5.44 23.93 -25.14
N PRO A 216 -5.35 24.10 -26.47
CA PRO A 216 -5.44 25.46 -27.02
C PRO A 216 -6.74 26.14 -26.63
N ALA A 217 -6.69 27.45 -26.38
CA ALA A 217 -7.87 28.21 -25.97
C ALA A 217 -8.56 28.86 -27.17
N PRO A 218 -9.90 28.88 -27.15
CA PRO A 218 -10.68 29.44 -28.27
C PRO A 218 -10.62 30.97 -28.28
N MET A 219 -9.62 31.54 -28.96
CA MET A 219 -9.41 32.99 -29.03
C MET A 219 -10.65 33.76 -29.43
N ARG A 220 -11.32 33.28 -30.48
CA ARG A 220 -12.49 33.98 -31.03
C ARG A 220 -13.59 34.16 -29.98
N ALA A 221 -13.77 33.15 -29.13
CA ALA A 221 -14.80 33.20 -28.11
C ALA A 221 -14.48 34.26 -27.06
N PHE A 222 -13.20 34.51 -26.84
CA PHE A 222 -12.78 35.45 -25.80
C PHE A 222 -13.04 36.91 -26.17
N GLN A 223 -13.19 37.16 -27.46
CA GLN A 223 -13.43 38.51 -27.96
C GLN A 223 -14.81 39.02 -27.58
N ASP A 224 -15.73 38.11 -27.28
CA ASP A 224 -17.11 38.46 -26.93
C ASP A 224 -17.38 38.53 -25.43
N LEU A 225 -16.42 38.06 -24.64
CA LEU A 225 -16.56 38.06 -23.19
C LEU A 225 -16.61 39.47 -22.59
N ASP A 226 -17.51 39.65 -21.62
CA ASP A 226 -17.65 40.92 -20.89
C ASP A 226 -18.05 42.10 -21.76
N LYS A 227 -18.88 41.84 -22.76
CA LYS A 227 -19.54 42.89 -23.51
C LYS A 227 -21.01 42.86 -23.12
N LEU A 228 -21.30 43.25 -21.89
CA LEU A 228 -22.63 43.08 -21.33
C LEU A 228 -23.28 44.42 -20.99
N PRO A 229 -24.60 44.52 -21.24
CA PRO A 229 -25.37 45.69 -20.85
C PRO A 229 -25.51 45.72 -19.34
N PRO A 230 -25.57 46.92 -18.74
CA PRO A 230 -25.71 47.10 -17.29
C PRO A 230 -26.82 46.23 -16.71
N ASN A 231 -26.56 45.69 -15.53
CA ASN A 231 -27.47 44.73 -14.88
C ASN A 231 -27.56 45.06 -13.40
N PRO A 232 -28.54 45.89 -13.04
CA PRO A 232 -28.68 46.36 -11.65
C PRO A 232 -29.00 45.22 -10.70
N GLU A 233 -29.60 44.15 -11.22
CA GLU A 233 -29.95 43.00 -10.40
C GLU A 233 -28.68 42.22 -10.04
N ALA A 234 -27.75 42.17 -11.00
CA ALA A 234 -26.47 41.48 -10.82
C ALA A 234 -25.55 42.24 -9.87
N GLU A 235 -25.78 43.54 -9.73
CA GLU A 235 -25.00 44.35 -8.83
C GLU A 235 -25.28 43.96 -7.38
N LYS A 236 -26.47 43.41 -7.16
CA LYS A 236 -26.93 43.05 -5.81
C LYS A 236 -26.23 41.82 -5.25
N VAL A 237 -25.67 40.99 -6.11
CA VAL A 237 -24.99 39.78 -5.68
C VAL A 237 -23.60 40.12 -5.16
N PRO A 238 -23.31 39.72 -3.91
CA PRO A 238 -22.02 40.01 -3.26
C PRO A 238 -20.85 39.36 -3.99
N ARG A 239 -19.80 40.15 -4.25
CA ARG A 239 -18.61 39.63 -4.92
C ARG A 239 -17.37 39.60 -4.03
N VAL A 240 -16.47 38.67 -4.33
CA VAL A 240 -15.19 38.61 -3.65
C VAL A 240 -14.07 38.52 -4.69
N TYR A 241 -13.06 39.38 -4.58
CA TYR A 241 -11.87 39.25 -5.40
C TYR A 241 -10.72 38.69 -4.57
N ILE A 242 -10.04 37.68 -5.09
CA ILE A 242 -8.87 37.14 -4.43
C ILE A 242 -7.64 37.38 -5.29
N LYS A 243 -6.75 38.22 -4.80
CA LYS A 243 -5.59 38.66 -5.56
C LYS A 243 -4.39 37.72 -5.36
N THR A 244 -3.71 37.41 -6.45
CA THR A 244 -2.49 36.60 -6.38
C THR A 244 -1.30 37.54 -6.49
N ALA A 245 -0.42 37.49 -5.50
CA ALA A 245 0.63 38.50 -5.34
C ALA A 245 1.91 38.23 -6.15
N LYS A 246 2.20 36.97 -6.43
CA LYS A 246 3.40 36.63 -7.18
C LYS A 246 3.05 36.08 -8.55
N ASP A 247 2.05 36.70 -9.17
CA ASP A 247 1.53 36.26 -10.46
C ASP A 247 2.35 36.84 -11.61
N ASN A 248 3.13 35.99 -12.28
CA ASN A 248 3.95 36.42 -13.43
C ASN A 248 3.19 36.63 -14.72
N LEU A 249 1.88 36.39 -14.72
CA LEU A 249 1.10 36.48 -15.95
C LEU A 249 0.07 37.59 -15.91
N PHE A 250 -0.59 37.72 -14.76
CA PHE A 250 -1.59 38.74 -14.55
C PHE A 250 -1.03 39.63 -13.47
N ASP A 251 -0.40 40.73 -13.88
CA ASP A 251 0.39 41.56 -12.98
C ASP A 251 -0.45 42.08 -11.82
N SER A 252 0.20 42.24 -10.68
CA SER A 252 -0.45 42.66 -9.43
C SER A 252 -1.22 43.99 -9.58
N VAL A 253 -0.62 44.94 -10.26
CA VAL A 253 -1.24 46.25 -10.47
C VAL A 253 -2.56 46.18 -11.22
N ARG A 254 -2.61 45.35 -12.26
CA ARG A 254 -3.81 45.21 -13.07
C ARG A 254 -4.94 44.61 -12.24
N GLN A 255 -4.56 43.72 -11.32
CA GLN A 255 -5.53 43.14 -10.41
C GLN A 255 -6.09 44.20 -9.47
N ASP A 256 -5.21 45.06 -8.95
CA ASP A 256 -5.65 46.16 -8.10
C ASP A 256 -6.59 47.07 -8.86
N LEU A 257 -6.30 47.23 -10.14
CA LEU A 257 -7.05 48.13 -11.00
C LEU A 257 -8.47 47.63 -11.23
N LEU A 258 -8.63 46.32 -11.41
CA LEU A 258 -9.95 45.72 -11.55
C LEU A 258 -10.78 45.92 -10.31
N VAL A 259 -10.14 45.76 -9.14
CA VAL A 259 -10.80 45.92 -7.85
C VAL A 259 -11.30 47.35 -7.69
N GLU A 260 -10.45 48.31 -8.02
CA GLU A 260 -10.79 49.72 -7.90
C GLU A 260 -11.96 50.14 -8.78
N ASN A 261 -11.97 49.65 -10.02
CA ASN A 261 -12.99 50.05 -10.98
C ASN A 261 -14.36 49.46 -10.68
N TRP A 262 -14.38 48.37 -9.91
CA TRP A 262 -15.62 47.73 -9.50
C TRP A 262 -15.47 47.03 -8.15
N PRO A 263 -15.43 47.82 -7.06
CA PRO A 263 -15.17 47.33 -5.70
C PRO A 263 -16.06 46.18 -5.24
N PRO A 264 -15.44 45.05 -4.85
CA PRO A 264 -16.12 43.85 -4.37
C PRO A 264 -16.49 43.98 -2.90
N SER A 265 -17.35 43.09 -2.41
CA SER A 265 -17.70 43.06 -1.00
C SER A 265 -16.46 42.77 -0.18
N GLN A 266 -15.60 41.90 -0.69
CA GLN A 266 -14.37 41.52 0.00
C GLN A 266 -13.12 41.49 -0.89
N LEU A 267 -11.97 41.61 -0.25
CA LEU A 267 -10.69 41.51 -0.93
C LEU A 267 -9.73 40.68 -0.11
N TYR A 268 -9.26 39.57 -0.69
CA TYR A 268 -8.23 38.78 -0.02
C TYR A 268 -7.00 38.85 -0.88
N VAL A 269 -5.83 38.68 -0.27
CA VAL A 269 -4.60 38.67 -1.04
C VAL A 269 -3.75 37.45 -0.67
N LEU A 270 -3.52 36.59 -1.64
CA LEU A 270 -2.65 35.44 -1.43
C LEU A 270 -1.23 35.91 -1.67
N GLU A 271 -0.51 36.19 -0.58
CA GLU A 271 0.82 36.79 -0.66
C GLU A 271 1.85 35.89 -1.35
N ASP A 272 1.61 34.58 -1.36
CA ASP A 272 2.61 33.64 -1.87
C ASP A 272 2.19 32.90 -3.13
N SER A 273 1.05 33.28 -3.71
CA SER A 273 0.52 32.57 -4.85
C SER A 273 1.09 33.06 -6.16
N ASP A 274 1.35 32.13 -7.07
CA ASP A 274 1.59 32.48 -8.47
C ASP A 274 0.23 32.62 -9.17
N HIS A 275 0.21 32.47 -10.49
CA HIS A 275 -1.06 32.56 -11.21
C HIS A 275 -2.02 31.43 -10.82
N SER A 276 -1.45 30.28 -10.47
CA SER A 276 -2.22 29.07 -10.21
C SER A 276 -2.39 28.79 -8.73
N ALA A 277 -3.18 29.62 -8.04
CA ALA A 277 -3.40 29.51 -6.61
C ALA A 277 -3.80 28.09 -6.17
N PHE A 278 -4.54 27.41 -7.02
CA PHE A 278 -5.03 26.05 -6.74
C PHE A 278 -3.93 24.98 -6.73
N PHE A 279 -2.74 25.32 -7.23
CA PHE A 279 -1.61 24.40 -7.17
C PHE A 279 -0.60 24.89 -6.14
N SER A 280 -0.35 26.19 -6.15
CA SER A 280 0.75 26.76 -5.36
C SER A 280 0.39 26.96 -3.89
N VAL A 281 -0.83 27.45 -3.65
CA VAL A 281 -1.29 27.69 -2.28
C VAL A 281 -2.71 27.19 -2.02
N PRO A 282 -3.00 25.92 -2.34
CA PRO A 282 -4.39 25.47 -2.23
C PRO A 282 -4.97 25.58 -0.80
N THR A 283 -4.20 25.24 0.22
CA THR A 283 -4.73 25.29 1.59
C THR A 283 -5.08 26.72 2.06
N THR A 284 -4.23 27.71 1.72
CA THR A 284 -4.54 29.10 2.05
C THR A 284 -5.75 29.59 1.29
N LEU A 285 -5.82 29.24 0.00
CA LEU A 285 -6.96 29.59 -0.82
C LEU A 285 -8.22 29.01 -0.20
N PHE A 286 -8.14 27.74 0.17
CA PHE A 286 -9.20 27.04 0.91
C PHE A 286 -9.68 27.83 2.13
N ALA A 287 -8.73 28.30 2.93
CA ALA A 287 -9.06 29.05 4.14
C ALA A 287 -9.82 30.34 3.81
N TYR A 288 -9.36 31.06 2.79
CA TYR A 288 -9.97 32.31 2.40
C TYR A 288 -11.40 32.08 1.90
N LEU A 289 -11.62 30.98 1.20
CA LEU A 289 -12.96 30.63 0.75
C LEU A 289 -13.87 30.43 1.94
N LEU A 290 -13.37 29.74 2.98
CA LEU A 290 -14.15 29.54 4.18
C LEU A 290 -14.48 30.86 4.85
N ARG A 291 -13.53 31.78 4.85
CA ARG A 291 -13.75 33.10 5.45
C ARG A 291 -14.81 33.86 4.65
N ALA A 292 -14.72 33.80 3.33
CA ALA A 292 -15.68 34.45 2.46
C ALA A 292 -17.08 33.87 2.60
N VAL A 293 -17.15 32.57 2.87
CA VAL A 293 -18.43 31.90 3.12
C VAL A 293 -19.08 32.34 4.43
N SER A 294 -18.26 32.65 5.42
CA SER A 294 -18.75 33.07 6.75
C SER A 294 -19.68 34.28 6.71
N PHE A 295 -19.60 35.07 5.64
CA PHE A 295 -20.46 36.24 5.46
C PHE A 295 -21.86 35.88 5.00
N LEU A 296 -21.90 35.03 3.97
CA LEU A 296 -23.06 34.45 3.27
C LEU A 296 -22.68 34.22 1.81
N VAL B 46 21.60 8.91 -22.52
CA VAL B 46 20.45 9.23 -21.68
C VAL B 46 19.33 8.20 -21.85
N ILE B 47 18.82 7.71 -20.73
CA ILE B 47 17.79 6.68 -20.74
C ILE B 47 16.39 7.26 -20.85
N HIS B 48 15.61 6.73 -21.80
CA HIS B 48 14.31 7.27 -22.18
C HIS B 48 13.15 6.32 -21.83
N PHE B 49 12.26 6.77 -20.96
CA PHE B 49 11.07 6.00 -20.61
C PHE B 49 9.88 6.41 -21.46
N VAL B 50 9.08 5.44 -21.88
CA VAL B 50 7.83 5.72 -22.56
C VAL B 50 6.69 5.08 -21.80
N PHE B 51 5.76 5.89 -21.31
CA PHE B 51 4.70 5.40 -20.41
C PHE B 51 3.35 5.22 -21.13
N VAL B 52 2.79 4.03 -20.99
CA VAL B 52 1.52 3.69 -21.61
C VAL B 52 0.44 3.41 -20.55
N HIS B 53 -0.52 4.32 -20.44
CA HIS B 53 -1.60 4.22 -19.48
C HIS B 53 -2.53 3.03 -19.77
N GLY B 54 -3.46 2.79 -18.86
CA GLY B 54 -4.43 1.73 -19.02
C GLY B 54 -5.76 2.30 -19.46
N ALA B 55 -6.79 1.48 -19.41
CA ALA B 55 -8.10 1.87 -19.89
C ALA B 55 -8.66 3.09 -19.15
N SER B 56 -9.26 4.00 -19.91
CA SER B 56 -9.94 5.18 -19.37
C SER B 56 -9.04 6.29 -18.81
N HIS B 57 -7.76 5.97 -18.65
CA HIS B 57 -6.79 6.92 -18.11
C HIS B 57 -6.08 7.63 -19.27
N GLY B 58 -5.06 8.42 -18.96
CA GLY B 58 -4.31 9.11 -19.97
C GLY B 58 -2.88 9.33 -19.52
N ALA B 59 -2.15 10.12 -20.29
CA ALA B 59 -0.77 10.44 -19.94
C ALA B 59 -0.73 11.14 -18.58
N TRP B 60 -1.82 11.85 -18.26
CA TRP B 60 -1.92 12.63 -17.04
C TRP B 60 -1.71 11.84 -15.76
N CYS B 61 -1.94 10.53 -15.81
CA CYS B 61 -1.88 9.73 -14.59
C CYS B 61 -0.44 9.51 -14.12
N TRP B 62 0.54 9.75 -14.99
CA TRP B 62 1.94 9.52 -14.64
C TRP B 62 2.64 10.77 -14.10
N TYR B 63 1.88 11.79 -13.74
CA TYR B 63 2.47 13.09 -13.41
C TYR B 63 3.44 13.12 -12.23
N LYS B 64 3.16 12.33 -11.20
CA LYS B 64 4.04 12.25 -10.05
C LYS B 64 5.33 11.52 -10.40
N LEU B 65 5.17 10.44 -11.13
CA LEU B 65 6.30 9.57 -11.44
C LEU B 65 7.33 10.17 -12.38
N THR B 66 6.89 10.74 -13.50
CA THR B 66 7.86 11.27 -14.46
C THR B 66 8.59 12.51 -13.92
N THR B 67 7.92 13.26 -13.04
CA THR B 67 8.54 14.42 -12.42
C THR B 67 9.77 13.99 -11.62
N LEU B 68 9.67 12.88 -10.90
CA LEU B 68 10.81 12.35 -10.18
C LEU B 68 11.92 11.96 -11.13
N LEU B 69 11.56 11.19 -12.16
CA LEU B 69 12.53 10.70 -13.12
C LEU B 69 13.26 11.83 -13.86
N ASP B 70 12.57 12.95 -14.08
CA ASP B 70 13.19 14.11 -14.71
C ASP B 70 14.32 14.59 -13.83
N ALA B 71 14.02 14.75 -12.55
CA ALA B 71 14.98 15.20 -11.57
C ALA B 71 16.17 14.25 -11.43
N ALA B 72 15.97 12.98 -11.76
CA ALA B 72 17.04 11.99 -11.66
C ALA B 72 17.82 11.93 -12.96
N GLY B 73 17.48 12.83 -13.87
CA GLY B 73 18.17 12.95 -15.14
C GLY B 73 17.74 11.96 -16.20
N PHE B 74 16.49 11.51 -16.11
CA PHE B 74 15.94 10.63 -17.13
C PHE B 74 14.96 11.38 -17.99
N LYS B 75 14.81 10.92 -19.23
CA LYS B 75 13.81 11.46 -20.12
C LYS B 75 12.61 10.55 -20.08
N SER B 76 11.42 11.12 -19.94
CA SER B 76 10.20 10.34 -19.98
C SER B 76 9.22 10.91 -20.99
N THR B 77 8.51 10.04 -21.67
CA THR B 77 7.44 10.47 -22.55
C THR B 77 6.18 9.74 -22.16
N SER B 78 5.12 10.50 -21.95
CA SER B 78 3.81 9.97 -21.63
C SER B 78 2.88 10.15 -22.81
N VAL B 79 2.31 9.06 -23.32
CA VAL B 79 1.41 9.16 -24.48
C VAL B 79 -0.07 9.15 -24.09
N ASP B 80 -0.87 9.79 -24.92
CA ASP B 80 -2.32 9.61 -24.88
C ASP B 80 -2.66 8.66 -26.01
N LEU B 81 -3.11 7.45 -25.67
CA LEU B 81 -3.61 6.56 -26.69
C LEU B 81 -4.90 7.17 -27.25
N THR B 82 -5.26 6.81 -28.47
CA THR B 82 -6.38 7.45 -29.15
C THR B 82 -7.66 7.30 -28.33
N GLY B 83 -8.28 8.43 -28.03
CA GLY B 83 -9.51 8.43 -27.26
C GLY B 83 -9.25 8.58 -25.78
N ALA B 84 -8.00 8.76 -25.40
CA ALA B 84 -7.63 8.89 -23.99
C ALA B 84 -6.96 10.22 -23.73
N GLY B 85 -6.95 10.64 -22.47
CA GLY B 85 -6.31 11.88 -22.07
C GLY B 85 -7.00 13.07 -22.71
N ILE B 86 -6.25 13.86 -23.47
CA ILE B 86 -6.82 14.97 -24.22
C ILE B 86 -6.84 14.71 -25.72
N SER B 87 -7.00 13.45 -26.11
CA SER B 87 -7.19 13.10 -27.52
C SER B 87 -8.50 13.67 -28.02
N LEU B 88 -8.47 14.27 -29.21
CA LEU B 88 -9.65 14.89 -29.80
C LEU B 88 -10.64 13.86 -30.34
N ILE B 89 -10.18 12.62 -30.45
CA ILE B 89 -11.02 11.55 -30.98
C ILE B 89 -11.85 10.85 -29.90
N ASP B 90 -13.14 10.69 -30.18
CA ASP B 90 -14.05 9.99 -29.28
C ASP B 90 -13.67 8.50 -29.28
N SER B 91 -13.48 7.93 -28.10
CA SER B 91 -13.11 6.51 -28.01
C SER B 91 -14.21 5.59 -28.57
N ASN B 92 -15.43 6.11 -28.63
CA ASN B 92 -16.54 5.35 -29.19
C ASN B 92 -16.48 5.10 -30.70
N ILE B 93 -15.55 5.77 -31.39
CA ILE B 93 -15.28 5.50 -32.80
C ILE B 93 -13.91 4.85 -32.96
N VAL B 94 -13.34 4.41 -31.86
CA VAL B 94 -12.08 3.68 -31.92
C VAL B 94 -12.41 2.20 -31.86
N PHE B 95 -12.42 1.56 -33.03
CA PHE B 95 -12.82 0.16 -33.10
C PHE B 95 -11.64 -0.77 -33.31
N ASP B 96 -10.46 -0.20 -33.45
CA ASP B 96 -9.30 -0.97 -33.86
C ASP B 96 -8.13 -0.84 -32.89
N SER B 97 -7.44 -1.95 -32.68
CA SER B 97 -6.23 -1.97 -31.88
C SER B 97 -5.15 -1.06 -32.47
N ASP B 98 -4.96 -1.15 -33.79
CA ASP B 98 -3.94 -0.36 -34.47
C ASP B 98 -4.24 1.14 -34.43
N GLN B 99 -5.51 1.47 -34.31
CA GLN B 99 -5.94 2.86 -34.21
C GLN B 99 -5.74 3.41 -32.79
N TYR B 100 -6.05 2.59 -31.80
CA TYR B 100 -5.87 2.94 -30.40
C TYR B 100 -4.38 3.20 -30.09
N ASN B 101 -3.51 2.37 -30.66
CA ASN B 101 -2.09 2.41 -30.35
C ASN B 101 -1.30 3.37 -31.21
N ARG B 102 -1.97 3.99 -32.18
CA ARG B 102 -1.28 4.84 -33.14
C ARG B 102 -0.30 5.86 -32.52
N PRO B 103 -0.74 6.65 -31.51
CA PRO B 103 0.20 7.63 -30.93
C PRO B 103 1.46 6.97 -30.37
N LEU B 104 1.31 5.78 -29.81
CA LEU B 104 2.47 5.06 -29.32
C LEU B 104 3.32 4.52 -30.48
N PHE B 105 2.67 3.92 -31.47
CA PHE B 105 3.41 3.37 -32.61
C PHE B 105 4.07 4.49 -33.41
N SER B 106 3.33 5.58 -33.58
CA SER B 106 3.88 6.75 -34.26
C SER B 106 5.15 7.24 -33.57
N LEU B 107 5.13 7.25 -32.24
CA LEU B 107 6.27 7.69 -31.45
C LEU B 107 7.49 6.79 -31.61
N LEU B 108 7.25 5.48 -31.62
CA LEU B 108 8.33 4.53 -31.78
C LEU B 108 8.93 4.58 -33.19
N SER B 109 8.09 4.86 -34.19
CA SER B 109 8.56 4.99 -35.56
C SER B 109 9.50 6.17 -35.73
N ASP B 110 9.15 7.30 -35.13
CA ASP B 110 9.92 8.52 -35.30
C ASP B 110 11.24 8.58 -34.53
N LEU B 111 11.60 7.51 -33.83
CA LEU B 111 12.87 7.49 -33.10
C LEU B 111 14.02 7.44 -34.08
N PRO B 112 15.02 8.32 -33.89
CA PRO B 112 16.29 8.33 -34.64
C PRO B 112 16.90 6.93 -34.70
N PRO B 113 17.68 6.63 -35.74
CA PRO B 113 18.13 5.26 -36.03
C PRO B 113 18.79 4.46 -34.90
N HIS B 114 19.44 5.11 -33.94
CA HIS B 114 20.15 4.35 -32.90
C HIS B 114 19.51 4.38 -31.52
N HIS B 115 18.56 5.28 -31.32
CA HIS B 115 17.92 5.48 -30.03
C HIS B 115 17.01 4.32 -29.61
N LYS B 116 17.12 3.92 -28.34
CA LYS B 116 16.23 2.92 -27.77
C LYS B 116 15.46 3.50 -26.57
N VAL B 117 14.36 2.85 -26.23
CA VAL B 117 13.56 3.29 -25.09
C VAL B 117 13.18 2.13 -24.20
N ILE B 118 12.75 2.47 -22.99
CA ILE B 118 12.19 1.53 -22.03
C ILE B 118 10.69 1.74 -21.96
N LEU B 119 9.93 0.72 -22.35
CA LEU B 119 8.48 0.79 -22.34
C LEU B 119 7.91 0.42 -21.00
N VAL B 120 7.02 1.26 -20.48
CA VAL B 120 6.33 0.98 -19.21
C VAL B 120 4.84 1.05 -19.42
N GLY B 121 4.14 -0.07 -19.22
CA GLY B 121 2.71 -0.10 -19.39
C GLY B 121 1.95 -0.40 -18.11
N HIS B 122 0.78 0.20 -17.97
CA HIS B 122 -0.07 -0.07 -16.81
C HIS B 122 -1.32 -0.79 -17.25
N SER B 123 -1.71 -1.83 -16.52
CA SER B 123 -2.99 -2.51 -16.71
C SER B 123 -3.14 -2.99 -18.16
N ILE B 124 -4.24 -2.68 -18.82
CA ILE B 124 -4.44 -3.09 -20.22
C ILE B 124 -3.36 -2.49 -21.13
N GLY B 125 -2.68 -1.45 -20.65
CA GLY B 125 -1.59 -0.85 -21.41
C GLY B 125 -0.49 -1.85 -21.69
N GLY B 126 -0.41 -2.88 -20.86
CA GLY B 126 0.52 -3.98 -21.07
C GLY B 126 0.33 -4.64 -22.42
N GLY B 127 -0.91 -4.70 -22.89
CA GLY B 127 -1.19 -5.24 -24.20
C GLY B 127 -0.54 -4.39 -25.29
N SER B 128 -0.67 -3.08 -25.17
CA SER B 128 -0.04 -2.17 -26.12
C SER B 128 1.47 -2.25 -26.05
N VAL B 129 2.01 -2.41 -24.84
CA VAL B 129 3.46 -2.53 -24.70
C VAL B 129 3.98 -3.77 -25.43
N THR B 130 3.33 -4.91 -25.23
CA THR B 130 3.77 -6.15 -25.88
C THR B 130 3.63 -6.06 -27.39
N GLU B 131 2.55 -5.45 -27.85
CA GLU B 131 2.35 -5.29 -29.28
C GLU B 131 3.45 -4.39 -29.85
N ALA B 132 3.75 -3.31 -29.15
CA ALA B 132 4.84 -2.41 -29.54
C ALA B 132 6.19 -3.11 -29.44
N LEU B 133 6.28 -4.07 -28.51
CA LEU B 133 7.51 -4.82 -28.32
C LEU B 133 7.78 -5.69 -29.53
N CYS B 134 6.71 -6.08 -30.20
CA CYS B 134 6.82 -6.98 -31.33
C CYS B 134 7.03 -6.27 -32.67
N LYS B 135 6.59 -5.01 -32.78
CA LYS B 135 6.71 -4.25 -34.02
C LYS B 135 7.94 -3.34 -34.03
N PHE B 136 8.53 -3.08 -32.87
CA PHE B 136 9.67 -2.18 -32.80
C PHE B 136 10.75 -2.73 -31.89
N THR B 137 10.91 -4.04 -31.93
CA THR B 137 11.83 -4.76 -31.06
C THR B 137 13.23 -4.17 -30.97
N ASP B 138 13.77 -3.74 -32.10
CA ASP B 138 15.12 -3.20 -32.14
C ASP B 138 15.24 -1.88 -31.39
N LYS B 139 14.10 -1.26 -31.10
CA LYS B 139 14.09 0.04 -30.45
C LYS B 139 13.72 -0.01 -28.96
N ILE B 140 13.52 -1.22 -28.44
CA ILE B 140 13.14 -1.40 -27.04
C ILE B 140 14.24 -2.08 -26.25
N SER B 141 14.75 -1.40 -25.23
CA SER B 141 15.81 -1.97 -24.40
C SER B 141 15.28 -2.80 -23.24
N MET B 142 14.05 -2.49 -22.80
CA MET B 142 13.42 -3.18 -21.68
C MET B 142 11.93 -2.88 -21.66
N ALA B 143 11.12 -3.88 -21.34
CA ALA B 143 9.68 -3.69 -21.25
C ALA B 143 9.23 -3.95 -19.84
N ILE B 144 8.55 -2.97 -19.25
CA ILE B 144 8.12 -3.07 -17.85
C ILE B 144 6.61 -3.13 -17.75
N TYR B 145 6.12 -4.12 -17.03
CA TYR B 145 4.69 -4.29 -16.86
C TYR B 145 4.27 -4.01 -15.44
N LEU B 146 3.59 -2.88 -15.24
CA LEU B 146 3.11 -2.48 -13.93
C LEU B 146 1.65 -2.88 -13.76
N ALA B 147 1.40 -3.94 -12.98
CA ALA B 147 0.05 -4.47 -12.80
C ALA B 147 -0.63 -4.56 -14.16
N ALA B 148 0.12 -5.06 -15.14
CA ALA B 148 -0.31 -4.97 -16.53
C ALA B 148 -0.50 -6.32 -17.20
N SER B 149 -1.25 -6.31 -18.29
CA SER B 149 -1.45 -7.49 -19.10
C SER B 149 -0.15 -7.86 -19.77
N MET B 150 0.51 -8.89 -19.25
CA MET B 150 1.73 -9.39 -19.87
C MET B 150 1.54 -10.80 -20.43
N VAL B 151 1.26 -10.87 -21.73
CA VAL B 151 0.95 -12.14 -22.37
C VAL B 151 1.94 -12.45 -23.47
N GLN B 152 2.55 -13.63 -23.40
CA GLN B 152 3.55 -14.03 -24.36
C GLN B 152 2.95 -14.10 -25.76
N PRO B 153 3.61 -13.45 -26.74
CA PRO B 153 3.21 -13.58 -28.15
C PRO B 153 3.16 -15.06 -28.54
N GLY B 154 1.99 -15.53 -28.97
CA GLY B 154 1.78 -16.94 -29.26
C GLY B 154 0.71 -17.55 -28.36
N SER B 155 0.20 -16.73 -27.43
CA SER B 155 -0.83 -17.17 -26.50
C SER B 155 -2.21 -16.60 -26.87
N ILE B 171 -22.14 -1.58 -12.16
CA ILE B 171 -20.71 -1.41 -11.89
C ILE B 171 -19.97 -0.65 -13.00
N TRP B 172 -20.24 -1.01 -14.25
CA TRP B 172 -19.71 -0.27 -15.40
C TRP B 172 -20.83 0.45 -16.14
N GLU B 173 -20.51 1.62 -16.69
CA GLU B 173 -21.42 2.32 -17.61
C GLU B 173 -21.02 1.99 -19.03
N TYR B 174 -22.01 1.75 -19.90
CA TYR B 174 -21.71 1.47 -21.29
C TYR B 174 -22.27 2.53 -22.22
N THR B 175 -21.53 2.79 -23.29
CA THR B 175 -21.97 3.71 -24.32
C THR B 175 -22.24 2.92 -25.59
N TYR B 176 -23.39 3.16 -26.22
CA TYR B 176 -23.77 2.42 -27.41
C TYR B 176 -23.75 3.33 -28.62
N GLY B 177 -22.55 3.65 -29.10
CA GLY B 177 -22.38 4.58 -30.20
C GLY B 177 -22.92 4.08 -31.51
N GLU B 178 -23.31 2.81 -31.54
CA GLU B 178 -23.95 2.22 -32.71
C GLU B 178 -25.32 1.63 -32.36
N GLY B 179 -26.04 2.28 -31.46
CA GLY B 179 -27.34 1.79 -31.04
C GLY B 179 -27.28 0.63 -30.05
N THR B 180 -28.40 0.37 -29.39
CA THR B 180 -28.45 -0.58 -28.28
C THR B 180 -28.48 -2.05 -28.74
N ASP B 181 -28.85 -2.28 -29.99
CA ASP B 181 -28.89 -3.64 -30.52
C ASP B 181 -27.50 -4.11 -30.93
N LYS B 182 -26.58 -3.17 -31.06
CA LYS B 182 -25.18 -3.47 -31.31
C LYS B 182 -24.44 -3.55 -29.98
N PRO B 183 -23.31 -4.28 -29.93
CA PRO B 183 -22.49 -4.32 -28.71
C PRO B 183 -21.93 -2.92 -28.37
N PRO B 184 -21.67 -2.67 -27.08
CA PRO B 184 -21.22 -1.34 -26.60
C PRO B 184 -19.88 -0.91 -27.19
N THR B 185 -19.70 0.39 -27.33
CA THR B 185 -18.51 0.95 -27.96
C THR B 185 -17.56 1.56 -26.93
N GLY B 186 -18.09 1.89 -25.77
CA GLY B 186 -17.31 2.50 -24.73
C GLY B 186 -17.71 1.99 -23.37
N VAL B 187 -16.74 1.86 -22.49
CA VAL B 187 -16.98 1.44 -21.11
C VAL B 187 -16.28 2.36 -20.12
N LEU B 188 -16.95 2.68 -19.03
CA LEU B 188 -16.43 3.56 -17.99
C LEU B 188 -16.95 3.11 -16.64
N MET B 189 -16.06 3.06 -15.66
CA MET B 189 -16.47 2.69 -14.31
C MET B 189 -17.34 3.78 -13.72
N LYS B 190 -18.41 3.40 -13.06
CA LYS B 190 -19.33 4.34 -12.45
C LYS B 190 -18.59 5.10 -11.36
N PRO B 191 -18.85 6.41 -11.25
CA PRO B 191 -18.12 7.30 -10.33
C PRO B 191 -18.05 6.80 -8.89
N GLU B 192 -19.12 6.20 -8.39
CA GLU B 192 -19.17 5.77 -6.99
C GLU B 192 -18.31 4.56 -6.69
N PHE B 193 -17.74 3.95 -7.73
CA PHE B 193 -16.92 2.76 -7.54
C PHE B 193 -15.43 2.96 -7.84
N ILE B 194 -15.07 4.08 -8.44
CA ILE B 194 -13.70 4.30 -8.89
C ILE B 194 -12.70 4.32 -7.73
N ARG B 195 -13.10 4.88 -6.60
CA ARG B 195 -12.21 4.93 -5.45
C ARG B 195 -11.81 3.52 -5.00
N HIS B 196 -12.79 2.64 -4.79
CA HIS B 196 -12.50 1.31 -4.29
C HIS B 196 -11.66 0.48 -5.26
N TYR B 197 -11.99 0.54 -6.55
CA TYR B 197 -11.33 -0.33 -7.51
C TYR B 197 -10.02 0.25 -8.05
N TYR B 198 -9.99 1.53 -8.35
CA TYR B 198 -8.78 2.14 -8.92
C TYR B 198 -7.83 2.71 -7.87
N TYR B 199 -8.38 3.45 -6.91
CA TYR B 199 -7.59 4.36 -6.08
C TYR B 199 -7.70 4.10 -4.59
N SER B 200 -7.88 2.83 -4.22
CA SER B 200 -8.18 2.44 -2.84
C SER B 200 -7.12 2.82 -1.82
N GLN B 201 -5.90 3.04 -2.29
CA GLN B 201 -4.79 3.36 -1.40
C GLN B 201 -4.19 4.73 -1.73
N SER B 202 -4.90 5.51 -2.55
CA SER B 202 -4.36 6.75 -3.10
C SER B 202 -4.92 7.97 -2.40
N PRO B 203 -4.16 9.09 -2.43
CA PRO B 203 -4.64 10.33 -1.81
C PRO B 203 -6.00 10.71 -2.41
N LEU B 204 -6.88 11.26 -1.58
CA LEU B 204 -8.22 11.62 -2.02
C LEU B 204 -8.26 12.61 -3.18
N GLU B 205 -7.30 13.53 -3.23
CA GLU B 205 -7.28 14.53 -4.30
C GLU B 205 -7.03 13.89 -5.67
N ASP B 206 -6.30 12.77 -5.68
CA ASP B 206 -6.07 12.06 -6.93
C ASP B 206 -7.36 11.40 -7.42
N VAL B 207 -8.25 11.09 -6.49
CA VAL B 207 -9.57 10.57 -6.85
C VAL B 207 -10.39 11.68 -7.51
N THR B 208 -10.34 12.87 -6.91
CA THR B 208 -11.03 14.02 -7.47
C THR B 208 -10.52 14.28 -8.89
N LEU B 209 -9.20 14.33 -9.00
CA LEU B 209 -8.52 14.55 -10.27
C LEU B 209 -8.95 13.53 -11.31
N SER B 210 -8.86 12.26 -10.95
CA SER B 210 -9.23 11.20 -11.90
C SER B 210 -10.68 11.33 -12.34
N SER B 211 -11.55 11.68 -11.41
CA SER B 211 -12.98 11.80 -11.70
C SER B 211 -13.26 12.87 -12.76
N LYS B 212 -12.33 13.79 -12.97
CA LYS B 212 -12.51 14.84 -13.98
C LYS B 212 -11.74 14.58 -15.29
N LEU B 213 -11.07 13.43 -15.38
CA LEU B 213 -10.25 13.13 -16.56
C LEU B 213 -10.53 11.75 -17.16
N LEU B 214 -11.14 10.87 -16.39
CA LEU B 214 -11.44 9.53 -16.89
C LEU B 214 -12.38 9.61 -18.07
N ARG B 215 -12.04 8.90 -19.13
CA ARG B 215 -12.87 8.86 -20.34
C ARG B 215 -13.28 7.43 -20.63
N PRO B 216 -14.40 7.24 -21.33
CA PRO B 216 -14.82 5.88 -21.66
C PRO B 216 -13.73 5.16 -22.43
N ALA B 217 -13.56 3.87 -22.19
CA ALA B 217 -12.53 3.11 -22.88
C ALA B 217 -13.14 2.42 -24.11
N PRO B 218 -12.38 2.39 -25.21
CA PRO B 218 -12.81 1.81 -26.49
C PRO B 218 -12.83 0.27 -26.43
N MET B 219 -13.97 -0.29 -26.04
CA MET B 219 -14.12 -1.74 -25.92
C MET B 219 -13.71 -2.49 -27.17
N ARG B 220 -14.16 -2.00 -28.32
CA ARG B 220 -13.91 -2.67 -29.58
C ARG B 220 -12.41 -2.83 -29.82
N ALA B 221 -11.63 -1.83 -29.42
CA ALA B 221 -10.19 -1.90 -29.62
C ALA B 221 -9.53 -2.97 -28.74
N PHE B 222 -10.10 -3.23 -27.57
CA PHE B 222 -9.51 -4.15 -26.61
C PHE B 222 -9.64 -5.62 -27.01
N GLN B 223 -10.58 -5.92 -27.89
CA GLN B 223 -10.79 -7.30 -28.34
C GLN B 223 -9.64 -7.80 -29.21
N ASP B 224 -8.89 -6.88 -29.82
CA ASP B 224 -7.78 -7.25 -30.70
C ASP B 224 -6.40 -7.22 -30.04
N LEU B 225 -6.31 -6.69 -28.83
CA LEU B 225 -5.02 -6.62 -28.13
C LEU B 225 -4.50 -8.02 -27.82
N ASP B 226 -3.20 -8.22 -28.02
CA ASP B 226 -2.53 -9.48 -27.68
C ASP B 226 -3.03 -10.72 -28.42
N LYS B 227 -3.36 -10.54 -29.70
CA LYS B 227 -3.60 -11.67 -30.58
C LYS B 227 -2.43 -11.73 -31.56
N LEU B 228 -1.27 -12.11 -31.04
CA LEU B 228 -0.01 -12.02 -31.76
C LEU B 228 0.65 -13.37 -31.99
N PRO B 229 1.30 -13.54 -33.15
CA PRO B 229 2.09 -14.73 -33.47
C PRO B 229 3.38 -14.75 -32.66
N PRO B 230 3.88 -15.95 -32.31
CA PRO B 230 5.13 -16.08 -31.56
C PRO B 230 6.25 -15.21 -32.15
N ASN B 231 7.08 -14.65 -31.27
CA ASN B 231 8.10 -13.69 -31.67
C ASN B 231 9.41 -13.99 -30.96
N PRO B 232 10.27 -14.79 -31.59
CA PRO B 232 11.51 -15.21 -30.93
C PRO B 232 12.46 -14.03 -30.67
N GLU B 233 12.34 -12.99 -31.48
CA GLU B 233 13.21 -11.82 -31.33
C GLU B 233 12.80 -10.97 -30.12
N ALA B 234 11.50 -10.89 -29.87
CA ALA B 234 10.99 -10.11 -28.74
C ALA B 234 11.25 -10.82 -27.41
N GLU B 235 11.45 -12.12 -27.45
CA GLU B 235 11.73 -12.91 -26.24
C GLU B 235 13.10 -12.55 -25.63
N LYS B 236 13.99 -12.03 -26.48
CA LYS B 236 15.34 -11.68 -26.05
C LYS B 236 15.39 -10.39 -25.23
N VAL B 237 14.38 -9.54 -25.39
CA VAL B 237 14.33 -8.28 -24.65
C VAL B 237 13.91 -8.52 -23.21
N PRO B 238 14.70 -8.04 -22.24
CA PRO B 238 14.41 -8.27 -20.82
C PRO B 238 13.10 -7.62 -20.39
N ARG B 239 12.26 -8.36 -19.68
CA ARG B 239 11.01 -7.79 -19.19
C ARG B 239 11.05 -7.65 -17.66
N VAL B 240 10.28 -6.71 -17.13
CA VAL B 240 10.16 -6.53 -15.70
C VAL B 240 8.68 -6.49 -15.36
N TYR B 241 8.26 -7.32 -14.42
CA TYR B 241 6.89 -7.21 -13.95
C TYR B 241 6.86 -6.59 -12.55
N ILE B 242 6.00 -5.60 -12.36
CA ILE B 242 5.82 -5.00 -11.04
C ILE B 242 4.41 -5.25 -10.55
N LYS B 243 4.31 -6.04 -9.48
CA LYS B 243 3.03 -6.48 -8.94
C LYS B 243 2.44 -5.50 -7.93
N THR B 244 1.13 -5.27 -8.02
CA THR B 244 0.45 -4.46 -7.03
C THR B 244 -0.27 -5.38 -6.04
N ALA B 245 0.06 -5.22 -4.76
CA ALA B 245 -0.36 -6.19 -3.74
C ALA B 245 -1.72 -5.93 -3.13
N LYS B 246 -2.14 -4.67 -3.09
CA LYS B 246 -3.44 -4.31 -2.55
C LYS B 246 -4.37 -3.79 -3.63
N ASP B 247 -4.30 -4.42 -4.80
CA ASP B 247 -5.05 -4.06 -6.00
C ASP B 247 -6.43 -4.71 -6.03
N ASN B 248 -7.48 -3.93 -5.84
CA ASN B 248 -8.86 -4.45 -5.86
C ASN B 248 -9.45 -4.74 -7.24
N LEU B 249 -8.72 -4.45 -8.30
CA LEU B 249 -9.25 -4.59 -9.64
C LEU B 249 -8.53 -5.69 -10.39
N PHE B 250 -7.22 -5.73 -10.20
CA PHE B 250 -6.40 -6.75 -10.81
C PHE B 250 -5.84 -7.59 -9.68
N ASP B 251 -6.55 -8.67 -9.42
CA ASP B 251 -6.37 -9.55 -8.28
C ASP B 251 -4.96 -10.16 -8.24
N SER B 252 -4.45 -10.40 -7.03
CA SER B 252 -3.12 -10.95 -6.84
C SER B 252 -2.91 -12.28 -7.60
N VAL B 253 -3.92 -13.15 -7.55
CA VAL B 253 -3.86 -14.44 -8.24
C VAL B 253 -3.75 -14.28 -9.74
N ARG B 254 -4.52 -13.34 -10.29
CA ARG B 254 -4.47 -13.10 -11.73
C ARG B 254 -3.10 -12.54 -12.13
N GLN B 255 -2.51 -11.71 -11.27
CA GLN B 255 -1.16 -11.21 -11.55
C GLN B 255 -0.12 -12.33 -11.49
N ASP B 256 -0.19 -13.17 -10.46
CA ASP B 256 0.76 -14.27 -10.32
C ASP B 256 0.69 -15.21 -11.51
N LEU B 257 -0.51 -15.38 -12.05
CA LEU B 257 -0.68 -16.25 -13.20
C LEU B 257 0.01 -15.70 -14.44
N LEU B 258 -0.04 -14.39 -14.64
CA LEU B 258 0.68 -13.79 -15.77
C LEU B 258 2.17 -14.03 -15.66
N VAL B 259 2.70 -13.86 -14.45
CA VAL B 259 4.10 -14.06 -14.19
C VAL B 259 4.52 -15.51 -14.44
N GLU B 260 3.71 -16.44 -13.92
CA GLU B 260 3.99 -17.86 -14.05
C GLU B 260 3.99 -18.32 -15.51
N ASN B 261 3.04 -17.84 -16.29
CA ASN B 261 2.96 -18.26 -17.69
C ASN B 261 4.05 -17.65 -18.58
N TRP B 262 4.62 -16.53 -18.15
CA TRP B 262 5.69 -15.89 -18.92
C TRP B 262 6.65 -15.15 -18.01
N PRO B 263 7.49 -15.89 -17.27
CA PRO B 263 8.39 -15.33 -16.26
C PRO B 263 9.29 -14.22 -16.78
N PRO B 264 9.25 -13.04 -16.13
CA PRO B 264 10.06 -11.85 -16.47
C PRO B 264 11.47 -11.95 -15.90
N SER B 265 12.39 -11.11 -16.39
CA SER B 265 13.75 -11.04 -15.87
C SER B 265 13.80 -10.58 -14.42
N GLN B 266 12.95 -9.62 -14.07
CA GLN B 266 12.92 -9.16 -12.70
C GLN B 266 11.48 -9.06 -12.28
N LEU B 267 11.24 -9.21 -10.99
CA LEU B 267 9.90 -9.09 -10.44
C LEU B 267 9.93 -8.30 -9.14
N TYR B 268 9.16 -7.22 -9.08
CA TYR B 268 9.06 -6.42 -7.87
C TYR B 268 7.64 -6.50 -7.34
N VAL B 269 7.49 -6.27 -6.03
CA VAL B 269 6.18 -6.29 -5.42
C VAL B 269 5.98 -5.02 -4.60
N LEU B 270 5.02 -4.21 -4.99
CA LEU B 270 4.67 -3.03 -4.23
C LEU B 270 3.66 -3.42 -3.16
N GLU B 271 4.13 -3.63 -1.94
CA GLU B 271 3.30 -4.16 -0.88
C GLU B 271 2.13 -3.24 -0.53
N ASP B 272 2.26 -1.95 -0.82
CA ASP B 272 1.26 -1.01 -0.36
C ASP B 272 0.44 -0.39 -1.50
N SER B 273 0.64 -0.88 -2.71
CA SER B 273 0.00 -0.24 -3.84
C SER B 273 -1.39 -0.80 -4.11
N ASP B 274 -2.29 0.11 -4.47
CA ASP B 274 -3.56 -0.26 -5.06
C ASP B 274 -3.33 -0.46 -6.55
N HIS B 275 -4.37 -0.30 -7.35
CA HIS B 275 -4.21 -0.44 -8.79
C HIS B 275 -3.35 0.69 -9.35
N SER B 276 -3.44 1.86 -8.73
CA SER B 276 -2.78 3.06 -9.24
C SER B 276 -1.49 3.42 -8.51
N ALA B 277 -0.47 2.59 -8.70
CA ALA B 277 0.83 2.79 -8.05
C ALA B 277 1.36 4.21 -8.26
N PHE B 278 1.08 4.78 -9.43
CA PHE B 278 1.58 6.10 -9.78
C PHE B 278 0.93 7.21 -8.94
N PHE B 279 -0.14 6.88 -8.21
CA PHE B 279 -0.77 7.83 -7.29
C PHE B 279 -0.47 7.44 -5.85
N SER B 280 -0.58 6.15 -5.53
CA SER B 280 -0.50 5.68 -4.15
C SER B 280 0.92 5.50 -3.65
N VAL B 281 1.81 4.97 -4.48
CA VAL B 281 3.20 4.77 -4.05
C VAL B 281 4.26 5.23 -5.06
N PRO B 282 4.16 6.47 -5.56
CA PRO B 282 5.06 6.88 -6.65
C PRO B 282 6.56 6.83 -6.30
N THR B 283 6.94 7.26 -5.11
CA THR B 283 8.35 7.25 -4.74
C THR B 283 8.94 5.82 -4.68
N THR B 284 8.16 4.88 -4.15
CA THR B 284 8.59 3.48 -4.12
C THR B 284 8.67 2.91 -5.54
N LEU B 285 7.66 3.24 -6.34
CA LEU B 285 7.64 2.82 -7.73
C LEU B 285 8.86 3.39 -8.45
N PHE B 286 9.09 4.69 -8.24
CA PHE B 286 10.27 5.37 -8.77
C PHE B 286 11.55 4.61 -8.44
N ALA B 287 11.72 4.23 -7.19
CA ALA B 287 12.92 3.50 -6.76
C ALA B 287 13.09 2.17 -7.51
N TYR B 288 12.00 1.42 -7.66
CA TYR B 288 12.04 0.12 -8.34
C TYR B 288 12.43 0.30 -9.81
N LEU B 289 11.92 1.35 -10.45
CA LEU B 289 12.31 1.61 -11.84
C LEU B 289 13.81 1.88 -11.99
N LEU B 290 14.38 2.73 -11.12
CA LEU B 290 15.81 3.01 -11.19
C LEU B 290 16.58 1.72 -10.94
N ARG B 291 16.07 0.92 -10.02
CA ARG B 291 16.72 -0.34 -9.71
C ARG B 291 16.66 -1.30 -10.92
N ALA B 292 15.53 -1.38 -11.59
CA ALA B 292 15.43 -2.24 -12.77
C ALA B 292 16.33 -1.75 -13.89
N VAL B 293 16.49 -0.44 -13.99
CA VAL B 293 17.40 0.19 -14.96
C VAL B 293 18.89 -0.07 -14.68
N SER B 294 19.26 -0.17 -13.40
CA SER B 294 20.64 -0.47 -13.02
C SER B 294 21.08 -1.77 -13.64
N PHE B 295 20.10 -2.62 -13.93
CA PHE B 295 20.32 -3.92 -14.55
C PHE B 295 20.74 -3.73 -16.02
N LEU B 296 20.08 -2.78 -16.67
CA LEU B 296 20.34 -2.34 -18.05
C LEU B 296 19.58 -3.16 -19.08
N VAL C 46 24.66 -7.39 0.70
CA VAL C 46 23.80 -6.22 0.89
C VAL C 46 24.62 -5.03 1.32
N ILE C 47 24.41 -3.91 0.63
CA ILE C 47 25.19 -2.69 0.86
C ILE C 47 24.61 -1.81 1.96
N HIS C 48 25.48 -1.41 2.88
CA HIS C 48 25.07 -0.72 4.10
C HIS C 48 25.56 0.72 4.10
N PHE C 49 24.62 1.65 4.13
CA PHE C 49 24.92 3.08 4.24
C PHE C 49 24.91 3.54 5.68
N VAL C 50 25.85 4.41 6.02
CA VAL C 50 25.88 5.05 7.34
C VAL C 50 25.85 6.56 7.16
N PHE C 51 24.82 7.19 7.71
CA PHE C 51 24.59 8.62 7.51
C PHE C 51 24.98 9.47 8.72
N VAL C 52 25.80 10.49 8.47
CA VAL C 52 26.26 11.39 9.52
C VAL C 52 25.76 12.81 9.32
N HIS C 53 24.82 13.23 10.16
CA HIS C 53 24.24 14.57 10.07
C HIS C 53 25.27 15.64 10.36
N GLY C 54 24.89 16.90 10.14
CA GLY C 54 25.77 18.02 10.41
C GLY C 54 25.39 18.73 11.70
N ALA C 55 25.94 19.93 11.91
CA ALA C 55 25.72 20.66 13.14
C ALA C 55 24.24 20.92 13.39
N SER C 56 23.83 20.70 14.64
CA SER C 56 22.47 20.93 15.12
C SER C 56 21.42 19.92 14.65
N HIS C 57 21.78 19.11 13.65
CA HIS C 57 20.83 18.15 13.10
C HIS C 57 20.97 16.81 13.79
N GLY C 58 20.24 15.81 13.30
CA GLY C 58 20.29 14.49 13.89
C GLY C 58 20.01 13.44 12.83
N ALA C 59 19.81 12.21 13.28
CA ALA C 59 19.45 11.11 12.38
C ALA C 59 18.14 11.41 11.65
N TRP C 60 17.29 12.19 12.31
CA TRP C 60 15.97 12.54 11.81
C TRP C 60 15.97 13.26 10.47
N CYS C 61 17.08 13.91 10.12
CA CYS C 61 17.10 14.71 8.90
C CYS C 61 17.17 13.86 7.64
N TRP C 62 17.57 12.61 7.78
CA TRP C 62 17.73 11.75 6.60
C TRP C 62 16.49 10.92 6.30
N TYR C 63 15.35 11.24 6.91
CA TYR C 63 14.20 10.34 6.88
C TYR C 63 13.62 10.01 5.49
N LYS C 64 13.64 10.97 4.57
CA LYS C 64 13.15 10.73 3.22
C LYS C 64 14.12 9.86 2.43
N LEU C 65 15.40 10.17 2.57
CA LEU C 65 16.44 9.50 1.79
C LEU C 65 16.61 8.01 2.13
N THR C 66 16.64 7.66 3.41
CA THR C 66 16.87 6.27 3.78
C THR C 66 15.66 5.42 3.43
N THR C 67 14.49 6.06 3.40
CA THR C 67 13.25 5.39 2.99
C THR C 67 13.32 4.99 1.51
N LEU C 68 13.87 5.86 0.67
CA LEU C 68 14.10 5.54 -0.73
C LEU C 68 15.10 4.40 -0.88
N LEU C 69 16.22 4.51 -0.18
CA LEU C 69 17.27 3.50 -0.24
C LEU C 69 16.78 2.13 0.23
N ASP C 70 15.85 2.14 1.18
CA ASP C 70 15.23 0.92 1.66
C ASP C 70 14.54 0.26 0.48
N ALA C 71 13.79 1.08 -0.25
CA ALA C 71 13.06 0.64 -1.43
C ALA C 71 13.98 0.12 -2.54
N ALA C 72 15.22 0.58 -2.56
CA ALA C 72 16.17 0.10 -3.55
C ALA C 72 16.92 -1.12 -3.02
N GLY C 73 16.52 -1.58 -1.84
CA GLY C 73 17.08 -2.78 -1.23
C GLY C 73 18.40 -2.58 -0.51
N PHE C 74 18.65 -1.37 -0.03
CA PHE C 74 19.85 -1.08 0.74
C PHE C 74 19.53 -1.00 2.21
N LYS C 75 20.52 -1.28 3.06
CA LYS C 75 20.36 -1.03 4.48
C LYS C 75 21.02 0.30 4.83
N SER C 76 20.32 1.10 5.63
CA SER C 76 20.87 2.36 6.09
C SER C 76 20.79 2.48 7.61
N THR C 77 21.81 3.12 8.18
CA THR C 77 21.80 3.46 9.60
C THR C 77 22.07 4.95 9.75
N SER C 78 21.20 5.62 10.48
CA SER C 78 21.37 7.03 10.76
C SER C 78 21.75 7.23 12.24
N VAL C 79 22.88 7.86 12.49
CA VAL C 79 23.31 8.06 13.86
C VAL C 79 22.94 9.43 14.42
N ASP C 80 22.75 9.48 15.73
CA ASP C 80 22.71 10.72 16.49
C ASP C 80 24.06 10.88 17.17
N LEU C 81 24.85 11.86 16.73
CA LEU C 81 26.09 12.16 17.43
C LEU C 81 25.75 12.75 18.80
N THR C 82 26.69 12.65 19.74
CA THR C 82 26.40 13.02 21.14
C THR C 82 25.92 14.45 21.29
N GLY C 83 24.74 14.61 21.87
CA GLY C 83 24.15 15.92 22.06
C GLY C 83 23.23 16.33 20.92
N ALA C 84 23.05 15.44 19.95
CA ALA C 84 22.22 15.73 18.78
C ALA C 84 21.04 14.78 18.68
N GLY C 85 20.01 15.19 17.95
CA GLY C 85 18.84 14.37 17.76
C GLY C 85 18.14 14.11 19.07
N ILE C 86 17.98 12.84 19.43
CA ILE C 86 17.38 12.47 20.70
C ILE C 86 18.40 11.90 21.69
N SER C 87 19.65 12.37 21.59
CA SER C 87 20.67 12.05 22.57
C SER C 87 20.33 12.62 23.93
N LEU C 88 20.50 11.83 24.98
CA LEU C 88 20.17 12.28 26.33
C LEU C 88 21.21 13.25 26.91
N ILE C 89 22.36 13.33 26.24
CA ILE C 89 23.44 14.19 26.69
C ILE C 89 23.33 15.62 26.15
N ASP C 90 23.47 16.59 27.04
CA ASP C 90 23.47 18.01 26.67
C ASP C 90 24.74 18.33 25.90
N SER C 91 24.61 18.94 24.73
CA SER C 91 25.77 19.27 23.90
C SER C 91 26.69 20.32 24.53
N ASN C 92 26.15 21.09 25.47
CA ASN C 92 26.95 22.12 26.15
C ASN C 92 28.01 21.54 27.08
N ILE C 93 27.94 20.24 27.34
CA ILE C 93 28.98 19.58 28.14
C ILE C 93 29.80 18.61 27.27
N VAL C 94 29.61 18.67 25.96
CA VAL C 94 30.41 17.89 25.02
C VAL C 94 31.50 18.80 24.48
N PHE C 95 32.68 18.74 25.09
CA PHE C 95 33.73 19.68 24.73
C PHE C 95 34.75 18.96 23.88
N ASP C 96 34.49 17.68 23.65
CA ASP C 96 35.52 16.80 23.12
C ASP C 96 35.09 16.13 21.82
N SER C 97 36.00 16.04 20.85
CA SER C 97 35.72 15.42 19.56
C SER C 97 35.34 13.94 19.61
N ASP C 98 36.12 13.14 20.34
CA ASP C 98 35.85 11.70 20.42
C ASP C 98 34.56 11.37 21.17
N GLN C 99 34.11 12.28 22.02
CA GLN C 99 32.84 12.09 22.70
C GLN C 99 31.70 12.39 21.72
N TYR C 100 31.89 13.42 20.92
CA TYR C 100 30.92 13.77 19.89
C TYR C 100 30.78 12.63 18.89
N ASN C 101 31.90 12.00 18.54
CA ASN C 101 31.90 10.96 17.52
C ASN C 101 31.62 9.56 18.07
N ARG C 102 31.49 9.45 19.39
CA ARG C 102 31.25 8.14 20.02
C ARG C 102 30.14 7.27 19.40
N PRO C 103 28.94 7.83 19.18
CA PRO C 103 27.89 6.99 18.59
C PRO C 103 28.30 6.38 17.23
N LEU C 104 29.04 7.16 16.44
CA LEU C 104 29.55 6.71 15.15
C LEU C 104 30.66 5.70 15.27
N PHE C 105 31.61 5.99 16.15
CA PHE C 105 32.76 5.11 16.34
C PHE C 105 32.34 3.77 16.93
N SER C 106 31.42 3.82 17.90
CA SER C 106 30.90 2.61 18.50
C SER C 106 30.21 1.73 17.45
N LEU C 107 29.47 2.36 16.55
CA LEU C 107 28.78 1.64 15.49
C LEU C 107 29.76 0.93 14.56
N LEU C 108 30.85 1.61 14.22
CA LEU C 108 31.85 1.01 13.36
C LEU C 108 32.57 -0.11 14.10
N SER C 109 32.72 0.05 15.41
CA SER C 109 33.36 -0.97 16.24
C SER C 109 32.55 -2.26 16.26
N ASP C 110 31.23 -2.14 16.41
CA ASP C 110 30.35 -3.30 16.52
C ASP C 110 30.13 -4.02 15.19
N LEU C 111 30.76 -3.55 14.13
CA LEU C 111 30.64 -4.18 12.83
C LEU C 111 31.36 -5.52 12.80
N PRO C 112 30.67 -6.57 12.33
CA PRO C 112 31.25 -7.90 12.09
C PRO C 112 32.54 -7.83 11.29
N PRO C 113 33.44 -8.82 11.49
CA PRO C 113 34.81 -8.79 10.97
C PRO C 113 34.99 -8.49 9.48
N HIS C 114 34.03 -8.84 8.63
CA HIS C 114 34.21 -8.66 7.20
C HIS C 114 33.33 -7.56 6.60
N HIS C 115 32.33 -7.14 7.37
CA HIS C 115 31.34 -6.19 6.92
C HIS C 115 31.91 -4.79 6.74
N LYS C 116 31.57 -4.16 5.61
CA LYS C 116 31.94 -2.78 5.33
C LYS C 116 30.70 -1.90 5.13
N VAL C 117 30.89 -0.59 5.23
CA VAL C 117 29.81 0.36 5.05
C VAL C 117 30.25 1.50 4.15
N ILE C 118 29.27 2.22 3.62
CA ILE C 118 29.53 3.44 2.85
C ILE C 118 29.19 4.62 3.74
N LEU C 119 30.18 5.44 4.04
CA LEU C 119 29.96 6.58 4.91
C LEU C 119 29.43 7.78 4.14
N VAL C 120 28.36 8.37 4.63
CA VAL C 120 27.83 9.56 4.01
C VAL C 120 27.68 10.66 5.05
N GLY C 121 28.43 11.74 4.86
CA GLY C 121 28.39 12.86 5.78
C GLY C 121 27.85 14.14 5.16
N HIS C 122 27.14 14.92 5.96
CA HIS C 122 26.61 16.21 5.54
C HIS C 122 27.27 17.34 6.32
N SER C 123 27.65 18.40 5.61
CA SER C 123 28.14 19.62 6.25
C SER C 123 29.34 19.31 7.16
N ILE C 124 29.28 19.73 8.42
CA ILE C 124 30.36 19.44 9.37
C ILE C 124 30.54 17.94 9.60
N GLY C 125 29.51 17.15 9.28
CA GLY C 125 29.59 15.70 9.41
C GLY C 125 30.72 15.10 8.58
N GLY C 126 31.13 15.81 7.54
CA GLY C 126 32.26 15.39 6.74
C GLY C 126 33.53 15.21 7.57
N GLY C 127 33.68 16.07 8.58
CA GLY C 127 34.81 15.95 9.48
C GLY C 127 34.80 14.63 10.23
N SER C 128 33.62 14.23 10.72
CA SER C 128 33.48 12.94 11.41
C SER C 128 33.73 11.81 10.44
N VAL C 129 33.28 11.99 9.20
CA VAL C 129 33.48 10.98 8.17
C VAL C 129 34.95 10.76 7.88
N THR C 130 35.68 11.85 7.66
CA THR C 130 37.10 11.76 7.33
C THR C 130 37.87 11.12 8.48
N GLU C 131 37.48 11.51 9.68
CA GLU C 131 38.07 11.00 10.91
C GLU C 131 37.80 9.51 11.05
N ALA C 132 36.55 9.10 10.81
CA ALA C 132 36.18 7.69 10.85
C ALA C 132 36.85 6.93 9.71
N LEU C 133 37.15 7.64 8.62
CA LEU C 133 37.82 7.04 7.48
C LEU C 133 39.26 6.65 7.82
N CYS C 134 39.84 7.40 8.75
CA CYS C 134 41.23 7.18 9.14
C CYS C 134 41.36 6.17 10.26
N LYS C 135 40.32 6.06 11.07
CA LYS C 135 40.38 5.20 12.23
C LYS C 135 39.76 3.83 12.00
N PHE C 136 38.92 3.70 10.98
CA PHE C 136 38.27 2.42 10.70
C PHE C 136 38.33 2.15 9.21
N THR C 137 39.46 2.50 8.61
CA THR C 137 39.71 2.36 7.18
C THR C 137 39.27 1.00 6.65
N ASP C 138 39.57 -0.04 7.41
CA ASP C 138 39.27 -1.41 7.02
C ASP C 138 37.78 -1.69 6.92
N LYS C 139 36.98 -0.83 7.52
CA LYS C 139 35.54 -1.04 7.57
C LYS C 139 34.75 -0.10 6.65
N ILE C 140 35.46 0.70 5.85
CA ILE C 140 34.81 1.63 4.94
C ILE C 140 35.08 1.28 3.48
N SER C 141 34.01 1.05 2.72
CA SER C 141 34.15 0.74 1.30
C SER C 141 34.15 2.02 0.46
N MET C 142 33.49 3.07 0.97
CA MET C 142 33.38 4.35 0.27
C MET C 142 32.93 5.46 1.24
N ALA C 143 33.45 6.66 1.05
CA ALA C 143 33.06 7.83 1.85
C ALA C 143 32.45 8.90 0.96
N ILE C 144 31.24 9.33 1.27
CA ILE C 144 30.53 10.32 0.44
C ILE C 144 30.32 11.64 1.16
N TYR C 145 30.67 12.75 0.51
CA TYR C 145 30.54 14.07 1.12
C TYR C 145 29.46 14.95 0.47
N LEU C 146 28.35 15.12 1.18
CA LEU C 146 27.23 15.92 0.72
C LEU C 146 27.31 17.33 1.30
N ALA C 147 27.72 18.28 0.46
CA ALA C 147 27.92 19.67 0.89
C ALA C 147 28.70 19.68 2.20
N ALA C 148 29.72 18.83 2.27
CA ALA C 148 30.43 18.53 3.51
C ALA C 148 31.91 18.93 3.48
N SER C 149 32.48 19.10 4.67
CA SER C 149 33.90 19.36 4.81
C SER C 149 34.74 18.10 4.52
N MET C 150 35.37 18.03 3.35
CA MET C 150 36.30 16.93 3.10
C MET C 150 37.73 17.43 2.95
N VAL C 151 38.51 17.26 4.01
CA VAL C 151 39.86 17.77 4.07
C VAL C 151 40.84 16.62 4.19
N GLN C 152 41.82 16.61 3.30
CA GLN C 152 42.83 15.57 3.26
C GLN C 152 43.63 15.52 4.56
N PRO C 153 43.74 14.32 5.16
CA PRO C 153 44.55 14.11 6.36
C PRO C 153 45.98 14.58 6.13
N GLY C 154 46.44 15.53 6.92
CA GLY C 154 47.74 16.12 6.72
C GLY C 154 47.65 17.61 6.42
N SER C 155 46.44 18.13 6.31
CA SER C 155 46.25 19.55 6.03
C SER C 155 45.81 20.34 7.26
N ILE C 171 22.84 36.47 14.00
CA ILE C 171 22.84 35.33 13.08
C ILE C 171 22.91 33.96 13.79
N TRP C 172 23.81 33.84 14.76
CA TRP C 172 23.90 32.64 15.58
C TRP C 172 23.51 32.96 17.02
N GLU C 173 22.87 32.01 17.72
CA GLU C 173 22.66 32.13 19.16
C GLU C 173 23.75 31.34 19.86
N TYR C 174 24.29 31.90 20.93
CA TYR C 174 25.32 31.21 21.70
C TYR C 174 24.85 30.91 23.11
N THR C 175 25.31 29.76 23.62
CA THR C 175 25.06 29.33 24.98
C THR C 175 26.35 29.32 25.78
N TYR C 176 26.31 29.89 26.98
CA TYR C 176 27.50 29.95 27.83
C TYR C 176 27.32 29.09 29.08
N GLY C 177 27.46 27.78 28.90
CA GLY C 177 27.28 26.82 29.98
C GLY C 177 28.33 26.90 31.07
N GLU C 178 29.38 27.67 30.82
CA GLU C 178 30.41 27.91 31.83
C GLU C 178 30.59 29.39 32.15
N GLY C 179 29.49 30.14 32.14
CA GLY C 179 29.54 31.56 32.41
C GLY C 179 29.99 32.38 31.23
N THR C 180 29.76 33.68 31.28
CA THR C 180 29.97 34.56 30.13
C THR C 180 31.44 34.91 29.87
N ASP C 181 32.28 34.77 30.89
CA ASP C 181 33.70 35.08 30.75
C ASP C 181 34.48 33.95 30.08
N LYS C 182 33.86 32.77 30.07
CA LYS C 182 34.42 31.63 29.35
C LYS C 182 33.82 31.60 27.94
N PRO C 183 34.52 30.98 26.98
CA PRO C 183 33.98 30.82 25.63
C PRO C 183 32.68 30.01 25.64
N PRO C 184 31.82 30.22 24.63
CA PRO C 184 30.51 29.56 24.57
C PRO C 184 30.61 28.04 24.48
N THR C 185 29.58 27.35 24.96
CA THR C 185 29.56 25.89 24.96
C THR C 185 28.66 25.35 23.85
N GLY C 186 27.73 26.17 23.38
CA GLY C 186 26.79 25.76 22.36
C GLY C 186 26.49 26.84 21.33
N VAL C 187 26.22 26.41 20.10
CA VAL C 187 25.82 27.34 19.05
C VAL C 187 24.57 26.85 18.31
N LEU C 188 23.66 27.77 18.00
CA LEU C 188 22.42 27.43 17.33
C LEU C 188 22.01 28.59 16.44
N MET C 189 21.60 28.29 15.21
CA MET C 189 21.15 29.34 14.29
C MET C 189 19.86 29.95 14.82
N LYS C 190 19.74 31.27 14.74
CA LYS C 190 18.52 31.94 15.20
C LYS C 190 17.36 31.49 14.31
N PRO C 191 16.18 31.27 14.93
CA PRO C 191 14.99 30.72 14.28
C PRO C 191 14.59 31.43 12.98
N GLU C 192 14.75 32.75 12.95
CA GLU C 192 14.37 33.56 11.80
C GLU C 192 15.28 33.40 10.59
N PHE C 193 16.39 32.67 10.76
CA PHE C 193 17.33 32.51 9.67
C PHE C 193 17.45 31.09 9.10
N ILE C 194 16.84 30.11 9.78
CA ILE C 194 16.98 28.71 9.37
C ILE C 194 16.39 28.41 7.99
N ARG C 195 15.27 29.06 7.66
CA ARG C 195 14.68 28.84 6.33
C ARG C 195 15.63 29.25 5.23
N HIS C 196 16.14 30.47 5.33
CA HIS C 196 16.99 31.00 4.26
C HIS C 196 18.30 30.24 4.11
N TYR C 197 18.95 29.93 5.22
CA TYR C 197 20.29 29.36 5.16
C TYR C 197 20.30 27.84 5.00
N TYR C 198 19.43 27.18 5.72
CA TYR C 198 19.39 25.71 5.70
C TYR C 198 18.43 25.17 4.62
N TYR C 199 17.24 25.76 4.55
CA TYR C 199 16.14 25.12 3.83
C TYR C 199 15.54 26.00 2.73
N SER C 200 16.37 26.80 2.11
CA SER C 200 15.91 27.81 1.14
C SER C 200 15.19 27.19 -0.04
N GLN C 201 15.42 25.90 -0.27
CA GLN C 201 14.77 25.20 -1.37
C GLN C 201 13.92 24.01 -0.89
N SER C 202 13.64 23.95 0.41
CA SER C 202 12.97 22.79 1.00
C SER C 202 11.49 23.06 1.30
N PRO C 203 10.66 22.01 1.36
CA PRO C 203 9.23 22.15 1.70
C PRO C 203 9.06 22.82 3.05
N LEU C 204 8.03 23.67 3.19
CA LEU C 204 7.82 24.41 4.43
C LEU C 204 7.65 23.53 5.66
N GLU C 205 7.02 22.37 5.48
CA GLU C 205 6.79 21.47 6.59
C GLU C 205 8.10 20.92 7.15
N ASP C 206 9.11 20.77 6.30
CA ASP C 206 10.43 20.35 6.77
C ASP C 206 11.11 21.46 7.56
N VAL C 207 10.77 22.70 7.25
CA VAL C 207 11.29 23.80 8.06
C VAL C 207 10.66 23.72 9.45
N THR C 208 9.35 23.50 9.50
CA THR C 208 8.62 23.34 10.75
C THR C 208 9.19 22.17 11.57
N LEU C 209 9.38 21.04 10.90
CA LEU C 209 9.96 19.86 11.54
C LEU C 209 11.31 20.19 12.17
N SER C 210 12.19 20.79 11.37
CA SER C 210 13.54 21.15 11.83
C SER C 210 13.50 22.09 13.01
N SER C 211 12.59 23.04 12.97
CA SER C 211 12.51 24.06 14.02
C SER C 211 12.20 23.46 15.39
N LYS C 212 11.65 22.25 15.41
CA LYS C 212 11.32 21.57 16.66
C LYS C 212 12.33 20.48 16.98
N LEU C 213 13.40 20.39 16.20
CA LEU C 213 14.39 19.32 16.37
C LEU C 213 15.84 19.80 16.40
N LEU C 214 16.09 21.00 15.90
CA LEU C 214 17.43 21.57 15.90
C LEU C 214 17.91 21.80 17.33
N ARG C 215 19.12 21.36 17.64
CA ARG C 215 19.70 21.52 18.96
C ARG C 215 21.01 22.28 18.87
N PRO C 216 21.40 23.00 19.94
CA PRO C 216 22.69 23.71 19.90
C PRO C 216 23.85 22.74 19.65
N ALA C 217 24.82 23.18 18.86
CA ALA C 217 25.95 22.32 18.52
C ALA C 217 27.15 22.55 19.44
N PRO C 218 27.86 21.48 19.78
CA PRO C 218 29.03 21.55 20.66
C PRO C 218 30.25 22.20 19.97
N MET C 219 30.33 23.53 20.07
CA MET C 219 31.42 24.29 19.46
C MET C 219 32.79 23.75 19.79
N ARG C 220 32.99 23.45 21.07
CA ARG C 220 34.29 23.00 21.58
C ARG C 220 34.80 21.73 20.90
N ALA C 221 33.88 20.80 20.62
CA ALA C 221 34.24 19.55 19.99
C ALA C 221 34.69 19.75 18.55
N PHE C 222 34.18 20.80 17.92
CA PHE C 222 34.44 21.06 16.50
C PHE C 222 35.88 21.51 16.25
N GLN C 223 36.54 22.02 17.28
CA GLN C 223 37.90 22.52 17.14
C GLN C 223 38.93 21.40 16.90
N ASP C 224 38.57 20.18 17.30
CA ASP C 224 39.48 19.03 17.16
C ASP C 224 39.21 18.15 15.93
N LEU C 225 38.08 18.38 15.25
CA LEU C 225 37.76 17.59 14.06
C LEU C 225 38.76 17.80 12.94
N ASP C 226 39.16 16.70 12.31
CA ASP C 226 40.08 16.73 11.16
C ASP C 226 41.44 17.37 11.45
N LYS C 227 41.95 17.11 12.65
CA LYS C 227 43.32 17.45 12.97
C LYS C 227 44.05 16.11 13.00
N LEU C 228 44.23 15.55 11.80
CA LEU C 228 44.71 14.19 11.63
C LEU C 228 46.03 14.13 10.88
N PRO C 229 46.91 13.20 11.27
CA PRO C 229 48.15 12.90 10.55
C PRO C 229 47.83 12.19 9.25
N PRO C 230 48.65 12.42 8.20
CA PRO C 230 48.46 11.81 6.87
C PRO C 230 48.19 10.32 6.94
N ASN C 231 47.30 9.83 6.08
CA ASN C 231 46.88 8.44 6.14
C ASN C 231 46.84 7.83 4.75
N PRO C 232 47.96 7.21 4.35
CA PRO C 232 48.10 6.64 3.00
C PRO C 232 47.13 5.49 2.75
N GLU C 233 46.68 4.83 3.81
CA GLU C 233 45.72 3.74 3.68
C GLU C 233 44.32 4.28 3.41
N ALA C 234 44.02 5.43 4.01
CA ALA C 234 42.72 6.07 3.83
C ALA C 234 42.61 6.71 2.45
N GLU C 235 43.76 7.03 1.86
CA GLU C 235 43.80 7.63 0.53
C GLU C 235 43.32 6.65 -0.55
N LYS C 236 43.45 5.35 -0.24
CA LYS C 236 43.08 4.29 -1.17
C LYS C 236 41.56 4.12 -1.27
N VAL C 237 40.84 4.58 -0.25
CA VAL C 237 39.38 4.47 -0.20
C VAL C 237 38.69 5.51 -1.09
N PRO C 238 37.83 5.04 -2.02
CA PRO C 238 37.14 5.91 -2.97
C PRO C 238 36.19 6.90 -2.30
N ARG C 239 36.34 8.17 -2.67
CA ARG C 239 35.49 9.23 -2.14
C ARG C 239 34.55 9.80 -3.20
N VAL C 240 33.41 10.31 -2.75
CA VAL C 240 32.49 10.99 -3.65
C VAL C 240 32.09 12.33 -3.04
N TYR C 241 32.22 13.40 -3.81
CA TYR C 241 31.67 14.66 -3.35
C TYR C 241 30.39 14.99 -4.11
N ILE C 242 29.36 15.37 -3.38
CA ILE C 242 28.11 15.80 -3.99
C ILE C 242 27.90 17.26 -3.65
N LYS C 243 27.97 18.11 -4.66
CA LYS C 243 27.89 19.55 -4.48
C LYS C 243 26.45 20.06 -4.50
N THR C 244 26.14 20.98 -3.60
CA THR C 244 24.84 21.62 -3.59
C THR C 244 24.97 22.97 -4.28
N ALA C 245 24.14 23.18 -5.29
CA ALA C 245 24.30 24.32 -6.19
C ALA C 245 23.65 25.61 -5.70
N LYS C 246 22.59 25.47 -4.90
CA LYS C 246 21.89 26.65 -4.38
C LYS C 246 22.02 26.74 -2.85
N ASP C 247 23.22 26.45 -2.36
CA ASP C 247 23.49 26.43 -0.92
C ASP C 247 23.82 27.84 -0.39
N ASN C 248 22.90 28.40 0.40
CA ASN C 248 23.11 29.73 1.00
C ASN C 248 24.08 29.74 2.17
N LEU C 249 24.60 28.59 2.55
CA LEU C 249 25.47 28.52 3.71
C LEU C 249 26.90 28.13 3.31
N PHE C 250 27.00 27.16 2.42
CA PHE C 250 28.28 26.69 1.93
C PHE C 250 28.32 27.01 0.46
N ASP C 251 28.86 28.18 0.16
CA ASP C 251 28.77 28.76 -1.18
C ASP C 251 29.39 27.86 -2.23
N SER C 252 28.86 27.93 -3.45
CA SER C 252 29.30 27.08 -4.55
C SER C 252 30.81 27.13 -4.78
N VAL C 253 31.39 28.32 -4.70
CA VAL C 253 32.81 28.47 -4.93
C VAL C 253 33.68 27.74 -3.91
N ARG C 254 33.30 27.80 -2.63
CA ARG C 254 34.06 27.14 -1.57
C ARG C 254 34.03 25.62 -1.69
N GLN C 255 32.91 25.10 -2.15
CA GLN C 255 32.76 23.66 -2.37
C GLN C 255 33.71 23.20 -3.48
N ASP C 256 33.82 24.00 -4.53
CA ASP C 256 34.72 23.68 -5.64
C ASP C 256 36.15 23.56 -5.16
N LEU C 257 36.49 24.38 -4.17
CA LEU C 257 37.84 24.45 -3.64
C LEU C 257 38.25 23.16 -2.91
N LEU C 258 37.31 22.58 -2.17
CA LEU C 258 37.57 21.32 -1.48
C LEU C 258 37.90 20.22 -2.49
N VAL C 259 37.17 20.22 -3.60
CA VAL C 259 37.36 19.24 -4.67
C VAL C 259 38.74 19.43 -5.31
N GLU C 260 39.10 20.69 -5.54
CA GLU C 260 40.40 21.00 -6.14
C GLU C 260 41.55 20.56 -5.25
N ASN C 261 41.44 20.85 -3.95
CA ASN C 261 42.50 20.55 -3.00
C ASN C 261 42.66 19.07 -2.67
N TRP C 262 41.60 18.30 -2.88
CA TRP C 262 41.63 16.87 -2.61
C TRP C 262 40.65 16.15 -3.54
N PRO C 263 41.04 15.99 -4.82
CA PRO C 263 40.19 15.41 -5.88
C PRO C 263 39.59 14.05 -5.51
N PRO C 264 38.25 13.96 -5.57
CA PRO C 264 37.49 12.74 -5.25
C PRO C 264 37.47 11.78 -6.42
N SER C 265 37.06 10.53 -6.20
CA SER C 265 36.87 9.61 -7.31
C SER C 265 35.76 10.11 -8.21
N GLN C 266 34.70 10.65 -7.60
CA GLN C 266 33.57 11.13 -8.37
C GLN C 266 33.07 12.47 -7.87
N LEU C 267 32.39 13.19 -8.76
CA LEU C 267 31.79 14.47 -8.40
C LEU C 267 30.40 14.59 -9.02
N TYR C 268 29.39 14.78 -8.18
CA TYR C 268 28.03 14.99 -8.63
C TYR C 268 27.60 16.39 -8.27
N VAL C 269 26.65 16.95 -9.03
CA VAL C 269 26.15 18.27 -8.72
C VAL C 269 24.62 18.29 -8.70
N LEU C 270 24.07 18.61 -7.53
CA LEU C 270 22.63 18.78 -7.37
C LEU C 270 22.28 20.20 -7.74
N GLU C 271 21.78 20.38 -8.97
CA GLU C 271 21.56 21.72 -9.50
C GLU C 271 20.54 22.55 -8.73
N ASP C 272 19.60 21.88 -8.07
CA ASP C 272 18.47 22.58 -7.45
C ASP C 272 18.42 22.50 -5.93
N SER C 273 19.50 21.98 -5.33
CA SER C 273 19.51 21.74 -3.89
C SER C 273 19.96 22.95 -3.08
N ASP C 274 19.31 23.16 -1.94
CA ASP C 274 19.81 24.10 -0.94
C ASP C 274 20.89 23.40 -0.10
N HIS C 275 21.09 23.88 1.13
CA HIS C 275 22.06 23.23 2.00
C HIS C 275 21.54 21.85 2.40
N SER C 276 20.22 21.73 2.46
CA SER C 276 19.59 20.51 2.93
C SER C 276 19.05 19.62 1.80
N ALA C 277 19.96 19.04 1.01
CA ALA C 277 19.60 18.18 -0.11
C ALA C 277 18.61 17.07 0.28
N PHE C 278 18.76 16.59 1.51
CA PHE C 278 17.93 15.49 2.00
C PHE C 278 16.48 15.90 2.21
N PHE C 279 16.21 17.21 2.19
CA PHE C 279 14.83 17.70 2.28
C PHE C 279 14.37 18.23 0.92
N SER C 280 15.26 18.96 0.25
CA SER C 280 14.89 19.71 -0.94
C SER C 280 14.88 18.86 -2.22
N VAL C 281 15.87 17.99 -2.39
CA VAL C 281 15.94 17.16 -3.59
C VAL C 281 16.26 15.69 -3.28
N PRO C 282 15.45 15.06 -2.42
CA PRO C 282 15.78 13.70 -1.96
C PRO C 282 15.89 12.64 -3.05
N THR C 283 14.96 12.62 -4.00
CA THR C 283 14.99 11.61 -5.06
C THR C 283 16.23 11.76 -5.95
N THR C 284 16.62 13.00 -6.24
CA THR C 284 17.79 13.26 -7.06
C THR C 284 19.04 12.78 -6.33
N LEU C 285 19.11 13.10 -5.04
CA LEU C 285 20.20 12.66 -4.20
C LEU C 285 20.24 11.14 -4.17
N PHE C 286 19.07 10.55 -4.00
CA PHE C 286 18.91 9.12 -4.06
C PHE C 286 19.53 8.53 -5.34
N ALA C 287 19.21 9.12 -6.48
CA ALA C 287 19.73 8.65 -7.76
C ALA C 287 21.24 8.71 -7.82
N TYR C 288 21.81 9.82 -7.37
CA TYR C 288 23.25 10.00 -7.40
C TYR C 288 23.94 8.95 -6.51
N LEU C 289 23.33 8.64 -5.37
CA LEU C 289 23.87 7.60 -4.51
C LEU C 289 23.88 6.25 -5.23
N LEU C 290 22.81 5.94 -5.96
CA LEU C 290 22.78 4.70 -6.74
C LEU C 290 23.87 4.70 -7.80
N ARG C 291 24.12 5.86 -8.39
CA ARG C 291 25.19 5.99 -9.37
C ARG C 291 26.52 5.77 -8.70
N ALA C 292 26.68 6.33 -7.50
CA ALA C 292 27.90 6.18 -6.72
C ALA C 292 28.17 4.73 -6.31
N VAL C 293 27.12 3.99 -6.00
CA VAL C 293 27.22 2.57 -5.67
C VAL C 293 27.62 1.76 -6.90
N SER C 294 27.16 2.20 -8.07
CA SER C 294 27.49 1.54 -9.34
C SER C 294 28.99 1.47 -9.57
N PHE C 295 29.73 2.34 -8.90
CA PHE C 295 31.18 2.32 -8.97
C PHE C 295 31.75 1.14 -8.17
N LEU C 296 30.88 0.48 -7.41
CA LEU C 296 31.22 -0.68 -6.57
C LEU C 296 32.12 -0.28 -5.40
N VAL D 46 -6.35 36.92 16.39
CA VAL D 46 -5.69 35.72 15.86
C VAL D 46 -5.97 34.51 16.72
N ILE D 47 -6.38 33.41 16.10
CA ILE D 47 -6.72 32.18 16.81
C ILE D 47 -5.47 31.34 17.03
N HIS D 48 -5.27 30.89 18.27
CA HIS D 48 -4.04 30.23 18.66
C HIS D 48 -4.27 28.77 19.06
N PHE D 49 -3.65 27.86 18.31
CA PHE D 49 -3.69 26.43 18.59
C PHE D 49 -2.50 25.99 19.44
N VAL D 50 -2.73 25.09 20.38
CA VAL D 50 -1.66 24.49 21.16
C VAL D 50 -1.70 22.96 21.08
N PHE D 51 -0.64 22.35 20.56
CA PHE D 51 -0.66 20.91 20.32
C PHE D 51 0.10 20.09 21.34
N VAL D 52 -0.59 19.09 21.91
CA VAL D 52 -0.02 18.19 22.91
C VAL D 52 0.04 16.75 22.37
N HIS D 53 1.24 16.27 22.11
CA HIS D 53 1.45 14.92 21.58
C HIS D 53 1.05 13.81 22.54
N GLY D 54 1.13 12.57 22.07
CA GLY D 54 0.82 11.39 22.89
C GLY D 54 2.08 10.71 23.36
N ALA D 55 1.94 9.50 23.90
CA ALA D 55 3.07 8.78 24.49
C ALA D 55 4.21 8.56 23.48
N SER D 56 5.44 8.78 23.93
CA SER D 56 6.67 8.56 23.15
C SER D 56 6.95 9.57 22.03
N HIS D 57 5.97 10.39 21.71
CA HIS D 57 6.11 11.35 20.63
C HIS D 57 6.61 12.68 21.17
N GLY D 58 6.65 13.69 20.31
CA GLY D 58 7.11 15.00 20.71
C GLY D 58 6.41 16.05 19.88
N ALA D 59 6.86 17.30 19.98
CA ALA D 59 6.29 18.39 19.20
C ALA D 59 6.44 18.12 17.70
N TRP D 60 7.50 17.40 17.35
CA TRP D 60 7.86 17.14 15.97
C TRP D 60 6.78 16.46 15.14
N CYS D 61 5.88 15.75 15.80
CA CYS D 61 4.91 14.93 15.08
C CYS D 61 3.81 15.75 14.41
N TRP D 62 3.68 17.02 14.78
CA TRP D 62 2.62 17.88 14.23
C TRP D 62 3.10 18.69 13.04
N TYR D 63 4.26 18.34 12.51
CA TYR D 63 4.94 19.19 11.53
C TYR D 63 4.14 19.45 10.26
N LYS D 64 3.40 18.45 9.81
CA LYS D 64 2.56 18.62 8.63
C LYS D 64 1.36 19.51 8.93
N LEU D 65 0.73 19.27 10.08
CA LEU D 65 -0.49 19.99 10.42
C LEU D 65 -0.28 21.49 10.68
N THR D 66 0.72 21.85 11.48
CA THR D 66 0.88 23.26 11.82
C THR D 66 1.34 24.06 10.62
N THR D 67 2.04 23.40 9.70
CA THR D 67 2.47 24.07 8.48
C THR D 67 1.26 24.49 7.65
N LEU D 68 0.26 23.61 7.56
CA LEU D 68 -0.98 23.95 6.89
C LEU D 68 -1.69 25.09 7.63
N LEU D 69 -1.83 24.94 8.95
CA LEU D 69 -2.50 25.94 9.78
C LEU D 69 -1.82 27.31 9.74
N ASP D 70 -0.50 27.32 9.62
CA ASP D 70 0.28 28.55 9.51
C ASP D 70 -0.12 29.31 8.26
N ALA D 71 -0.18 28.58 7.15
CA ALA D 71 -0.55 29.13 5.86
C ALA D 71 -1.99 29.67 5.82
N ALA D 72 -2.85 29.16 6.69
CA ALA D 72 -4.25 29.59 6.73
C ALA D 72 -4.44 30.79 7.67
N GLY D 73 -3.32 31.30 8.17
CA GLY D 73 -3.31 32.48 9.03
C GLY D 73 -3.63 32.22 10.49
N PHE D 74 -3.37 31.00 10.95
CA PHE D 74 -3.57 30.66 12.35
C PHE D 74 -2.21 30.55 13.01
N LYS D 75 -2.16 30.78 14.32
CA LYS D 75 -0.93 30.57 15.07
C LYS D 75 -0.98 29.22 15.78
N SER D 76 0.11 28.47 15.70
CA SER D 76 0.19 27.19 16.39
C SER D 76 1.43 27.11 17.26
N THR D 77 1.30 26.45 18.40
CA THR D 77 2.45 26.15 19.22
C THR D 77 2.44 24.66 19.54
N SER D 78 3.55 23.98 19.25
CA SER D 78 3.70 22.57 19.56
C SER D 78 4.74 22.43 20.67
N VAL D 79 4.34 21.83 21.78
CA VAL D 79 5.23 21.67 22.90
C VAL D 79 5.84 20.27 22.97
N ASP D 80 7.04 20.19 23.56
CA ASP D 80 7.63 18.93 23.97
C ASP D 80 7.37 18.75 25.45
N LEU D 81 6.52 17.80 25.80
CA LEU D 81 6.32 17.48 27.21
C LEU D 81 7.62 16.88 27.74
N THR D 82 7.80 16.98 29.05
CA THR D 82 9.07 16.61 29.68
C THR D 82 9.42 15.15 29.39
N GLY D 83 10.61 14.93 28.84
CA GLY D 83 11.06 13.58 28.51
C GLY D 83 10.71 13.20 27.09
N ALA D 84 10.10 14.14 26.38
CA ALA D 84 9.68 13.91 24.99
C ALA D 84 10.32 14.90 24.03
N GLY D 85 10.34 14.53 22.74
CA GLY D 85 10.89 15.37 21.70
C GLY D 85 12.38 15.59 21.90
N ILE D 86 12.78 16.84 22.02
CA ILE D 86 14.17 17.16 22.34
C ILE D 86 14.32 17.71 23.76
N SER D 87 13.47 17.26 24.68
CA SER D 87 13.62 17.59 26.09
C SER D 87 14.91 16.99 26.61
N LEU D 88 15.67 17.77 27.38
CA LEU D 88 16.96 17.31 27.90
C LEU D 88 16.81 16.33 29.06
N ILE D 89 15.60 16.25 29.60
CA ILE D 89 15.31 15.40 30.74
C ILE D 89 14.94 13.97 30.33
N ASP D 90 15.56 12.98 30.97
CA ASP D 90 15.24 11.58 30.71
C ASP D 90 13.85 11.27 31.23
N SER D 91 13.01 10.67 30.40
CA SER D 91 11.64 10.36 30.79
C SER D 91 11.55 9.34 31.93
N ASN D 92 12.62 8.57 32.12
CA ASN D 92 12.67 7.61 33.22
C ASN D 92 12.76 8.26 34.60
N ILE D 93 13.03 9.56 34.64
CA ILE D 93 13.07 10.29 35.90
C ILE D 93 11.89 11.26 36.01
N VAL D 94 10.93 11.11 35.10
CA VAL D 94 9.70 11.88 35.17
C VAL D 94 8.63 11.03 35.86
N PHE D 95 8.45 11.24 37.15
CA PHE D 95 7.57 10.40 37.94
C PHE D 95 6.25 11.10 38.21
N ASP D 96 6.13 12.32 37.74
CA ASP D 96 5.04 13.17 38.17
C ASP D 96 4.20 13.69 37.01
N SER D 97 2.88 13.71 37.20
CA SER D 97 1.98 14.25 36.20
C SER D 97 2.27 15.72 35.95
N ASP D 98 2.44 16.48 37.02
CA ASP D 98 2.73 17.91 36.91
C ASP D 98 4.13 18.19 36.35
N GLN D 99 5.03 17.21 36.50
CA GLN D 99 6.38 17.35 35.96
C GLN D 99 6.39 17.14 34.46
N TYR D 100 5.65 16.11 34.02
CA TYR D 100 5.53 15.78 32.61
C TYR D 100 4.88 16.95 31.87
N ASN D 101 3.89 17.56 32.50
CA ASN D 101 3.09 18.61 31.88
C ASN D 101 3.71 20.00 32.05
N ARG D 102 4.86 20.06 32.72
CA ARG D 102 5.52 21.33 33.00
C ARG D 102 5.59 22.29 31.79
N PRO D 103 6.11 21.81 30.63
CA PRO D 103 6.19 22.68 29.45
C PRO D 103 4.84 23.20 28.97
N LEU D 104 3.80 22.37 29.09
CA LEU D 104 2.46 22.78 28.69
C LEU D 104 1.88 23.77 29.69
N PHE D 105 2.04 23.48 30.98
CA PHE D 105 1.50 24.34 32.04
C PHE D 105 2.18 25.71 32.06
N SER D 106 3.49 25.71 31.86
CA SER D 106 4.27 26.95 31.82
C SER D 106 3.79 27.88 30.70
N LEU D 107 3.53 27.31 29.54
CA LEU D 107 3.10 28.05 28.37
C LEU D 107 1.74 28.72 28.58
N LEU D 108 0.83 27.99 29.24
CA LEU D 108 -0.49 28.51 29.54
C LEU D 108 -0.45 29.60 30.60
N SER D 109 0.49 29.46 31.53
CA SER D 109 0.67 30.43 32.60
C SER D 109 1.14 31.77 32.05
N ASP D 110 2.10 31.72 31.13
CA ASP D 110 2.73 32.90 30.56
C ASP D 110 1.84 33.63 29.55
N LEU D 111 0.62 33.15 29.38
CA LEU D 111 -0.34 33.76 28.45
C LEU D 111 -0.88 35.11 28.94
N PRO D 112 -0.85 36.12 28.07
CA PRO D 112 -1.45 37.45 28.31
C PRO D 112 -2.89 37.35 28.82
N PRO D 113 -3.34 38.35 29.59
CA PRO D 113 -4.62 38.34 30.31
C PRO D 113 -5.87 38.04 29.49
N HIS D 114 -5.89 38.39 28.21
CA HIS D 114 -7.09 38.24 27.40
C HIS D 114 -6.99 37.12 26.36
N HIS D 115 -5.76 36.69 26.09
CA HIS D 115 -5.51 35.69 25.07
C HIS D 115 -6.01 34.30 25.47
N LYS D 116 -6.70 33.63 24.55
CA LYS D 116 -7.13 32.24 24.76
C LYS D 116 -6.51 31.34 23.69
N VAL D 117 -6.48 30.04 23.96
CA VAL D 117 -5.94 29.10 22.99
C VAL D 117 -6.90 27.93 22.78
N ILE D 118 -6.71 27.23 21.68
CA ILE D 118 -7.45 26.01 21.42
C ILE D 118 -6.53 24.83 21.67
N LEU D 119 -6.88 24.01 22.63
CA LEU D 119 -6.06 22.84 22.95
C LEU D 119 -6.40 21.67 22.06
N VAL D 120 -5.36 21.06 21.50
CA VAL D 120 -5.53 19.86 20.70
C VAL D 120 -4.58 18.79 21.24
N GLY D 121 -5.15 17.69 21.73
CA GLY D 121 -4.35 16.60 22.28
C GLY D 121 -4.51 15.30 21.52
N HIS D 122 -3.43 14.53 21.44
CA HIS D 122 -3.46 13.23 20.79
C HIS D 122 -3.20 12.10 21.78
N SER D 123 -3.99 11.03 21.68
CA SER D 123 -3.75 9.82 22.46
C SER D 123 -3.76 10.10 23.96
N ILE D 124 -2.73 9.65 24.67
CA ILE D 124 -2.64 9.91 26.10
C ILE D 124 -2.56 11.41 26.39
N GLY D 125 -2.15 12.18 25.39
CA GLY D 125 -2.10 13.63 25.53
C GLY D 125 -3.45 14.23 25.86
N GLY D 126 -4.52 13.51 25.52
CA GLY D 126 -5.87 13.92 25.86
C GLY D 126 -6.05 14.12 27.35
N GLY D 127 -5.36 13.30 28.14
CA GLY D 127 -5.41 13.42 29.60
C GLY D 127 -4.83 14.75 30.04
N SER D 128 -3.71 15.14 29.44
CA SER D 128 -3.08 16.41 29.76
C SER D 128 -3.99 17.56 29.36
N VAL D 129 -4.71 17.39 28.26
CA VAL D 129 -5.66 18.40 27.80
C VAL D 129 -6.75 18.63 28.85
N THR D 130 -7.31 17.53 29.35
CA THR D 130 -8.37 17.60 30.36
C THR D 130 -7.83 18.24 31.64
N GLU D 131 -6.61 17.88 32.00
CA GLU D 131 -5.96 18.42 33.20
C GLU D 131 -5.72 19.92 33.06
N ALA D 132 -5.21 20.35 31.91
CA ALA D 132 -5.01 21.77 31.63
C ALA D 132 -6.35 22.50 31.53
N LEU D 133 -7.38 21.77 31.14
CA LEU D 133 -8.73 22.32 31.04
C LEU D 133 -9.25 22.63 32.43
N CYS D 134 -8.75 21.88 33.41
CA CYS D 134 -9.18 22.04 34.79
C CYS D 134 -8.36 23.09 35.53
N LYS D 135 -7.13 23.34 35.09
CA LYS D 135 -6.27 24.32 35.75
C LYS D 135 -6.25 25.70 35.08
N PHE D 136 -6.69 25.78 33.82
CA PHE D 136 -6.65 27.07 33.10
C PHE D 136 -7.90 27.35 32.26
N THR D 137 -9.07 26.97 32.76
CA THR D 137 -10.35 27.12 32.05
C THR D 137 -10.55 28.48 31.38
N ASP D 138 -10.12 29.55 32.06
CA ASP D 138 -10.30 30.90 31.54
C ASP D 138 -9.50 31.14 30.26
N LYS D 139 -8.50 30.30 30.03
CA LYS D 139 -7.60 30.48 28.89
C LYS D 139 -7.81 29.49 27.73
N ILE D 140 -8.83 28.66 27.84
CA ILE D 140 -9.14 27.67 26.81
C ILE D 140 -10.48 27.97 26.15
N SER D 141 -10.47 28.24 24.85
CA SER D 141 -11.73 28.54 24.14
C SER D 141 -12.38 27.25 23.68
N MET D 142 -11.55 26.23 23.47
CA MET D 142 -12.03 24.93 23.01
C MET D 142 -10.94 23.87 23.21
N ALA D 143 -11.35 22.66 23.61
CA ALA D 143 -10.42 21.55 23.76
C ALA D 143 -10.77 20.44 22.77
N ILE D 144 -9.79 20.04 21.96
CA ILE D 144 -10.03 19.04 20.94
C ILE D 144 -9.29 17.73 21.24
N TYR D 145 -10.00 16.62 21.16
CA TYR D 145 -9.41 15.32 21.44
C TYR D 145 -9.31 14.47 20.17
N LEU D 146 -8.09 14.33 19.66
CA LEU D 146 -7.81 13.55 18.46
C LEU D 146 -7.38 12.14 18.84
N ALA D 147 -8.28 11.18 18.71
CA ALA D 147 -8.03 9.80 19.13
C ALA D 147 -7.42 9.78 20.53
N ALA D 148 -7.95 10.66 21.38
CA ALA D 148 -7.31 10.91 22.67
C ALA D 148 -8.24 10.51 23.80
N SER D 149 -7.65 10.26 24.96
CA SER D 149 -8.40 9.96 26.17
C SER D 149 -9.10 11.20 26.68
N MET D 150 -10.42 11.28 26.51
CA MET D 150 -11.19 12.36 27.12
C MET D 150 -12.14 11.83 28.21
N VAL D 151 -11.72 12.01 29.46
CA VAL D 151 -12.47 11.49 30.60
C VAL D 151 -12.91 12.64 31.49
N GLN D 152 -14.21 12.65 31.77
CA GLN D 152 -14.83 13.70 32.57
C GLN D 152 -14.22 13.76 33.97
N PRO D 153 -13.83 14.98 34.38
CA PRO D 153 -13.32 15.21 35.73
C PRO D 153 -14.32 14.72 36.78
N GLY D 154 -13.90 13.79 37.62
CA GLY D 154 -14.79 13.19 38.59
C GLY D 154 -14.99 11.71 38.35
N SER D 155 -14.40 11.22 37.26
CA SER D 155 -14.52 9.81 36.90
C SER D 155 -13.25 9.03 37.21
N ILE D 171 5.62 -6.96 23.17
CA ILE D 171 4.93 -5.87 22.47
C ILE D 171 5.41 -4.47 22.89
N TRP D 172 5.59 -4.28 24.20
CA TRP D 172 6.17 -3.05 24.73
C TRP D 172 7.53 -3.35 25.35
N GLU D 173 8.47 -2.41 25.22
CA GLU D 173 9.74 -2.52 25.93
C GLU D 173 9.65 -1.69 27.19
N TYR D 174 10.18 -2.22 28.28
CA TYR D 174 10.17 -1.48 29.53
C TYR D 174 11.60 -1.19 29.96
N THR D 175 11.80 0.00 30.54
CA THR D 175 13.10 0.40 31.06
C THR D 175 13.00 0.50 32.58
N TYR D 176 13.96 -0.08 33.27
CA TYR D 176 13.95 -0.05 34.73
C TYR D 176 15.06 0.81 35.32
N GLY D 177 14.85 2.12 35.30
CA GLY D 177 15.85 3.06 35.81
C GLY D 177 16.05 2.97 37.31
N GLU D 178 15.17 2.20 37.97
CA GLU D 178 15.30 1.96 39.40
C GLU D 178 15.39 0.47 39.76
N GLY D 179 16.05 -0.32 38.90
CA GLY D 179 16.19 -1.74 39.12
C GLY D 179 14.96 -2.57 38.78
N THR D 180 15.15 -3.89 38.64
CA THR D 180 14.09 -4.76 38.15
C THR D 180 13.01 -5.10 39.18
N ASP D 181 13.34 -4.95 40.46
CA ASP D 181 12.38 -5.22 41.54
C ASP D 181 11.42 -4.06 41.81
N LYS D 182 11.76 -2.88 41.30
CA LYS D 182 10.87 -1.72 41.34
C LYS D 182 10.03 -1.64 40.07
N PRO D 183 8.87 -0.95 40.12
CA PRO D 183 8.06 -0.80 38.91
C PRO D 183 8.82 -0.04 37.82
N PRO D 184 8.48 -0.32 36.54
CA PRO D 184 9.21 0.27 35.42
C PRO D 184 9.07 1.80 35.38
N THR D 185 10.08 2.46 34.84
CA THR D 185 10.10 3.92 34.77
C THR D 185 9.82 4.41 33.36
N GLY D 186 10.03 3.55 32.37
CA GLY D 186 9.82 3.91 30.97
C GLY D 186 9.20 2.83 30.12
N VAL D 187 8.36 3.24 29.16
CA VAL D 187 7.74 2.32 28.22
C VAL D 187 7.90 2.81 26.78
N LEU D 188 8.22 1.88 25.89
CA LEU D 188 8.43 2.21 24.49
C LEU D 188 8.01 1.04 23.63
N MET D 189 7.26 1.32 22.55
CA MET D 189 6.83 0.27 21.64
C MET D 189 8.01 -0.31 20.87
N LYS D 190 8.03 -1.63 20.72
CA LYS D 190 9.10 -2.30 19.98
C LYS D 190 9.09 -1.87 18.52
N PRO D 191 10.28 -1.67 17.95
CA PRO D 191 10.49 -1.16 16.58
C PRO D 191 9.70 -1.93 15.53
N GLU D 192 9.59 -3.24 15.70
CA GLU D 192 8.90 -4.07 14.73
C GLU D 192 7.38 -3.91 14.75
N PHE D 193 6.88 -3.16 15.73
CA PHE D 193 5.43 -3.00 15.86
C PHE D 193 4.91 -1.57 15.60
N ILE D 194 5.81 -0.59 15.52
CA ILE D 194 5.38 0.80 15.39
C ILE D 194 4.60 1.08 14.10
N ARG D 195 5.00 0.46 13.00
CA ARG D 195 4.30 0.69 11.74
C ARG D 195 2.84 0.27 11.82
N HIS D 196 2.60 -0.96 12.27
CA HIS D 196 1.24 -1.48 12.31
C HIS D 196 0.31 -0.76 13.27
N TYR D 197 0.80 -0.46 14.46
CA TYR D 197 -0.06 0.09 15.50
C TYR D 197 -0.19 1.60 15.42
N TYR D 198 0.93 2.28 15.18
CA TYR D 198 0.96 3.74 15.15
C TYR D 198 0.67 4.29 13.74
N TYR D 199 1.29 3.68 12.73
CA TYR D 199 1.36 4.31 11.42
C TYR D 199 0.84 3.46 10.26
N SER D 200 -0.19 2.64 10.52
CA SER D 200 -0.67 1.67 9.54
C SER D 200 -1.18 2.26 8.22
N GLN D 201 -1.57 3.53 8.25
CA GLN D 201 -2.11 4.18 7.07
C GLN D 201 -1.24 5.36 6.67
N SER D 202 -0.04 5.44 7.22
CA SER D 202 0.83 6.59 7.06
C SER D 202 1.96 6.35 6.06
N PRO D 203 2.51 7.42 5.47
CA PRO D 203 3.67 7.30 4.57
C PRO D 203 4.88 6.65 5.24
N LEU D 204 5.59 5.80 4.49
CA LEU D 204 6.73 5.06 5.03
C LEU D 204 7.83 5.95 5.59
N GLU D 205 8.03 7.11 4.98
CA GLU D 205 9.08 8.02 5.42
C GLU D 205 8.77 8.52 6.84
N ASP D 206 7.50 8.67 7.16
CA ASP D 206 7.08 9.09 8.49
C ASP D 206 7.33 8.03 9.55
N VAL D 207 7.29 6.76 9.15
CA VAL D 207 7.63 5.66 10.04
C VAL D 207 9.13 5.71 10.34
N THR D 208 9.91 5.93 9.29
CA THR D 208 11.35 6.09 9.40
C THR D 208 11.68 7.25 10.32
N LEU D 209 11.03 8.38 10.04
CA LEU D 209 11.19 9.59 10.85
C LEU D 209 10.92 9.32 12.32
N SER D 210 9.78 8.71 12.60
CA SER D 210 9.39 8.37 13.95
C SER D 210 10.39 7.44 14.62
N SER D 211 10.91 6.49 13.85
CA SER D 211 11.84 5.50 14.40
C SER D 211 13.12 6.14 14.94
N LYS D 212 13.43 7.35 14.49
CA LYS D 212 14.62 8.04 14.97
C LYS D 212 14.30 9.13 16.01
N LEU D 213 13.04 9.21 16.40
CA LEU D 213 12.62 10.24 17.34
C LEU D 213 11.81 9.73 18.54
N LEU D 214 11.22 8.55 18.42
CA LEU D 214 10.42 7.99 19.51
C LEU D 214 11.29 7.72 20.73
N ARG D 215 10.82 8.20 21.89
CA ARG D 215 11.52 8.05 23.16
C ARG D 215 10.61 7.32 24.13
N PRO D 216 11.19 6.60 25.11
CA PRO D 216 10.36 5.91 26.10
C PRO D 216 9.44 6.88 26.86
N ALA D 217 8.23 6.46 27.16
CA ALA D 217 7.26 7.32 27.85
C ALA D 217 7.29 7.06 29.36
N PRO D 218 7.17 8.13 30.16
CA PRO D 218 7.24 8.05 31.62
C PRO D 218 5.99 7.43 32.26
N MET D 219 6.00 6.10 32.42
CA MET D 219 4.84 5.38 32.98
C MET D 219 4.34 5.95 34.29
N ARG D 220 5.27 6.27 35.18
CA ARG D 220 4.93 6.74 36.52
C ARG D 220 4.05 7.98 36.45
N ALA D 221 4.32 8.85 35.48
CA ALA D 221 3.55 10.07 35.30
C ALA D 221 2.13 9.80 34.82
N PHE D 222 1.94 8.71 34.09
CA PHE D 222 0.66 8.39 33.46
C PHE D 222 -0.43 7.94 34.43
N GLN D 223 -0.01 7.45 35.60
CA GLN D 223 -0.94 6.96 36.61
C GLN D 223 -1.76 8.06 37.29
N ASP D 224 -1.27 9.30 37.23
CA ASP D 224 -1.97 10.42 37.87
C ASP D 224 -2.88 11.18 36.89
N LEU D 225 -2.74 10.89 35.61
CA LEU D 225 -3.55 11.53 34.58
C LEU D 225 -5.02 11.13 34.72
N ASP D 226 -5.90 12.12 34.56
CA ASP D 226 -7.35 11.91 34.62
C ASP D 226 -7.82 11.34 35.96
N LYS D 227 -7.12 11.72 37.02
CA LYS D 227 -7.58 11.48 38.39
C LYS D 227 -7.96 12.82 38.99
N LEU D 228 -9.04 13.41 38.49
CA LEU D 228 -9.38 14.79 38.82
C LEU D 228 -10.72 14.92 39.51
N PRO D 229 -10.82 15.86 40.47
CA PRO D 229 -12.11 16.17 41.10
C PRO D 229 -13.01 16.88 40.10
N PRO D 230 -14.33 16.64 40.17
CA PRO D 230 -15.32 17.25 39.27
C PRO D 230 -15.13 18.76 39.13
N ASN D 231 -15.30 19.25 37.90
CA ASN D 231 -15.04 20.65 37.59
C ASN D 231 -16.13 21.21 36.69
N PRO D 232 -17.17 21.81 37.29
CA PRO D 232 -18.34 22.35 36.58
C PRO D 232 -17.99 23.50 35.66
N GLU D 233 -16.89 24.19 35.95
CA GLU D 233 -16.45 25.31 35.13
C GLU D 233 -15.85 24.85 33.81
N ALA D 234 -15.13 23.73 33.85
CA ALA D 234 -14.51 23.16 32.66
C ALA D 234 -15.55 22.55 31.73
N GLU D 235 -16.71 22.21 32.31
CA GLU D 235 -17.79 21.61 31.54
C GLU D 235 -18.41 22.58 30.53
N LYS D 236 -18.29 23.89 30.80
CA LYS D 236 -18.88 24.89 29.91
C LYS D 236 -18.07 25.06 28.62
N VAL D 237 -16.81 24.64 28.67
CA VAL D 237 -15.91 24.77 27.52
C VAL D 237 -16.23 23.72 26.47
N PRO D 238 -16.47 24.16 25.22
CA PRO D 238 -16.83 23.24 24.14
C PRO D 238 -15.70 22.26 23.82
N ARG D 239 -16.05 20.99 23.74
CA ARG D 239 -15.09 19.96 23.40
C ARG D 239 -15.45 19.35 22.06
N VAL D 240 -14.43 18.89 21.33
CA VAL D 240 -14.65 18.18 20.07
C VAL D 240 -13.84 16.90 20.09
N TYR D 241 -14.48 15.78 19.77
CA TYR D 241 -13.76 14.52 19.61
C TYR D 241 -13.62 14.14 18.13
N ILE D 242 -12.41 13.75 17.75
CA ILE D 242 -12.17 13.26 16.40
C ILE D 242 -11.75 11.80 16.45
N LYS D 243 -12.61 10.95 15.92
CA LYS D 243 -12.39 9.52 15.98
C LYS D 243 -11.55 9.07 14.79
N THR D 244 -10.60 8.18 15.06
CA THR D 244 -9.78 7.62 14.00
C THR D 244 -10.36 6.25 13.66
N ALA D 245 -10.70 6.05 12.39
CA ALA D 245 -11.50 4.89 12.01
C ALA D 245 -10.70 3.62 11.77
N LYS D 246 -9.44 3.77 11.35
CA LYS D 246 -8.59 2.61 11.07
C LYS D 246 -7.42 2.50 12.05
N ASP D 247 -7.70 2.79 13.31
CA ASP D 247 -6.70 2.82 14.36
C ASP D 247 -6.48 1.42 14.93
N ASN D 248 -5.33 0.83 14.62
CA ASN D 248 -5.02 -0.52 15.09
C ASN D 248 -4.61 -0.60 16.57
N LEU D 249 -4.53 0.55 17.21
CA LEU D 249 -4.07 0.62 18.60
C LEU D 249 -5.16 1.10 19.55
N PHE D 250 -5.94 2.07 19.11
CA PHE D 250 -7.01 2.61 19.92
C PHE D 250 -8.33 2.26 19.23
N ASP D 251 -8.91 1.15 19.66
CA ASP D 251 -10.06 0.50 19.01
C ASP D 251 -11.33 1.36 18.91
N SER D 252 -12.12 1.12 17.87
CA SER D 252 -13.35 1.87 17.61
C SER D 252 -14.35 1.87 18.77
N VAL D 253 -14.55 0.70 19.38
CA VAL D 253 -15.51 0.56 20.49
C VAL D 253 -15.09 1.41 21.68
N ARG D 254 -13.79 1.43 21.96
CA ARG D 254 -13.27 2.23 23.06
C ARG D 254 -13.45 3.73 22.80
N GLN D 255 -13.31 4.14 21.54
CA GLN D 255 -13.51 5.54 21.20
C GLN D 255 -14.96 5.94 21.38
N ASP D 256 -15.89 5.09 20.93
CA ASP D 256 -17.30 5.34 21.07
C ASP D 256 -17.71 5.48 22.54
N LEU D 257 -17.06 4.70 23.39
CA LEU D 257 -17.37 4.69 24.80
C LEU D 257 -17.00 6.02 25.47
N LEU D 258 -15.86 6.58 25.08
CA LEU D 258 -15.45 7.89 25.58
C LEU D 258 -16.49 8.92 25.15
N VAL D 259 -16.96 8.79 23.92
CA VAL D 259 -17.98 9.67 23.39
C VAL D 259 -19.30 9.50 24.13
N GLU D 260 -19.70 8.25 24.37
CA GLU D 260 -20.94 7.97 25.07
C GLU D 260 -20.92 8.48 26.51
N ASN D 261 -19.81 8.23 27.21
CA ASN D 261 -19.68 8.60 28.62
C ASN D 261 -19.49 10.09 28.89
N TRP D 262 -19.05 10.84 27.89
CA TRP D 262 -18.91 12.29 28.03
C TRP D 262 -19.10 12.98 26.68
N PRO D 263 -20.36 13.06 26.22
CA PRO D 263 -20.72 13.61 24.90
C PRO D 263 -20.14 15.01 24.64
N PRO D 264 -19.37 15.14 23.55
CA PRO D 264 -18.72 16.39 23.12
C PRO D 264 -19.67 17.29 22.33
N SER D 265 -19.26 18.55 22.14
CA SER D 265 -20.02 19.50 21.35
C SER D 265 -20.12 19.01 19.92
N GLN D 266 -19.02 18.47 19.42
CA GLN D 266 -18.96 17.94 18.06
C GLN D 266 -18.24 16.61 18.00
N LEU D 267 -18.52 15.86 16.94
CA LEU D 267 -17.87 14.59 16.69
C LEU D 267 -17.47 14.49 15.23
N TYR D 268 -16.18 14.29 15.00
CA TYR D 268 -15.69 14.07 13.64
C TYR D 268 -15.16 12.66 13.54
N VAL D 269 -15.24 12.10 12.35
CA VAL D 269 -14.73 10.76 12.10
C VAL D 269 -13.84 10.83 10.87
N LEU D 270 -12.55 10.57 11.08
CA LEU D 270 -11.63 10.48 9.97
C LEU D 270 -11.71 9.07 9.46
N GLU D 271 -12.44 8.88 8.36
CA GLU D 271 -12.73 7.54 7.85
C GLU D 271 -11.45 6.81 7.46
N ASP D 272 -10.40 7.56 7.16
CA ASP D 272 -9.17 6.99 6.62
C ASP D 272 -7.94 7.11 7.51
N SER D 273 -8.13 7.54 8.75
CA SER D 273 -6.99 7.75 9.64
C SER D 273 -6.57 6.51 10.41
N ASP D 274 -5.27 6.32 10.53
CA ASP D 274 -4.74 5.37 11.52
C ASP D 274 -4.66 6.09 12.85
N HIS D 275 -3.78 5.63 13.73
CA HIS D 275 -3.61 6.27 15.02
C HIS D 275 -2.98 7.67 14.87
N SER D 276 -2.15 7.83 13.85
CA SER D 276 -1.40 9.07 13.66
C SER D 276 -2.03 9.93 12.55
N ALA D 277 -3.20 10.48 12.82
CA ALA D 277 -3.94 11.30 11.86
C ALA D 277 -3.08 12.41 11.24
N PHE D 278 -2.16 12.94 12.04
CA PHE D 278 -1.30 14.04 11.62
C PHE D 278 -0.28 13.61 10.56
N PHE D 279 -0.11 12.30 10.37
CA PHE D 279 0.76 11.79 9.33
C PHE D 279 -0.02 11.22 8.15
N SER D 280 -1.07 10.45 8.46
CA SER D 280 -1.79 9.69 7.46
C SER D 280 -2.85 10.52 6.72
N VAL D 281 -3.56 11.38 7.44
CA VAL D 281 -4.59 12.21 6.80
C VAL D 281 -4.52 13.69 7.21
N PRO D 282 -3.33 14.32 7.06
CA PRO D 282 -3.12 15.68 7.59
C PRO D 282 -4.04 16.77 7.01
N THR D 283 -4.24 16.78 5.69
CA THR D 283 -5.07 17.83 5.09
C THR D 283 -6.54 17.70 5.53
N THR D 284 -7.02 16.47 5.63
CA THR D 284 -8.39 16.21 6.05
C THR D 284 -8.58 16.65 7.49
N LEU D 285 -7.61 16.32 8.33
CA LEU D 285 -7.60 16.72 9.73
C LEU D 285 -7.59 18.25 9.84
N PHE D 286 -6.72 18.88 9.07
CA PHE D 286 -6.65 20.33 8.94
C PHE D 286 -8.03 20.92 8.67
N ALA D 287 -8.72 20.35 7.70
CA ALA D 287 -10.06 20.82 7.34
C ALA D 287 -11.03 20.69 8.51
N TYR D 288 -10.99 19.55 9.20
CA TYR D 288 -11.88 19.32 10.33
C TYR D 288 -11.63 20.31 11.46
N LEU D 289 -10.37 20.64 11.71
CA LEU D 289 -10.06 21.63 12.74
C LEU D 289 -10.64 23.00 12.41
N LEU D 290 -10.53 23.42 11.15
CA LEU D 290 -11.10 24.70 10.74
C LEU D 290 -12.60 24.69 10.97
N ARG D 291 -13.23 23.53 10.74
CA ARG D 291 -14.68 23.37 10.92
C ARG D 291 -15.09 23.50 12.37
N ALA D 292 -14.31 22.86 13.22
CA ALA D 292 -14.54 22.92 14.64
C ALA D 292 -14.36 24.36 15.11
N VAL D 293 -13.42 25.06 14.48
CA VAL D 293 -13.18 26.46 14.78
C VAL D 293 -14.36 27.34 14.33
N SER D 294 -15.02 26.97 13.24
CA SER D 294 -16.15 27.74 12.70
C SER D 294 -17.27 27.93 13.72
N PHE D 295 -17.33 27.07 14.72
CA PHE D 295 -18.34 27.18 15.76
C PHE D 295 -18.05 28.28 16.76
N LEU D 296 -16.87 28.25 17.35
CA LEU D 296 -16.44 29.22 18.34
C LEU D 296 -14.92 29.23 18.50
N VAL E 46 -16.60 -34.89 -25.46
CA VAL E 46 -16.34 -35.13 -24.04
C VAL E 46 -17.17 -34.23 -23.15
N ILE E 47 -17.82 -34.83 -22.16
CA ILE E 47 -18.68 -34.08 -21.23
C ILE E 47 -17.86 -33.57 -20.05
N HIS E 48 -18.01 -32.28 -19.73
CA HIS E 48 -17.13 -31.63 -18.77
C HIS E 48 -17.90 -31.23 -17.50
N PHE E 49 -17.49 -31.78 -16.35
CA PHE E 49 -18.09 -31.37 -15.08
C PHE E 49 -17.26 -30.30 -14.40
N VAL E 50 -17.92 -29.31 -13.81
CA VAL E 50 -17.24 -28.31 -13.00
C VAL E 50 -17.84 -28.32 -11.60
N PHE E 51 -17.04 -28.65 -10.60
CA PHE E 51 -17.56 -28.80 -9.25
C PHE E 51 -17.27 -27.60 -8.37
N VAL E 52 -18.31 -27.07 -7.76
CA VAL E 52 -18.20 -25.91 -6.88
C VAL E 52 -18.53 -26.30 -5.43
N HIS E 53 -17.50 -26.30 -4.59
CA HIS E 53 -17.63 -26.65 -3.19
C HIS E 53 -18.53 -25.67 -2.42
N GLY E 54 -18.84 -26.00 -1.18
CA GLY E 54 -19.63 -25.14 -0.32
C GLY E 54 -18.77 -24.41 0.68
N ALA E 55 -19.41 -23.80 1.68
CA ALA E 55 -18.71 -22.98 2.67
C ALA E 55 -17.66 -23.77 3.43
N SER E 56 -16.49 -23.14 3.63
CA SER E 56 -15.37 -23.71 4.36
C SER E 56 -14.63 -24.81 3.61
N HIS E 57 -15.25 -25.32 2.54
CA HIS E 57 -14.65 -26.41 1.79
C HIS E 57 -13.87 -25.88 0.59
N GLY E 58 -13.34 -26.80 -0.20
CA GLY E 58 -12.58 -26.46 -1.39
C GLY E 58 -12.70 -27.57 -2.43
N ALA E 59 -11.88 -27.49 -3.47
CA ALA E 59 -11.88 -28.51 -4.52
C ALA E 59 -11.54 -29.90 -3.96
N TRP E 60 -10.78 -29.93 -2.88
CA TRP E 60 -10.30 -31.16 -2.27
C TRP E 60 -11.42 -32.10 -1.83
N CYS E 61 -12.61 -31.55 -1.60
CA CYS E 61 -13.70 -32.34 -1.06
C CYS E 61 -14.30 -33.28 -2.12
N TRP E 62 -14.00 -33.02 -3.38
CA TRP E 62 -14.56 -33.81 -4.47
C TRP E 62 -13.64 -34.93 -4.90
N TYR E 63 -12.62 -35.23 -4.11
CA TYR E 63 -11.56 -36.11 -4.55
C TYR E 63 -11.99 -37.54 -4.91
N LYS E 64 -12.95 -38.11 -4.16
CA LYS E 64 -13.46 -39.45 -4.46
C LYS E 64 -14.34 -39.45 -5.71
N LEU E 65 -15.21 -38.45 -5.82
CA LEU E 65 -16.16 -38.38 -6.91
C LEU E 65 -15.49 -38.17 -8.28
N THR E 66 -14.52 -37.26 -8.34
CA THR E 66 -13.89 -36.95 -9.63
C THR E 66 -12.99 -38.09 -10.11
N THR E 67 -12.45 -38.87 -9.19
CA THR E 67 -11.66 -40.05 -9.56
C THR E 67 -12.55 -41.08 -10.26
N LEU E 68 -13.77 -41.26 -9.76
CA LEU E 68 -14.73 -42.15 -10.40
C LEU E 68 -15.10 -41.66 -11.80
N LEU E 69 -15.46 -40.39 -11.90
CA LEU E 69 -15.88 -39.80 -13.17
C LEU E 69 -14.81 -39.88 -14.26
N ASP E 70 -13.55 -39.85 -13.83
CA ASP E 70 -12.43 -40.00 -14.75
C ASP E 70 -12.48 -41.38 -15.37
N ALA E 71 -12.62 -42.39 -14.52
CA ALA E 71 -12.69 -43.79 -14.94
C ALA E 71 -13.88 -44.03 -15.86
N ALA E 72 -14.89 -43.17 -15.73
CA ALA E 72 -16.07 -43.28 -16.59
C ALA E 72 -15.89 -42.48 -17.88
N GLY E 73 -14.69 -41.93 -18.06
CA GLY E 73 -14.33 -41.23 -19.29
C GLY E 73 -14.86 -39.80 -19.38
N PHE E 74 -15.07 -39.18 -18.23
CA PHE E 74 -15.51 -37.79 -18.18
C PHE E 74 -14.38 -36.87 -17.74
N LYS E 75 -14.47 -35.61 -18.13
CA LYS E 75 -13.53 -34.61 -17.64
C LYS E 75 -14.17 -33.83 -16.49
N SER E 76 -13.45 -33.70 -15.39
CA SER E 76 -13.95 -32.93 -14.26
C SER E 76 -12.96 -31.86 -13.81
N THR E 77 -13.50 -30.70 -13.45
CA THR E 77 -12.69 -29.63 -12.88
C THR E 77 -13.26 -29.16 -11.55
N SER E 78 -12.43 -29.16 -10.51
CA SER E 78 -12.82 -28.68 -9.19
C SER E 78 -12.14 -27.35 -8.87
N VAL E 79 -12.93 -26.31 -8.56
CA VAL E 79 -12.38 -25.00 -8.27
C VAL E 79 -12.19 -24.73 -6.77
N ASP E 80 -11.20 -23.90 -6.44
CA ASP E 80 -11.10 -23.30 -5.11
C ASP E 80 -11.64 -21.90 -5.21
N LEU E 81 -12.81 -21.65 -4.63
CA LEU E 81 -13.30 -20.29 -4.56
C LEU E 81 -12.39 -19.48 -3.62
N THR E 82 -12.39 -18.17 -3.79
CA THR E 82 -11.45 -17.30 -3.09
C THR E 82 -11.50 -17.44 -1.58
N GLY E 83 -10.36 -17.76 -0.99
CA GLY E 83 -10.27 -17.90 0.45
C GLY E 83 -10.51 -19.32 0.91
N ALA E 84 -10.73 -20.20 -0.06
CA ALA E 84 -11.00 -21.62 0.21
C ALA E 84 -9.98 -22.53 -0.43
N GLY E 85 -9.88 -23.76 0.07
CA GLY E 85 -8.94 -24.73 -0.45
C GLY E 85 -7.52 -24.29 -0.18
N ILE E 86 -6.73 -24.14 -1.23
CA ILE E 86 -5.36 -23.62 -1.06
C ILE E 86 -5.18 -22.23 -1.63
N SER E 87 -6.26 -21.44 -1.59
CA SER E 87 -6.22 -20.04 -1.99
C SER E 87 -5.34 -19.28 -1.01
N LEU E 88 -4.48 -18.40 -1.54
CA LEU E 88 -3.57 -17.62 -0.72
C LEU E 88 -4.29 -16.44 -0.03
N ILE E 89 -5.51 -16.15 -0.48
CA ILE E 89 -6.26 -15.04 0.07
C ILE E 89 -7.02 -15.44 1.31
N ASP E 90 -6.91 -14.64 2.37
CA ASP E 90 -7.68 -14.86 3.59
C ASP E 90 -9.14 -14.54 3.30
N SER E 91 -10.04 -15.45 3.66
CA SER E 91 -11.46 -15.22 3.38
C SER E 91 -12.01 -14.04 4.18
N ASN E 92 -11.32 -13.66 5.25
CA ASN E 92 -11.75 -12.51 6.08
C ASN E 92 -11.67 -11.16 5.37
N ILE E 93 -10.98 -11.12 4.23
CA ILE E 93 -10.92 -9.87 3.46
C ILE E 93 -11.69 -10.03 2.15
N VAL E 94 -12.48 -11.10 2.06
CA VAL E 94 -13.33 -11.29 0.90
C VAL E 94 -14.72 -10.76 1.26
N PHE E 95 -15.01 -9.54 0.84
CA PHE E 95 -16.25 -8.88 1.25
C PHE E 95 -17.27 -8.90 0.14
N ASP E 96 -16.91 -9.49 -0.98
CA ASP E 96 -17.68 -9.37 -2.20
C ASP E 96 -18.09 -10.72 -2.79
N SER E 97 -19.31 -10.81 -3.30
CA SER E 97 -19.76 -12.01 -3.99
C SER E 97 -18.94 -12.30 -5.23
N ASP E 98 -18.70 -11.28 -6.06
CA ASP E 98 -17.96 -11.44 -7.29
C ASP E 98 -16.48 -11.76 -7.07
N GLN E 99 -15.95 -11.39 -5.90
CA GLN E 99 -14.58 -11.71 -5.59
C GLN E 99 -14.47 -13.19 -5.22
N TYR E 100 -15.44 -13.65 -4.42
CA TYR E 100 -15.50 -15.04 -3.99
C TYR E 100 -15.67 -15.99 -5.17
N ASN E 101 -16.48 -15.60 -6.14
CA ASN E 101 -16.79 -16.46 -7.27
C ASN E 101 -15.78 -16.30 -8.39
N ARG E 102 -14.83 -15.38 -8.20
CA ARG E 102 -13.86 -15.06 -9.25
C ARG E 102 -13.21 -16.28 -9.93
N PRO E 103 -12.65 -17.23 -9.14
CA PRO E 103 -12.03 -18.40 -9.77
C PRO E 103 -13.01 -19.18 -10.64
N LEU E 104 -14.27 -19.24 -10.23
CA LEU E 104 -15.28 -19.95 -11.00
C LEU E 104 -15.62 -19.19 -12.27
N PHE E 105 -15.82 -17.88 -12.15
CA PHE E 105 -16.18 -17.04 -13.29
C PHE E 105 -15.05 -17.01 -14.33
N SER E 106 -13.83 -16.91 -13.83
CA SER E 106 -12.64 -16.90 -14.68
C SER E 106 -12.55 -18.19 -15.50
N LEU E 107 -12.85 -19.31 -14.85
CA LEU E 107 -12.79 -20.61 -15.50
C LEU E 107 -13.81 -20.75 -16.62
N LEU E 108 -15.00 -20.22 -16.39
CA LEU E 108 -16.06 -20.28 -17.39
C LEU E 108 -15.75 -19.38 -18.57
N SER E 109 -15.06 -18.27 -18.31
CA SER E 109 -14.67 -17.35 -19.37
C SER E 109 -13.70 -17.99 -20.36
N ASP E 110 -12.72 -18.73 -19.82
CA ASP E 110 -11.67 -19.31 -20.65
C ASP E 110 -12.17 -20.49 -21.48
N LEU E 111 -13.46 -20.77 -21.42
CA LEU E 111 -14.02 -21.84 -22.22
C LEU E 111 -14.09 -21.46 -23.69
N PRO E 112 -13.59 -22.36 -24.55
CA PRO E 112 -13.67 -22.27 -26.01
C PRO E 112 -15.10 -21.97 -26.50
N PRO E 113 -15.23 -21.35 -27.69
CA PRO E 113 -16.50 -20.84 -28.22
C PRO E 113 -17.64 -21.86 -28.27
N HIS E 114 -17.32 -23.14 -28.41
CA HIS E 114 -18.36 -24.16 -28.54
C HIS E 114 -18.52 -25.05 -27.30
N HIS E 115 -17.52 -25.04 -26.42
CA HIS E 115 -17.55 -25.90 -25.24
C HIS E 115 -18.59 -25.47 -24.20
N LYS E 116 -19.34 -26.45 -23.71
CA LYS E 116 -20.28 -26.23 -22.61
C LYS E 116 -19.90 -27.11 -21.43
N VAL E 117 -20.36 -26.74 -20.24
CA VAL E 117 -20.10 -27.53 -19.05
C VAL E 117 -21.35 -27.76 -18.22
N ILE E 118 -21.30 -28.76 -17.37
CA ILE E 118 -22.37 -29.03 -16.42
C ILE E 118 -21.92 -28.56 -15.04
N LEU E 119 -22.61 -27.58 -14.49
CA LEU E 119 -22.26 -27.05 -13.20
C LEU E 119 -22.84 -27.93 -12.11
N VAL E 120 -22.01 -28.30 -11.14
CA VAL E 120 -22.46 -29.06 -9.99
C VAL E 120 -22.07 -28.32 -8.73
N GLY E 121 -23.06 -27.86 -7.97
CA GLY E 121 -22.80 -27.11 -6.76
C GLY E 121 -23.26 -27.80 -5.50
N HIS E 122 -22.49 -27.63 -4.43
CA HIS E 122 -22.82 -28.21 -3.14
C HIS E 122 -23.11 -27.13 -2.11
N SER E 123 -24.17 -27.32 -1.32
CA SER E 123 -24.50 -26.45 -0.21
C SER E 123 -24.68 -25.01 -0.67
N ILE E 124 -24.03 -24.07 0.01
CA ILE E 124 -24.09 -22.66 -0.36
C ILE E 124 -23.51 -22.40 -1.76
N GLY E 125 -22.69 -23.33 -2.23
CA GLY E 125 -22.11 -23.25 -3.57
C GLY E 125 -23.19 -23.20 -4.62
N GLY E 126 -24.37 -23.69 -4.27
CA GLY E 126 -25.53 -23.64 -5.16
C GLY E 126 -25.83 -22.23 -5.62
N GLY E 127 -25.57 -21.26 -4.74
CA GLY E 127 -25.75 -19.86 -5.09
C GLY E 127 -24.83 -19.44 -6.21
N SER E 128 -23.58 -19.90 -6.14
CA SER E 128 -22.59 -19.60 -7.15
C SER E 128 -22.99 -20.18 -8.50
N VAL E 129 -23.59 -21.37 -8.48
CA VAL E 129 -24.06 -21.99 -9.70
C VAL E 129 -25.13 -21.15 -10.38
N THR E 130 -26.11 -20.71 -9.60
CA THR E 130 -27.19 -19.90 -10.14
C THR E 130 -26.65 -18.59 -10.69
N GLU E 131 -25.68 -18.02 -9.98
CA GLU E 131 -25.03 -16.79 -10.43
C GLU E 131 -24.26 -17.03 -11.74
N ALA E 132 -23.52 -18.13 -11.79
CA ALA E 132 -22.79 -18.50 -12.99
C ALA E 132 -23.73 -18.89 -14.13
N LEU E 133 -24.91 -19.39 -13.79
CA LEU E 133 -25.89 -19.78 -14.79
C LEU E 133 -26.46 -18.57 -15.50
N CYS E 134 -26.50 -17.43 -14.81
CA CYS E 134 -27.05 -16.20 -15.38
C CYS E 134 -26.03 -15.35 -16.12
N LYS E 135 -24.75 -15.47 -15.76
CA LYS E 135 -23.72 -14.66 -16.38
C LYS E 135 -23.04 -15.41 -17.52
N PHE E 136 -23.21 -16.73 -17.55
CA PHE E 136 -22.58 -17.58 -18.56
C PHE E 136 -23.56 -18.59 -19.09
N THR E 137 -24.81 -18.16 -19.23
CA THR E 137 -25.91 -19.04 -19.66
C THR E 137 -25.56 -19.87 -20.88
N ASP E 138 -24.87 -19.25 -21.83
CA ASP E 138 -24.51 -19.89 -23.08
C ASP E 138 -23.49 -21.03 -22.90
N LYS E 139 -22.79 -21.03 -21.77
CA LYS E 139 -21.74 -22.00 -21.55
C LYS E 139 -22.11 -23.12 -20.59
N ILE E 140 -23.36 -23.10 -20.12
CA ILE E 140 -23.84 -24.10 -19.17
C ILE E 140 -24.89 -24.99 -19.83
N SER E 141 -24.61 -26.28 -19.89
CA SER E 141 -25.55 -27.22 -20.50
C SER E 141 -26.55 -27.74 -19.47
N MET E 142 -26.14 -27.76 -18.20
CA MET E 142 -26.99 -28.23 -17.11
C MET E 142 -26.44 -27.78 -15.77
N ALA E 143 -27.33 -27.44 -14.85
CA ALA E 143 -26.92 -27.04 -13.52
C ALA E 143 -27.44 -28.05 -12.50
N ILE E 144 -26.52 -28.63 -11.74
CA ILE E 144 -26.88 -29.65 -10.77
C ILE E 144 -26.68 -29.11 -9.35
N TYR E 145 -27.71 -29.26 -8.53
CA TYR E 145 -27.70 -28.80 -7.15
C TYR E 145 -27.71 -29.95 -6.16
N LEU E 146 -26.58 -30.21 -5.53
CA LEU E 146 -26.45 -31.26 -4.53
C LEU E 146 -26.62 -30.69 -3.14
N ALA E 147 -27.79 -30.92 -2.54
CA ALA E 147 -28.13 -30.35 -1.24
C ALA E 147 -27.79 -28.86 -1.22
N ALA E 148 -28.12 -28.20 -2.31
CA ALA E 148 -27.62 -26.85 -2.56
C ALA E 148 -28.72 -25.82 -2.62
N SER E 149 -28.36 -24.57 -2.39
CA SER E 149 -29.29 -23.46 -2.48
C SER E 149 -29.69 -23.23 -3.93
N MET E 150 -30.92 -23.62 -4.27
CA MET E 150 -31.45 -23.40 -5.61
C MET E 150 -32.58 -22.38 -5.62
N VAL E 151 -32.26 -21.14 -5.98
CA VAL E 151 -33.23 -20.06 -5.94
C VAL E 151 -33.45 -19.38 -7.29
N GLN E 152 -34.69 -19.31 -7.73
CA GLN E 152 -35.04 -18.67 -8.99
C GLN E 152 -34.67 -17.19 -8.93
N PRO E 153 -33.91 -16.71 -9.92
CA PRO E 153 -33.55 -15.29 -10.04
C PRO E 153 -34.79 -14.39 -10.03
N GLY E 154 -34.86 -13.48 -9.07
CA GLY E 154 -36.03 -12.65 -8.90
C GLY E 154 -36.73 -12.88 -7.57
N SER E 155 -36.24 -13.85 -6.81
CA SER E 155 -36.84 -14.20 -5.53
C SER E 155 -36.06 -13.64 -4.35
N ILE E 171 -22.14 -23.29 18.28
CA ILE E 171 -22.14 -24.06 17.03
C ILE E 171 -21.21 -23.50 15.95
N TRP E 172 -21.25 -22.19 15.73
CA TRP E 172 -20.35 -21.52 14.79
C TRP E 172 -19.36 -20.61 15.53
N GLU E 173 -18.13 -20.51 15.01
CA GLU E 173 -17.16 -19.53 15.46
C GLU E 173 -17.17 -18.38 14.47
N TYR E 174 -17.10 -17.14 14.96
CA TYR E 174 -17.04 -15.99 14.07
C TYR E 174 -15.74 -15.22 14.20
N THR E 175 -15.25 -14.70 13.09
CA THR E 175 -14.06 -13.85 13.08
C THR E 175 -14.42 -12.41 12.68
N TYR E 176 -13.96 -11.46 13.47
CA TYR E 176 -14.26 -10.05 13.22
C TYR E 176 -13.02 -9.27 12.81
N GLY E 177 -12.59 -9.46 11.57
CA GLY E 177 -11.38 -8.83 11.07
C GLY E 177 -11.47 -7.32 10.93
N GLU E 178 -12.66 -6.77 11.11
CA GLU E 178 -12.86 -5.33 11.09
C GLU E 178 -13.41 -4.85 12.42
N GLY E 179 -12.97 -5.48 13.50
CA GLY E 179 -13.44 -5.13 14.84
C GLY E 179 -14.79 -5.68 15.21
N THR E 180 -15.08 -5.66 16.51
CA THR E 180 -16.25 -6.33 17.05
C THR E 180 -17.57 -5.60 16.80
N ASP E 181 -17.49 -4.30 16.54
CA ASP E 181 -18.70 -3.51 16.29
C ASP E 181 -19.19 -3.64 14.84
N LYS E 182 -18.33 -4.18 13.99
CA LYS E 182 -18.70 -4.45 12.61
C LYS E 182 -19.25 -5.86 12.47
N PRO E 183 -20.02 -6.11 11.40
CA PRO E 183 -20.51 -7.48 11.15
C PRO E 183 -19.33 -8.42 10.88
N PRO E 184 -19.49 -9.71 11.22
CA PRO E 184 -18.39 -10.67 11.15
C PRO E 184 -17.85 -10.83 9.74
N THR E 185 -16.57 -11.17 9.64
CA THR E 185 -15.91 -11.32 8.34
C THR E 185 -15.67 -12.78 7.99
N GLY E 186 -15.65 -13.63 9.02
CA GLY E 186 -15.42 -15.04 8.83
C GLY E 186 -16.25 -15.93 9.73
N VAL E 187 -16.66 -17.09 9.21
CA VAL E 187 -17.39 -18.07 9.99
C VAL E 187 -16.82 -19.47 9.77
N LEU E 188 -16.72 -20.24 10.85
CA LEU E 188 -16.16 -21.58 10.79
C LEU E 188 -16.91 -22.44 11.79
N MET E 189 -17.31 -23.64 11.40
CA MET E 189 -17.99 -24.51 12.37
C MET E 189 -17.02 -24.97 13.43
N LYS E 190 -17.46 -24.99 14.68
CA LYS E 190 -16.60 -25.43 15.78
C LYS E 190 -16.22 -26.88 15.56
N PRO E 191 -14.96 -27.23 15.86
CA PRO E 191 -14.41 -28.56 15.61
C PRO E 191 -15.24 -29.72 16.17
N GLU E 192 -15.81 -29.57 17.36
CA GLU E 192 -16.56 -30.67 17.97
C GLU E 192 -17.89 -30.93 17.28
N PHE E 193 -18.27 -30.09 16.33
CA PHE E 193 -19.56 -30.28 15.66
C PHE E 193 -19.47 -30.71 14.21
N ILE E 194 -18.27 -30.70 13.62
CA ILE E 194 -18.14 -31.00 12.21
C ILE E 194 -18.53 -32.45 11.88
N ARG E 195 -18.22 -33.40 12.75
CA ARG E 195 -18.61 -34.78 12.47
C ARG E 195 -20.13 -34.96 12.37
N HIS E 196 -20.87 -34.48 13.36
CA HIS E 196 -22.32 -34.66 13.39
C HIS E 196 -23.08 -33.91 12.29
N TYR E 197 -22.70 -32.66 12.04
CA TYR E 197 -23.45 -31.81 11.11
C TYR E 197 -23.03 -31.98 9.64
N TYR E 198 -21.73 -32.09 9.41
CA TYR E 198 -21.21 -32.21 8.05
C TYR E 198 -21.07 -33.67 7.61
N TYR E 199 -20.52 -34.51 8.48
CA TYR E 199 -20.01 -35.82 8.09
C TYR E 199 -20.61 -36.99 8.87
N SER E 200 -21.89 -36.85 9.26
CA SER E 200 -22.54 -37.82 10.13
C SER E 200 -22.63 -39.24 9.55
N GLN E 201 -22.51 -39.36 8.24
CA GLN E 201 -22.57 -40.66 7.57
C GLN E 201 -21.26 -40.92 6.82
N SER E 202 -20.23 -40.15 7.14
CA SER E 202 -18.99 -40.20 6.38
C SER E 202 -17.91 -40.97 7.11
N PRO E 203 -16.96 -41.56 6.37
CA PRO E 203 -15.81 -42.27 6.93
C PRO E 203 -15.00 -41.38 7.86
N LEU E 204 -14.43 -41.94 8.93
CA LEU E 204 -13.66 -41.14 9.87
C LEU E 204 -12.46 -40.45 9.24
N GLU E 205 -11.84 -41.10 8.26
CA GLU E 205 -10.67 -40.52 7.62
C GLU E 205 -11.02 -39.23 6.89
N ASP E 206 -12.25 -39.15 6.36
CA ASP E 206 -12.70 -37.95 5.70
C ASP E 206 -12.88 -36.81 6.70
N VAL E 207 -13.20 -37.16 7.94
CA VAL E 207 -13.30 -36.17 9.00
C VAL E 207 -11.93 -35.59 9.37
N THR E 208 -10.94 -36.47 9.57
CA THR E 208 -9.59 -36.03 9.88
C THR E 208 -9.06 -35.14 8.77
N LEU E 209 -9.22 -35.61 7.54
CA LEU E 209 -8.83 -34.87 6.35
C LEU E 209 -9.45 -33.47 6.36
N SER E 210 -10.77 -33.41 6.52
CA SER E 210 -11.50 -32.16 6.55
C SER E 210 -11.03 -31.24 7.67
N SER E 211 -10.70 -31.83 8.82
CA SER E 211 -10.29 -31.05 9.98
C SER E 211 -9.01 -30.29 9.71
N LYS E 212 -8.25 -30.70 8.71
CA LYS E 212 -7.00 -30.02 8.37
C LYS E 212 -7.13 -29.11 7.15
N LEU E 213 -8.35 -28.99 6.62
CA LEU E 213 -8.55 -28.23 5.37
C LEU E 213 -9.69 -27.20 5.43
N LEU E 214 -10.60 -27.36 6.37
CA LEU E 214 -11.71 -26.44 6.49
C LEU E 214 -11.15 -25.08 6.86
N ARG E 215 -11.58 -24.06 6.12
CA ARG E 215 -11.12 -22.68 6.34
C ARG E 215 -12.33 -21.81 6.62
N PRO E 216 -12.13 -20.69 7.32
CA PRO E 216 -13.26 -19.78 7.61
C PRO E 216 -13.93 -19.31 6.32
N ALA E 217 -15.25 -19.19 6.36
CA ALA E 217 -16.00 -18.77 5.18
C ALA E 217 -16.28 -17.26 5.16
N PRO E 218 -16.22 -16.65 3.97
CA PRO E 218 -16.44 -15.22 3.77
C PRO E 218 -17.91 -14.81 3.87
N MET E 219 -18.38 -14.51 5.09
CA MET E 219 -19.77 -14.15 5.35
C MET E 219 -20.28 -13.02 4.47
N ARG E 220 -19.45 -11.99 4.33
CA ARG E 220 -19.82 -10.80 3.57
C ARG E 220 -20.16 -11.19 2.14
N ALA E 221 -19.43 -12.16 1.58
CA ALA E 221 -19.70 -12.60 0.23
C ALA E 221 -21.03 -13.30 0.13
N PHE E 222 -21.42 -13.98 1.21
CA PHE E 222 -22.63 -14.79 1.19
C PHE E 222 -23.90 -13.95 1.21
N GLN E 223 -23.80 -12.73 1.73
CA GLN E 223 -24.95 -11.85 1.84
C GLN E 223 -25.43 -11.37 0.47
N ASP E 224 -24.56 -11.44 -0.53
CA ASP E 224 -24.88 -10.97 -1.86
C ASP E 224 -25.36 -12.08 -2.80
N LEU E 225 -25.20 -13.33 -2.39
CA LEU E 225 -25.60 -14.46 -3.22
C LEU E 225 -27.10 -14.52 -3.48
N ASP E 226 -27.47 -14.84 -4.72
CA ASP E 226 -28.87 -15.02 -5.12
C ASP E 226 -29.75 -13.78 -4.92
N LYS E 227 -29.17 -12.61 -5.16
CA LYS E 227 -29.95 -11.38 -5.25
C LYS E 227 -29.95 -11.01 -6.73
N LEU E 228 -30.64 -11.81 -7.53
CA LEU E 228 -30.53 -11.71 -8.97
C LEU E 228 -31.84 -11.31 -9.65
N PRO E 229 -31.75 -10.47 -10.69
CA PRO E 229 -32.90 -10.10 -11.52
C PRO E 229 -33.34 -11.29 -12.37
N PRO E 230 -34.64 -11.42 -12.64
CA PRO E 230 -35.19 -12.53 -13.44
C PRO E 230 -34.43 -12.77 -14.75
N ASN E 231 -34.24 -14.02 -15.10
CA ASN E 231 -33.44 -14.38 -16.26
C ASN E 231 -34.11 -15.49 -17.08
N PRO E 232 -34.91 -15.10 -18.08
CA PRO E 232 -35.69 -16.01 -18.92
C PRO E 232 -34.81 -16.92 -19.75
N GLU E 233 -33.59 -16.47 -20.03
CA GLU E 233 -32.65 -17.27 -20.78
C GLU E 233 -32.10 -18.37 -19.89
N ALA E 234 -31.93 -18.06 -18.61
CA ALA E 234 -31.42 -19.01 -17.65
C ALA E 234 -32.45 -20.07 -17.29
N GLU E 235 -33.73 -19.72 -17.45
CA GLU E 235 -34.82 -20.64 -17.13
C GLU E 235 -34.86 -21.83 -18.10
N LYS E 236 -34.34 -21.63 -19.30
CA LYS E 236 -34.39 -22.65 -20.34
C LYS E 236 -33.40 -23.79 -20.08
N VAL E 237 -32.38 -23.50 -19.28
CA VAL E 237 -31.35 -24.50 -18.99
C VAL E 237 -31.88 -25.51 -18.00
N PRO E 238 -31.82 -26.81 -18.37
CA PRO E 238 -32.33 -27.86 -17.49
C PRO E 238 -31.56 -27.90 -16.18
N ARG E 239 -32.28 -27.92 -15.07
CA ARG E 239 -31.68 -28.01 -13.74
C ARG E 239 -31.98 -29.36 -13.13
N VAL E 240 -31.08 -29.83 -12.27
CA VAL E 240 -31.28 -31.05 -11.53
C VAL E 240 -31.02 -30.83 -10.05
N TYR E 241 -31.97 -31.22 -9.22
CA TYR E 241 -31.77 -31.17 -7.77
C TYR E 241 -31.50 -32.56 -7.24
N ILE E 242 -30.49 -32.68 -6.37
CA ILE E 242 -30.23 -33.93 -5.67
C ILE E 242 -30.41 -33.70 -4.17
N LYS E 243 -31.43 -34.35 -3.61
CA LYS E 243 -31.76 -34.18 -2.20
C LYS E 243 -31.03 -35.19 -1.32
N THR E 244 -30.53 -34.73 -0.18
CA THR E 244 -29.89 -35.59 0.82
C THR E 244 -30.86 -35.88 1.97
N ALA E 245 -31.07 -37.16 2.28
CA ALA E 245 -32.11 -37.59 3.21
C ALA E 245 -31.68 -37.62 4.69
N LYS E 246 -30.38 -37.84 4.94
CA LYS E 246 -29.87 -37.88 6.31
C LYS E 246 -28.96 -36.68 6.60
N ASP E 247 -29.37 -35.52 6.10
CA ASP E 247 -28.61 -34.28 6.21
C ASP E 247 -28.93 -33.57 7.53
N ASN E 248 -28.00 -33.61 8.46
CA ASN E 248 -28.18 -32.99 9.77
C ASN E 248 -28.04 -31.47 9.75
N LEU E 249 -27.74 -30.92 8.59
CA LEU E 249 -27.50 -29.50 8.47
C LEU E 249 -28.57 -28.85 7.59
N PHE E 250 -28.95 -29.55 6.53
CA PHE E 250 -29.96 -29.05 5.61
C PHE E 250 -31.18 -29.95 5.67
N ASP E 251 -32.16 -29.56 6.48
CA ASP E 251 -33.31 -30.40 6.79
C ASP E 251 -34.10 -30.77 5.55
N SER E 252 -34.63 -31.99 5.55
CA SER E 252 -35.33 -32.55 4.39
C SER E 252 -36.49 -31.71 3.85
N VAL E 253 -37.32 -31.20 4.74
CA VAL E 253 -38.49 -30.41 4.36
C VAL E 253 -38.07 -29.12 3.65
N ARG E 254 -37.02 -28.49 4.14
CA ARG E 254 -36.52 -27.26 3.53
C ARG E 254 -35.99 -27.52 2.13
N GLN E 255 -35.40 -28.70 1.93
CA GLN E 255 -34.93 -29.08 0.61
C GLN E 255 -36.14 -29.23 -0.32
N ASP E 256 -37.20 -29.86 0.19
CA ASP E 256 -38.42 -30.06 -0.58
C ASP E 256 -39.05 -28.73 -1.00
N LEU E 257 -38.97 -27.75 -0.12
CA LEU E 257 -39.59 -26.45 -0.33
C LEU E 257 -38.94 -25.69 -1.50
N LEU E 258 -37.61 -25.78 -1.60
CA LEU E 258 -36.87 -25.19 -2.70
C LEU E 258 -37.30 -25.79 -4.02
N VAL E 259 -37.46 -27.12 -4.01
CA VAL E 259 -37.86 -27.85 -5.19
C VAL E 259 -39.26 -27.42 -5.65
N GLU E 260 -40.17 -27.30 -4.70
CA GLU E 260 -41.53 -26.88 -4.98
C GLU E 260 -41.60 -25.46 -5.54
N ASN E 261 -40.81 -24.56 -4.97
CA ASN E 261 -40.80 -23.16 -5.41
C ASN E 261 -40.14 -22.93 -6.76
N TRP E 262 -39.28 -23.85 -7.19
CA TRP E 262 -38.61 -23.74 -8.49
C TRP E 262 -38.32 -25.14 -9.04
N PRO E 263 -39.35 -25.83 -9.55
CA PRO E 263 -39.25 -27.21 -10.02
C PRO E 263 -38.15 -27.43 -11.06
N PRO E 264 -37.23 -28.36 -10.77
CA PRO E 264 -36.12 -28.71 -11.66
C PRO E 264 -36.58 -29.66 -12.75
N SER E 265 -35.75 -29.85 -13.76
CA SER E 265 -36.05 -30.79 -14.83
C SER E 265 -36.14 -32.20 -14.29
N GLN E 266 -35.28 -32.51 -13.33
CA GLN E 266 -35.25 -33.81 -12.68
C GLN E 266 -35.08 -33.66 -11.18
N LEU E 267 -35.47 -34.70 -10.44
CA LEU E 267 -35.32 -34.70 -9.00
C LEU E 267 -34.80 -36.06 -8.52
N TYR E 268 -33.65 -36.04 -7.86
CA TYR E 268 -33.02 -37.24 -7.30
C TYR E 268 -32.96 -37.18 -5.78
N VAL E 269 -32.92 -38.36 -5.15
CA VAL E 269 -32.75 -38.45 -3.70
C VAL E 269 -31.72 -39.49 -3.29
N LEU E 270 -30.65 -39.04 -2.63
CA LEU E 270 -29.66 -39.92 -2.06
C LEU E 270 -30.15 -40.33 -0.67
N GLU E 271 -30.72 -41.51 -0.57
CA GLU E 271 -31.41 -41.95 0.64
C GLU E 271 -30.50 -42.05 1.88
N ASP E 272 -29.22 -42.28 1.64
CA ASP E 272 -28.30 -42.58 2.74
C ASP E 272 -27.20 -41.52 2.95
N SER E 273 -27.38 -40.37 2.30
CA SER E 273 -26.38 -39.30 2.35
C SER E 273 -26.56 -38.34 3.52
N ASP E 274 -25.45 -37.94 4.12
CA ASP E 274 -25.42 -36.80 5.03
C ASP E 274 -25.31 -35.52 4.21
N HIS E 275 -24.75 -34.48 4.81
CA HIS E 275 -24.53 -33.23 4.10
C HIS E 275 -23.44 -33.42 3.03
N SER E 276 -22.48 -34.27 3.31
CA SER E 276 -21.32 -34.44 2.44
C SER E 276 -21.40 -35.69 1.58
N ALA E 277 -22.32 -35.67 0.61
CA ALA E 277 -22.56 -36.81 -0.27
C ALA E 277 -21.28 -37.33 -0.91
N PHE E 278 -20.36 -36.42 -1.21
CA PHE E 278 -19.10 -36.73 -1.87
C PHE E 278 -18.15 -37.52 -0.98
N PHE E 279 -18.47 -37.61 0.30
CA PHE E 279 -17.68 -38.42 1.24
C PHE E 279 -18.43 -39.68 1.66
N SER E 280 -19.72 -39.52 1.94
CA SER E 280 -20.52 -40.60 2.53
C SER E 280 -21.02 -41.62 1.52
N VAL E 281 -21.52 -41.14 0.38
CA VAL E 281 -22.07 -42.00 -0.66
C VAL E 281 -21.58 -41.64 -2.06
N PRO E 282 -20.25 -41.64 -2.26
CA PRO E 282 -19.76 -41.15 -3.55
C PRO E 282 -20.30 -41.91 -4.76
N THR E 283 -20.28 -43.25 -4.68
CA THR E 283 -20.66 -44.13 -5.79
C THR E 283 -22.11 -43.98 -6.21
N THR E 284 -23.00 -43.80 -5.25
CA THR E 284 -24.41 -43.56 -5.57
C THR E 284 -24.56 -42.22 -6.25
N LEU E 285 -23.89 -41.21 -5.70
CA LEU E 285 -23.88 -39.87 -6.25
C LEU E 285 -23.28 -39.89 -7.65
N PHE E 286 -22.18 -40.61 -7.78
CA PHE E 286 -21.58 -40.83 -9.08
C PHE E 286 -22.65 -41.32 -10.07
N ALA E 287 -23.41 -42.32 -9.64
CA ALA E 287 -24.46 -42.91 -10.47
C ALA E 287 -25.57 -41.95 -10.88
N TYR E 288 -26.06 -41.15 -9.94
CA TYR E 288 -27.12 -40.19 -10.25
C TYR E 288 -26.64 -39.15 -11.25
N LEU E 289 -25.37 -38.78 -11.14
CA LEU E 289 -24.78 -37.85 -12.09
C LEU E 289 -24.82 -38.43 -13.49
N LEU E 290 -24.42 -39.69 -13.62
CA LEU E 290 -24.45 -40.37 -14.91
C LEU E 290 -25.87 -40.47 -15.44
N ARG E 291 -26.82 -40.69 -14.54
CA ARG E 291 -28.21 -40.81 -14.92
C ARG E 291 -28.68 -39.46 -15.49
N ALA E 292 -28.33 -38.37 -14.80
CA ALA E 292 -28.70 -37.03 -15.27
C ALA E 292 -28.02 -36.70 -16.59
N VAL E 293 -26.83 -37.23 -16.78
CA VAL E 293 -26.08 -37.07 -18.02
C VAL E 293 -26.75 -37.79 -19.20
N SER E 294 -27.34 -38.95 -18.93
CA SER E 294 -28.00 -39.73 -19.97
C SER E 294 -29.13 -38.94 -20.64
N PHE E 295 -29.66 -37.93 -19.96
CA PHE E 295 -30.72 -37.08 -20.55
C PHE E 295 -30.20 -36.07 -21.56
N LEU E 296 -29.19 -35.30 -21.17
CA LEU E 296 -28.58 -34.28 -22.03
C LEU E 296 -27.24 -33.82 -21.49
N VAL F 46 -0.02 -40.61 28.25
CA VAL F 46 -0.47 -40.70 26.86
C VAL F 46 0.62 -40.22 25.90
N ILE F 47 0.88 -41.02 24.88
CA ILE F 47 1.94 -40.73 23.92
C ILE F 47 1.50 -39.85 22.75
N HIS F 48 2.27 -38.79 22.49
CA HIS F 48 1.88 -37.75 21.54
C HIS F 48 2.79 -37.71 20.32
N PHE F 49 2.20 -37.93 19.14
CA PHE F 49 2.93 -37.83 17.89
C PHE F 49 2.79 -36.46 17.24
N VAL F 50 3.89 -35.95 16.67
CA VAL F 50 3.86 -34.73 15.89
C VAL F 50 4.40 -35.01 14.48
N PHE F 51 3.57 -34.81 13.47
CA PHE F 51 3.92 -35.19 12.10
C PHE F 51 4.39 -34.01 11.24
N VAL F 52 5.55 -34.17 10.62
CA VAL F 52 6.07 -33.14 9.74
C VAL F 52 6.15 -33.62 8.30
N HIS F 53 5.24 -33.13 7.46
CA HIS F 53 5.18 -33.51 6.05
C HIS F 53 6.40 -32.99 5.29
N GLY F 54 6.52 -33.39 4.03
CA GLY F 54 7.63 -32.96 3.19
C GLY F 54 7.27 -31.85 2.22
N ALA F 55 8.13 -31.63 1.24
CA ALA F 55 7.96 -30.55 0.28
C ALA F 55 6.63 -30.62 -0.47
N SER F 56 5.98 -29.47 -0.60
CA SER F 56 4.75 -29.30 -1.37
C SER F 56 3.49 -29.89 -0.74
N HIS F 57 3.66 -30.73 0.29
CA HIS F 57 2.51 -31.38 0.91
C HIS F 57 2.03 -30.61 2.12
N GLY F 58 1.09 -31.18 2.86
CA GLY F 58 0.61 -30.55 4.07
C GLY F 58 0.17 -31.55 5.12
N ALA F 59 -0.43 -31.05 6.19
CA ALA F 59 -0.92 -31.89 7.28
C ALA F 59 -1.93 -32.89 6.73
N TRP F 60 -2.60 -32.51 5.66
CA TRP F 60 -3.64 -33.33 5.05
C TRP F 60 -3.15 -34.69 4.58
N CYS F 61 -1.84 -34.81 4.33
CA CYS F 61 -1.31 -36.05 3.76
C CYS F 61 -1.27 -37.17 4.80
N TRP F 62 -1.37 -36.81 6.07
CA TRP F 62 -1.30 -37.80 7.13
C TRP F 62 -2.68 -38.27 7.59
N TYR F 63 -3.72 -37.99 6.79
CA TYR F 63 -5.09 -38.18 7.26
C TYR F 63 -5.50 -39.61 7.59
N LYS F 64 -4.97 -40.56 6.83
CA LYS F 64 -5.23 -41.97 7.10
C LYS F 64 -4.47 -42.47 8.32
N LEU F 65 -3.21 -42.07 8.44
CA LEU F 65 -2.35 -42.56 9.50
C LEU F 65 -2.82 -42.12 10.89
N THR F 66 -3.13 -40.83 11.04
CA THR F 66 -3.54 -40.32 12.34
C THR F 66 -4.93 -40.80 12.75
N THR F 67 -5.79 -41.07 11.76
CA THR F 67 -7.12 -41.58 12.04
C THR F 67 -7.03 -42.93 12.72
N LEU F 68 -6.12 -43.76 12.23
CA LEU F 68 -5.83 -45.06 12.82
C LEU F 68 -5.19 -44.92 14.20
N LEU F 69 -4.15 -44.08 14.31
CA LEU F 69 -3.48 -43.85 15.59
C LEU F 69 -4.45 -43.33 16.67
N ASP F 70 -5.47 -42.60 16.23
CA ASP F 70 -6.51 -42.12 17.14
C ASP F 70 -7.20 -43.31 17.80
N ALA F 71 -7.61 -44.27 16.98
CA ALA F 71 -8.28 -45.48 17.46
C ALA F 71 -7.38 -46.33 18.38
N ALA F 72 -6.07 -46.19 18.23
CA ALA F 72 -5.14 -46.93 19.09
C ALA F 72 -4.81 -46.18 20.37
N GLY F 73 -5.46 -45.04 20.58
CA GLY F 73 -5.29 -44.28 21.80
C GLY F 73 -4.07 -43.38 21.88
N PHE F 74 -3.58 -42.95 20.73
CA PHE F 74 -2.46 -42.00 20.69
C PHE F 74 -2.99 -40.63 20.33
N LYS F 75 -2.31 -39.59 20.77
CA LYS F 75 -2.64 -38.25 20.30
C LYS F 75 -1.69 -37.89 19.18
N SER F 76 -2.23 -37.37 18.09
CA SER F 76 -1.41 -36.95 16.98
C SER F 76 -1.71 -35.53 16.58
N THR F 77 -0.66 -34.81 16.22
CA THR F 77 -0.79 -33.46 15.69
C THR F 77 -0.09 -33.41 14.35
N SER F 78 -0.82 -32.95 13.32
CA SER F 78 -0.26 -32.80 11.99
C SER F 78 -0.09 -31.31 11.71
N VAL F 79 1.13 -30.88 11.41
CA VAL F 79 1.38 -29.47 11.18
C VAL F 79 1.37 -29.07 9.71
N ASP F 80 1.00 -27.81 9.46
CA ASP F 80 1.24 -27.17 8.17
C ASP F 80 2.45 -26.29 8.32
N LEU F 81 3.57 -26.66 7.71
CA LEU F 81 4.70 -25.77 7.67
C LEU F 81 4.35 -24.56 6.82
N THR F 82 5.06 -23.45 7.03
CA THR F 82 4.72 -22.20 6.39
C THR F 82 4.75 -22.31 4.86
N GLY F 83 3.63 -21.97 4.23
CA GLY F 83 3.49 -22.05 2.79
C GLY F 83 2.90 -23.37 2.34
N ALA F 84 2.57 -24.23 3.30
CA ALA F 84 2.03 -25.55 3.02
C ALA F 84 0.65 -25.76 3.60
N GLY F 85 -0.09 -26.72 3.07
CA GLY F 85 -1.43 -27.02 3.53
C GLY F 85 -2.35 -25.85 3.28
N ILE F 86 -2.98 -25.35 4.33
CA ILE F 86 -3.83 -24.16 4.21
C ILE F 86 -3.20 -22.95 4.87
N SER F 87 -1.86 -22.91 4.84
CA SER F 87 -1.11 -21.74 5.28
C SER F 87 -1.39 -20.55 4.37
N LEU F 88 -1.66 -19.40 4.96
CA LEU F 88 -2.02 -18.20 4.23
C LEU F 88 -0.82 -17.53 3.56
N ILE F 89 0.37 -17.99 3.93
CA ILE F 89 1.60 -17.41 3.41
C ILE F 89 2.07 -18.07 2.11
N ASP F 90 2.41 -17.25 1.11
CA ASP F 90 2.93 -17.74 -0.16
C ASP F 90 4.32 -18.32 0.11
N SER F 91 4.53 -19.57 -0.31
CA SER F 91 5.81 -20.24 -0.06
C SER F 91 7.00 -19.58 -0.76
N ASN F 92 6.71 -18.80 -1.80
CA ASN F 92 7.75 -18.09 -2.55
C ASN F 92 8.44 -16.95 -1.78
N ILE F 93 7.88 -16.55 -0.64
CA ILE F 93 8.52 -15.52 0.17
C ILE F 93 9.06 -16.09 1.46
N VAL F 94 9.10 -17.42 1.53
CA VAL F 94 9.69 -18.10 2.65
C VAL F 94 11.13 -18.43 2.29
N PHE F 95 12.05 -17.57 2.76
CA PHE F 95 13.46 -17.68 2.39
C PHE F 95 14.29 -18.27 3.53
N ASP F 96 13.62 -18.58 4.63
CA ASP F 96 14.32 -18.93 5.85
C ASP F 96 13.90 -20.30 6.37
N SER F 97 14.88 -21.05 6.85
CA SER F 97 14.60 -22.33 7.47
C SER F 97 13.74 -22.11 8.71
N ASP F 98 14.11 -21.11 9.50
CA ASP F 98 13.38 -20.81 10.74
C ASP F 98 11.96 -20.29 10.51
N GLN F 99 11.73 -19.69 9.35
CA GLN F 99 10.39 -19.21 9.00
C GLN F 99 9.51 -20.37 8.55
N TYR F 100 10.08 -21.24 7.73
CA TYR F 100 9.37 -22.42 7.25
C TYR F 100 8.97 -23.28 8.45
N ASN F 101 9.85 -23.36 9.44
CA ASN F 101 9.66 -24.23 10.60
C ASN F 101 8.85 -23.61 11.74
N ARG F 102 8.48 -22.35 11.60
CA ARG F 102 7.74 -21.65 12.66
C ARG F 102 6.58 -22.44 13.25
N PRO F 103 5.66 -22.98 12.41
CA PRO F 103 4.55 -23.73 12.99
C PRO F 103 5.00 -24.89 13.86
N LEU F 104 6.09 -25.56 13.48
CA LEU F 104 6.60 -26.68 14.26
C LEU F 104 7.31 -26.24 15.55
N PHE F 105 8.18 -25.25 15.44
CA PHE F 105 8.92 -24.77 16.60
C PHE F 105 7.99 -24.14 17.63
N SER F 106 7.04 -23.36 17.14
CA SER F 106 6.03 -22.71 17.98
C SER F 106 5.24 -23.76 18.75
N LEU F 107 4.91 -24.86 18.09
CA LEU F 107 4.15 -25.92 18.74
C LEU F 107 4.92 -26.59 19.87
N LEU F 108 6.21 -26.81 19.65
CA LEU F 108 7.05 -27.44 20.66
C LEU F 108 7.30 -26.50 21.83
N SER F 109 7.35 -25.20 21.54
CA SER F 109 7.52 -24.21 22.60
C SER F 109 6.34 -24.22 23.56
N ASP F 110 5.14 -24.31 23.01
CA ASP F 110 3.92 -24.22 23.80
C ASP F 110 3.63 -25.51 24.60
N LEU F 111 4.51 -26.50 24.47
CA LEU F 111 4.37 -27.73 25.24
C LEU F 111 4.71 -27.49 26.70
N PRO F 112 3.85 -27.98 27.62
CA PRO F 112 4.07 -27.95 29.06
C PRO F 112 5.47 -28.46 29.46
N PRO F 113 5.99 -27.98 30.59
CA PRO F 113 7.37 -28.25 31.03
C PRO F 113 7.73 -29.74 31.09
N HIS F 114 6.76 -30.61 31.29
CA HIS F 114 7.04 -32.03 31.48
C HIS F 114 6.66 -32.91 30.29
N HIS F 115 5.80 -32.39 29.40
CA HIS F 115 5.32 -33.16 28.25
C HIS F 115 6.40 -33.41 27.20
N LYS F 116 6.49 -34.64 26.71
CA LYS F 116 7.38 -34.95 25.60
C LYS F 116 6.59 -35.47 24.40
N VAL F 117 7.17 -35.36 23.21
CA VAL F 117 6.53 -35.82 21.99
C VAL F 117 7.45 -36.64 21.10
N ILE F 118 6.87 -37.41 20.19
CA ILE F 118 7.60 -38.17 19.19
C ILE F 118 7.48 -37.55 17.80
N LEU F 119 8.59 -37.11 17.23
CA LEU F 119 8.61 -36.47 15.92
C LEU F 119 8.65 -37.49 14.79
N VAL F 120 7.77 -37.32 13.81
CA VAL F 120 7.76 -38.15 12.62
C VAL F 120 7.80 -37.24 11.41
N GLY F 121 8.87 -37.35 10.63
CA GLY F 121 9.04 -36.52 9.44
C GLY F 121 9.07 -37.31 8.15
N HIS F 122 8.54 -36.72 7.09
CA HIS F 122 8.58 -37.36 5.78
C HIS F 122 9.44 -36.53 4.83
N SER F 123 10.30 -37.21 4.07
CA SER F 123 11.10 -36.59 3.02
C SER F 123 11.98 -35.44 3.55
N ILE F 124 11.90 -34.30 2.88
CA ILE F 124 12.66 -33.11 3.29
C ILE F 124 12.28 -32.66 4.71
N GLY F 125 11.12 -33.11 5.19
CA GLY F 125 10.67 -32.80 6.53
C GLY F 125 11.64 -33.28 7.60
N GLY F 126 12.44 -34.29 7.26
CA GLY F 126 13.47 -34.79 8.15
C GLY F 126 14.42 -33.69 8.58
N GLY F 127 14.66 -32.76 7.68
CA GLY F 127 15.51 -31.62 7.98
C GLY F 127 14.93 -30.77 9.09
N SER F 128 13.62 -30.56 9.04
CA SER F 128 12.93 -29.83 10.09
C SER F 128 12.98 -30.61 11.41
N VAL F 129 12.83 -31.93 11.32
CA VAL F 129 12.87 -32.79 12.50
C VAL F 129 14.22 -32.77 13.20
N THR F 130 15.28 -32.93 12.41
CA THR F 130 16.63 -32.94 12.95
C THR F 130 16.95 -31.59 13.60
N GLU F 131 16.50 -30.52 12.96
CA GLU F 131 16.68 -29.17 13.49
C GLU F 131 15.92 -28.99 14.80
N ALA F 132 14.68 -29.49 14.82
CA ALA F 132 13.84 -29.43 16.01
C ALA F 132 14.46 -30.27 17.13
N LEU F 133 15.24 -31.27 16.74
CA LEU F 133 15.92 -32.10 17.69
C LEU F 133 17.03 -31.32 18.39
N CYS F 134 17.58 -30.30 17.71
CA CYS F 134 18.67 -29.52 18.27
C CYS F 134 18.24 -28.29 19.08
N LYS F 135 17.07 -27.72 18.77
CA LYS F 135 16.59 -26.53 19.48
C LYS F 135 15.61 -26.86 20.62
N PHE F 136 15.09 -28.08 20.62
CA PHE F 136 14.10 -28.48 21.61
C PHE F 136 14.40 -29.88 22.15
N THR F 137 15.68 -30.15 22.35
CA THR F 137 16.16 -31.46 22.80
C THR F 137 15.40 -32.05 24.00
N ASP F 138 15.10 -31.19 24.96
CA ASP F 138 14.44 -31.60 26.22
C ASP F 138 13.01 -32.09 26.04
N LYS F 139 12.38 -31.74 24.92
CA LYS F 139 10.97 -32.05 24.71
C LYS F 139 10.71 -33.18 23.70
N ILE F 140 11.78 -33.80 23.22
CA ILE F 140 11.65 -34.88 22.22
C ILE F 140 12.07 -36.22 22.80
N SER F 141 11.13 -37.16 22.84
CA SER F 141 11.41 -38.50 23.36
C SER F 141 11.97 -39.43 22.29
N MET F 142 11.65 -39.14 21.02
CA MET F 142 12.10 -39.97 19.91
C MET F 142 11.96 -39.24 18.57
N ALA F 143 12.92 -39.46 17.67
CA ALA F 143 12.86 -38.90 16.32
C ALA F 143 12.78 -40.00 15.27
N ILE F 144 11.73 -39.94 14.44
CA ILE F 144 11.52 -40.93 13.39
C ILE F 144 11.63 -40.31 12.00
N TYR F 145 12.43 -40.93 11.14
CA TYR F 145 12.62 -40.44 9.77
C TYR F 145 12.04 -41.41 8.75
N LEU F 146 10.92 -41.02 8.14
CA LEU F 146 10.28 -41.85 7.13
C LEU F 146 10.76 -41.36 5.78
N ALA F 147 11.63 -42.14 5.14
CA ALA F 147 12.23 -41.77 3.86
C ALA F 147 12.74 -40.33 3.89
N ALA F 148 13.38 -39.95 4.98
CA ALA F 148 13.69 -38.55 5.26
C ALA F 148 15.18 -38.23 5.32
N SER F 149 15.50 -36.95 5.12
CA SER F 149 16.88 -36.50 5.24
C SER F 149 17.36 -36.52 6.68
N MET F 150 18.15 -37.52 7.02
CA MET F 150 18.74 -37.64 8.35
C MET F 150 20.27 -37.49 8.33
N VAL F 151 20.74 -36.28 8.64
CA VAL F 151 22.15 -35.93 8.58
C VAL F 151 22.66 -35.49 9.96
N GLN F 152 23.75 -36.09 10.43
CA GLN F 152 24.30 -35.75 11.74
C GLN F 152 24.74 -34.28 11.82
N PRO F 153 24.30 -33.59 12.87
CA PRO F 153 24.69 -32.19 13.15
C PRO F 153 26.20 -32.02 13.20
N GLY F 154 26.72 -31.17 12.31
CA GLY F 154 28.15 -30.97 12.16
C GLY F 154 28.62 -31.36 10.77
N SER F 155 27.71 -31.92 9.97
CA SER F 155 28.02 -32.36 8.61
C SER F 155 27.45 -31.39 7.57
N ILE F 171 10.53 -32.00 -15.74
CA ILE F 171 10.15 -32.72 -14.52
C ILE F 171 9.66 -31.84 -13.35
N TRP F 172 10.38 -30.76 -13.06
CA TRP F 172 9.94 -29.81 -12.06
C TRP F 172 9.53 -28.49 -12.70
N GLU F 173 8.52 -27.84 -12.14
CA GLU F 173 8.16 -26.48 -12.50
C GLU F 173 8.82 -25.56 -11.50
N TYR F 174 9.40 -24.46 -11.97
CA TYR F 174 10.02 -23.52 -11.06
C TYR F 174 9.30 -22.18 -11.07
N THR F 175 9.23 -21.55 -9.91
CA THR F 175 8.66 -20.22 -9.81
C THR F 175 9.79 -19.26 -9.45
N TYR F 176 9.85 -18.15 -10.18
CA TYR F 176 10.90 -17.15 -9.99
C TYR F 176 10.31 -15.89 -9.40
N GLY F 177 10.04 -15.92 -8.10
CA GLY F 177 9.39 -14.81 -7.42
C GLY F 177 10.20 -13.52 -7.43
N GLU F 178 11.45 -13.60 -7.87
CA GLU F 178 12.27 -12.41 -8.04
C GLU F 178 12.80 -12.30 -9.48
N GLY F 179 12.04 -12.80 -10.45
CA GLY F 179 12.48 -12.79 -11.83
C GLY F 179 13.48 -13.90 -12.16
N THR F 180 13.70 -14.15 -13.45
CA THR F 180 14.50 -15.30 -13.88
C THR F 180 16.02 -15.17 -13.75
N ASP F 181 16.56 -13.96 -13.60
CA ASP F 181 18.00 -13.82 -13.43
C ASP F 181 18.40 -14.04 -11.97
N LYS F 182 17.41 -14.03 -11.08
CA LYS F 182 17.61 -14.48 -9.72
C LYS F 182 17.24 -15.98 -9.66
N PRO F 183 17.81 -16.72 -8.70
CA PRO F 183 17.44 -18.12 -8.52
C PRO F 183 15.97 -18.29 -8.12
N PRO F 184 15.39 -19.46 -8.44
CA PRO F 184 13.96 -19.73 -8.20
C PRO F 184 13.61 -19.71 -6.72
N THR F 185 12.36 -19.37 -6.42
CA THR F 185 11.89 -19.26 -5.04
C THR F 185 10.95 -20.39 -4.65
N GLY F 186 10.39 -21.06 -5.66
CA GLY F 186 9.47 -22.15 -5.43
C GLY F 186 9.67 -23.29 -6.42
N VAL F 187 9.44 -24.52 -5.96
CA VAL F 187 9.49 -25.67 -6.86
C VAL F 187 8.26 -26.58 -6.66
N LEU F 188 7.72 -27.09 -7.76
CA LEU F 188 6.54 -27.93 -7.69
C LEU F 188 6.63 -28.98 -8.79
N MET F 189 6.36 -30.23 -8.46
CA MET F 189 6.42 -31.28 -9.47
C MET F 189 5.31 -31.10 -10.49
N LYS F 190 5.64 -31.30 -11.76
CA LYS F 190 4.67 -31.16 -12.83
C LYS F 190 3.60 -32.22 -12.64
N PRO F 191 2.33 -31.86 -12.90
CA PRO F 191 1.17 -32.72 -12.67
C PRO F 191 1.28 -34.11 -13.33
N GLU F 192 1.84 -34.18 -14.52
CA GLU F 192 1.93 -35.46 -15.24
C GLU F 192 2.94 -36.41 -14.62
N PHE F 193 3.70 -35.94 -13.65
CA PHE F 193 4.73 -36.77 -13.04
C PHE F 193 4.47 -37.13 -11.57
N ILE F 194 3.46 -36.53 -10.94
CA ILE F 194 3.24 -36.79 -9.51
C ILE F 194 2.83 -38.23 -9.24
N ARG F 195 2.01 -38.81 -10.11
CA ARG F 195 1.58 -40.19 -9.90
C ARG F 195 2.75 -41.16 -9.86
N HIS F 196 3.63 -41.09 -10.87
CA HIS F 196 4.76 -42.00 -10.89
C HIS F 196 5.76 -41.76 -9.76
N TYR F 197 6.07 -40.50 -9.50
CA TYR F 197 7.14 -40.18 -8.56
C TYR F 197 6.68 -40.16 -7.11
N TYR F 198 5.50 -39.61 -6.86
CA TYR F 198 4.99 -39.52 -5.49
C TYR F 198 4.12 -40.71 -5.08
N TYR F 199 3.21 -41.10 -5.96
CA TYR F 199 2.10 -41.94 -5.56
C TYR F 199 2.00 -43.24 -6.35
N SER F 200 3.16 -43.77 -6.74
CA SER F 200 3.23 -44.94 -7.60
C SER F 200 2.58 -46.17 -6.96
N GLN F 201 2.48 -46.17 -5.63
CA GLN F 201 1.90 -47.31 -4.93
C GLN F 201 0.64 -46.89 -4.15
N SER F 202 0.10 -45.71 -4.49
CA SER F 202 -1.02 -45.12 -3.76
C SER F 202 -2.33 -45.23 -4.56
N PRO F 203 -3.49 -45.19 -3.86
CA PRO F 203 -4.80 -45.20 -4.52
C PRO F 203 -4.96 -44.03 -5.49
N LEU F 204 -5.66 -44.22 -6.60
CA LEU F 204 -5.84 -43.16 -7.58
C LEU F 204 -6.53 -41.91 -7.01
N GLU F 205 -7.46 -42.12 -6.07
CA GLU F 205 -8.19 -41.00 -5.50
C GLU F 205 -7.27 -40.09 -4.69
N ASP F 206 -6.24 -40.65 -4.09
CA ASP F 206 -5.27 -39.84 -3.36
C ASP F 206 -4.47 -38.96 -4.29
N VAL F 207 -4.33 -39.39 -5.55
CA VAL F 207 -3.67 -38.54 -6.53
C VAL F 207 -4.54 -37.33 -6.85
N THR F 208 -5.83 -37.56 -7.05
CA THR F 208 -6.75 -36.46 -7.30
C THR F 208 -6.71 -35.47 -6.14
N LEU F 209 -6.82 -36.00 -4.93
CA LEU F 209 -6.73 -35.20 -3.72
C LEU F 209 -5.47 -34.34 -3.71
N SER F 210 -4.32 -34.99 -3.91
CA SER F 210 -3.05 -34.28 -3.92
C SER F 210 -2.98 -33.23 -5.01
N SER F 211 -3.56 -33.54 -6.17
CA SER F 211 -3.50 -32.61 -7.30
C SER F 211 -4.20 -31.29 -7.00
N LYS F 212 -5.08 -31.30 -5.99
CA LYS F 212 -5.78 -30.09 -5.60
C LYS F 212 -5.22 -29.44 -4.35
N LEU F 213 -4.14 -30.00 -3.81
CA LEU F 213 -3.59 -29.49 -2.55
C LEU F 213 -2.09 -29.20 -2.57
N LEU F 214 -1.37 -29.77 -3.54
CA LEU F 214 0.07 -29.55 -3.63
C LEU F 214 0.35 -28.08 -3.93
N ARG F 215 1.27 -27.51 -3.16
CA ARG F 215 1.67 -26.11 -3.30
C ARG F 215 3.18 -26.06 -3.56
N PRO F 216 3.66 -24.99 -4.23
CA PRO F 216 5.11 -24.90 -4.46
C PRO F 216 5.90 -24.93 -3.16
N ALA F 217 7.06 -25.55 -3.18
CA ALA F 217 7.91 -25.65 -1.99
C ALA F 217 8.96 -24.56 -1.99
N PRO F 218 9.26 -24.01 -0.82
CA PRO F 218 10.23 -22.92 -0.67
C PRO F 218 11.69 -23.36 -0.85
N MET F 219 12.20 -23.34 -2.07
CA MET F 219 13.59 -23.71 -2.34
C MET F 219 14.58 -22.93 -1.47
N ARG F 220 14.38 -21.63 -1.37
CA ARG F 220 15.31 -20.75 -0.65
C ARG F 220 15.47 -21.23 0.80
N ALA F 221 14.37 -21.70 1.37
CA ALA F 221 14.39 -22.18 2.75
C ALA F 221 15.20 -23.46 2.91
N PHE F 222 15.25 -24.29 1.87
CA PHE F 222 15.91 -25.59 1.94
C PHE F 222 17.45 -25.53 1.93
N GLN F 223 18.01 -24.43 1.46
CA GLN F 223 19.47 -24.29 1.40
C GLN F 223 20.07 -24.16 2.80
N ASP F 224 19.25 -23.79 3.78
CA ASP F 224 19.70 -23.60 5.15
C ASP F 224 19.45 -24.80 6.05
N LEU F 225 18.66 -25.76 5.56
CA LEU F 225 18.36 -26.97 6.32
C LEU F 225 19.59 -27.84 6.51
N ASP F 226 19.72 -28.39 7.72
CA ASP F 226 20.80 -29.32 8.04
C ASP F 226 22.21 -28.75 7.94
N LYS F 227 22.36 -27.47 8.25
CA LYS F 227 23.66 -26.86 8.45
C LYS F 227 23.82 -26.57 9.93
N LEU F 228 23.97 -27.63 10.72
CA LEU F 228 23.92 -27.50 12.17
C LEU F 228 25.24 -27.87 12.81
N PRO F 229 25.64 -27.10 13.84
CA PRO F 229 26.84 -27.40 14.62
C PRO F 229 26.63 -28.64 15.47
N PRO F 230 27.71 -29.41 15.73
CA PRO F 230 27.64 -30.65 16.50
C PRO F 230 26.86 -30.49 17.79
N ASN F 231 26.04 -31.48 18.12
CA ASN F 231 25.16 -31.38 19.27
C ASN F 231 25.15 -32.68 20.06
N PRO F 232 26.03 -32.77 21.08
CA PRO F 232 26.19 -33.98 21.88
C PRO F 232 24.93 -34.28 22.70
N GLU F 233 24.14 -33.25 22.95
CA GLU F 233 22.90 -33.41 23.70
C GLU F 233 21.86 -34.10 22.84
N ALA F 234 21.87 -33.78 21.55
CA ALA F 234 20.93 -34.36 20.59
C ALA F 234 21.26 -35.81 20.23
N GLU F 235 22.53 -36.18 20.39
CA GLU F 235 22.97 -37.54 20.07
C GLU F 235 22.36 -38.59 20.99
N LYS F 236 21.97 -38.17 22.19
CA LYS F 236 21.45 -39.10 23.18
C LYS F 236 20.03 -39.57 22.86
N VAL F 237 19.33 -38.80 22.03
CA VAL F 237 17.94 -39.12 21.68
C VAL F 237 17.84 -40.28 20.71
N PRO F 238 17.07 -41.32 21.08
CA PRO F 238 16.93 -42.50 20.23
C PRO F 238 16.26 -42.14 18.92
N ARG F 239 16.86 -42.55 17.81
CA ARG F 239 16.30 -42.27 16.50
C ARG F 239 15.82 -43.56 15.84
N VAL F 240 14.82 -43.44 14.98
CA VAL F 240 14.32 -44.56 14.21
C VAL F 240 14.23 -44.17 12.75
N TYR F 241 14.82 -44.99 11.88
CA TYR F 241 14.65 -44.76 10.45
C TYR F 241 13.70 -45.79 9.86
N ILE F 242 12.74 -45.32 9.09
CA ILE F 242 11.84 -46.21 8.39
C ILE F 242 12.07 -46.01 6.90
N LYS F 243 12.58 -47.06 6.26
CA LYS F 243 12.94 -47.00 4.84
C LYS F 243 11.78 -47.38 3.92
N THR F 244 11.62 -46.62 2.84
CA THR F 244 10.62 -46.92 1.83
C THR F 244 11.33 -47.63 0.70
N ALA F 245 10.86 -48.83 0.36
CA ALA F 245 11.60 -49.72 -0.51
C ALA F 245 11.35 -49.49 -2.00
N LYS F 246 10.17 -48.98 -2.35
CA LYS F 246 9.83 -48.77 -3.74
C LYS F 246 9.70 -47.27 -4.08
N ASP F 247 10.62 -46.48 -3.57
CA ASP F 247 10.59 -45.02 -3.71
C ASP F 247 11.20 -44.58 -5.03
N ASN F 248 10.36 -44.09 -5.94
CA ASN F 248 10.83 -43.62 -7.24
C ASN F 248 11.50 -42.24 -7.18
N LEU F 249 11.50 -41.62 -6.00
CA LEU F 249 12.05 -40.28 -5.88
C LEU F 249 13.25 -40.27 -4.96
N PHE F 250 13.16 -40.99 -3.84
CA PHE F 250 14.26 -41.06 -2.90
C PHE F 250 14.77 -42.50 -2.88
N ASP F 251 15.75 -42.77 -3.74
CA ASP F 251 16.19 -44.14 -4.01
C ASP F 251 16.75 -44.83 -2.77
N SER F 252 16.59 -46.16 -2.73
CA SER F 252 17.00 -46.99 -1.60
C SER F 252 18.46 -46.79 -1.22
N VAL F 253 19.31 -46.67 -2.21
CA VAL F 253 20.75 -46.54 -1.99
C VAL F 253 21.08 -45.29 -1.16
N ARG F 254 20.43 -44.18 -1.47
CA ARG F 254 20.68 -42.96 -0.69
C ARG F 254 20.17 -43.12 0.75
N GLN F 255 19.05 -43.81 0.90
CA GLN F 255 18.50 -44.07 2.22
C GLN F 255 19.47 -44.92 3.01
N ASP F 256 20.05 -45.92 2.34
CA ASP F 256 21.02 -46.80 2.95
C ASP F 256 22.22 -46.01 3.48
N LEU F 257 22.62 -44.97 2.73
CA LEU F 257 23.77 -44.17 3.09
C LEU F 257 23.56 -43.35 4.36
N LEU F 258 22.35 -42.81 4.50
CA LEU F 258 21.99 -42.04 5.67
C LEU F 258 22.10 -42.91 6.90
N VAL F 259 21.64 -44.16 6.78
CA VAL F 259 21.70 -45.11 7.88
C VAL F 259 23.14 -45.41 8.25
N GLU F 260 23.98 -45.62 7.23
CA GLU F 260 25.39 -45.92 7.42
C GLU F 260 26.20 -44.77 8.05
N ASN F 261 25.98 -43.53 7.60
CA ASN F 261 26.72 -42.37 8.14
C ASN F 261 26.30 -41.91 9.53
N TRP F 262 25.10 -42.28 9.95
CA TRP F 262 24.61 -41.91 11.27
C TRP F 262 23.67 -42.98 11.79
N PRO F 263 24.24 -44.10 12.24
CA PRO F 263 23.52 -45.31 12.65
C PRO F 263 22.40 -45.01 13.63
N PRO F 264 21.16 -45.39 13.27
CA PRO F 264 20.01 -45.15 14.14
C PRO F 264 19.92 -46.20 15.23
N SER F 265 19.13 -45.94 16.26
CA SER F 265 18.89 -46.94 17.31
C SER F 265 18.15 -48.14 16.71
N GLN F 266 17.24 -47.84 15.78
CA GLN F 266 16.43 -48.83 15.05
C GLN F 266 16.34 -48.56 13.55
N LEU F 267 16.03 -49.61 12.80
CA LEU F 267 15.83 -49.50 11.37
C LEU F 267 14.66 -50.38 10.89
N TYR F 268 13.67 -49.76 10.25
CA TYR F 268 12.55 -50.50 9.68
C TYR F 268 12.52 -50.37 8.15
N VAL F 269 11.93 -51.35 7.47
CA VAL F 269 11.79 -51.29 6.01
C VAL F 269 10.37 -51.62 5.57
N LEU F 270 9.73 -50.63 4.93
CA LEU F 270 8.40 -50.82 4.35
C LEU F 270 8.56 -51.40 2.96
N GLU F 271 8.37 -52.71 2.85
CA GLU F 271 8.67 -53.43 1.62
C GLU F 271 7.83 -52.99 0.41
N ASP F 272 6.65 -52.44 0.66
CA ASP F 272 5.74 -52.14 -0.45
C ASP F 272 5.43 -50.66 -0.63
N SER F 273 6.16 -49.80 0.07
CA SER F 273 5.88 -48.37 0.04
C SER F 273 6.56 -47.62 -1.09
N ASP F 274 5.83 -46.69 -1.70
CA ASP F 274 6.44 -45.69 -2.57
C ASP F 274 6.98 -44.56 -1.71
N HIS F 275 7.03 -43.35 -2.25
CA HIS F 275 7.49 -42.20 -1.49
C HIS F 275 6.49 -41.86 -0.38
N SER F 276 5.22 -42.10 -0.66
CA SER F 276 4.12 -41.70 0.23
C SER F 276 3.56 -42.84 1.09
N ALA F 277 4.37 -43.28 2.05
CA ALA F 277 4.01 -44.35 2.97
C ALA F 277 2.65 -44.14 3.64
N PHE F 278 2.30 -42.89 3.91
CA PHE F 278 1.04 -42.54 4.55
C PHE F 278 -0.18 -42.74 3.65
N PHE F 279 0.08 -42.91 2.36
CA PHE F 279 -0.99 -43.17 1.39
C PHE F 279 -0.97 -44.61 0.96
N SER F 280 0.23 -45.13 0.73
CA SER F 280 0.41 -46.45 0.14
C SER F 280 0.37 -47.61 1.14
N VAL F 281 1.01 -47.44 2.29
CA VAL F 281 1.07 -48.49 3.31
C VAL F 281 0.75 -48.00 4.75
N PRO F 282 -0.41 -47.33 4.92
CA PRO F 282 -0.68 -46.66 6.21
C PRO F 282 -0.69 -47.62 7.41
N THR F 283 -1.36 -48.75 7.27
CA THR F 283 -1.49 -49.69 8.37
C THR F 283 -0.14 -50.28 8.78
N THR F 284 0.69 -50.60 7.80
CA THR F 284 2.01 -51.14 8.06
C THR F 284 2.89 -50.09 8.71
N LEU F 285 2.81 -48.85 8.21
CA LEU F 285 3.54 -47.75 8.82
C LEU F 285 3.05 -47.57 10.26
N PHE F 286 1.74 -47.59 10.44
CA PHE F 286 1.12 -47.56 11.75
C PHE F 286 1.72 -48.64 12.66
N ALA F 287 1.78 -49.87 12.14
CA ALA F 287 2.31 -51.00 12.89
C ALA F 287 3.76 -50.80 13.30
N TYR F 288 4.57 -50.35 12.35
CA TYR F 288 5.99 -50.15 12.61
C TYR F 288 6.16 -49.07 13.68
N LEU F 289 5.31 -48.04 13.60
CA LEU F 289 5.28 -46.97 14.58
C LEU F 289 4.94 -47.51 15.97
N LEU F 290 3.96 -48.41 16.03
CA LEU F 290 3.59 -49.05 17.29
C LEU F 290 4.77 -49.85 17.82
N ARG F 291 5.49 -50.50 16.92
CA ARG F 291 6.65 -51.27 17.34
C ARG F 291 7.73 -50.36 17.88
N ALA F 292 7.93 -49.22 17.22
CA ALA F 292 8.93 -48.24 17.66
C ALA F 292 8.58 -47.66 19.03
N VAL F 293 7.28 -47.55 19.29
CA VAL F 293 6.80 -47.09 20.60
C VAL F 293 7.09 -48.10 21.72
N SER F 294 7.04 -49.39 21.38
CA SER F 294 7.26 -50.49 22.35
C SER F 294 8.57 -50.36 23.10
N PHE F 295 9.50 -49.60 22.54
CA PHE F 295 10.81 -49.38 23.16
C PHE F 295 10.69 -48.41 24.32
N LEU F 296 10.72 -47.11 24.02
CA LEU F 296 10.55 -46.08 25.04
C LEU F 296 9.96 -44.79 24.47
#